data_3BDQ
# 
_entry.id   3BDQ 
# 
_audit_conform.dict_name       mmcif_pdbx.dic 
_audit_conform.dict_version    5.387 
_audit_conform.dict_location   http://mmcif.pdb.org/dictionaries/ascii/mmcif_pdbx.dic 
# 
loop_
_database_2.database_id 
_database_2.database_code 
_database_2.pdbx_database_accession 
_database_2.pdbx_DOI 
PDB   3BDQ         pdb_00003bdq 10.2210/pdb3bdq/pdb 
RCSB  RCSB045391   ?            ?                   
WWPDB D_1000045391 ?            ?                   
# 
loop_
_pdbx_audit_revision_history.ordinal 
_pdbx_audit_revision_history.data_content_type 
_pdbx_audit_revision_history.major_revision 
_pdbx_audit_revision_history.minor_revision 
_pdbx_audit_revision_history.revision_date 
1 'Structure model' 1 0 2008-01-01 
2 'Structure model' 1 1 2011-07-13 
3 'Structure model' 1 2 2024-02-21 
# 
_pdbx_audit_revision_details.ordinal             1 
_pdbx_audit_revision_details.revision_ordinal    1 
_pdbx_audit_revision_details.data_content_type   'Structure model' 
_pdbx_audit_revision_details.provider            repository 
_pdbx_audit_revision_details.type                'Initial release' 
_pdbx_audit_revision_details.description         ? 
_pdbx_audit_revision_details.details             ? 
# 
loop_
_pdbx_audit_revision_group.ordinal 
_pdbx_audit_revision_group.revision_ordinal 
_pdbx_audit_revision_group.data_content_type 
_pdbx_audit_revision_group.group 
1 2 'Structure model' 'Version format compliance' 
2 3 'Structure model' 'Data collection'           
3 3 'Structure model' 'Database references'       
4 3 'Structure model' 'Derived calculations'      
# 
loop_
_pdbx_audit_revision_category.ordinal 
_pdbx_audit_revision_category.revision_ordinal 
_pdbx_audit_revision_category.data_content_type 
_pdbx_audit_revision_category.category 
1 3 'Structure model' chem_comp_atom     
2 3 'Structure model' chem_comp_bond     
3 3 'Structure model' database_2         
4 3 'Structure model' struct_ref_seq_dif 
5 3 'Structure model' struct_site        
# 
loop_
_pdbx_audit_revision_item.ordinal 
_pdbx_audit_revision_item.revision_ordinal 
_pdbx_audit_revision_item.data_content_type 
_pdbx_audit_revision_item.item 
1 3 'Structure model' '_database_2.pdbx_DOI'                
2 3 'Structure model' '_database_2.pdbx_database_accession' 
3 3 'Structure model' '_struct_ref_seq_dif.details'         
4 3 'Structure model' '_struct_site.pdbx_auth_asym_id'      
5 3 'Structure model' '_struct_site.pdbx_auth_comp_id'      
6 3 'Structure model' '_struct_site.pdbx_auth_seq_id'       
# 
_pdbx_database_status.entry_id                        3BDQ 
_pdbx_database_status.deposit_site                    RCSB 
_pdbx_database_status.process_site                    RCSB 
_pdbx_database_status.recvd_initial_deposition_date   2007-11-15 
_pdbx_database_status.status_code                     REL 
_pdbx_database_status.status_code_sf                  REL 
_pdbx_database_status.status_code_mr                  ? 
_pdbx_database_status.SG_entry                        ? 
_pdbx_database_status.pdb_format_compatible           Y 
_pdbx_database_status.status_code_cs                  ? 
_pdbx_database_status.status_code_nmr_data            ? 
_pdbx_database_status.methods_development_category    ? 
# 
_pdbx_database_related.db_name        PDB 
_pdbx_database_related.db_id          2QZT 
_pdbx_database_related.details        'Same protein, data collected at -180' 
_pdbx_database_related.content_type   unspecified 
# 
loop_
_audit_author.name 
_audit_author.pdbx_ordinal 
'Dyer, D.H.'   1 
'Lan, Q.'      2 
'Forest, K.T.' 3 
# 
_citation.id                        primary 
_citation.title                     
'Three-dimensional structure/function analysis of SCP-2-like2 reveals differences among SCP-2 family members.' 
_citation.journal_abbrev            'J.Lipid Res.' 
_citation.journal_volume            49 
_citation.page_first                644 
_citation.page_last                 653 
_citation.year                      2008 
_citation.journal_id_ASTM           JLPRAW 
_citation.country                   US 
_citation.journal_id_ISSN           0022-2275 
_citation.journal_id_CSD            0484 
_citation.book_publisher            ? 
_citation.pdbx_database_id_PubMed   18084051 
_citation.pdbx_database_id_DOI      10.1194/jlr.M700460-JLR200 
# 
loop_
_citation_author.citation_id 
_citation_author.name 
_citation_author.ordinal 
_citation_author.identifier_ORCID 
primary 'Dyer, D.H.'   1 ? 
primary 'Wessely, V.'  2 ? 
primary 'Forest, K.T.' 3 ? 
primary 'Lan, Q.'      4 ? 
# 
loop_
_entity.id 
_entity.type 
_entity.src_method 
_entity.pdbx_description 
_entity.formula_weight 
_entity.pdbx_number_of_molecules 
_entity.pdbx_ec 
_entity.pdbx_mutation 
_entity.pdbx_fragment 
_entity.details 
1 polymer     man 'Sterol carrier protein 2-like 2' 11623.474 2  ? ? ? ? 
2 non-polymer syn 'PALMITIC ACID'                   256.424   3  ? ? ? ? 
3 water       nat water                             18.015    68 ? ? ? ? 
# 
_entity_poly.entity_id                      1 
_entity_poly.type                           'polypeptide(L)' 
_entity_poly.nstd_linkage                   no 
_entity_poly.nstd_monomer                   no 
_entity_poly.pdbx_seq_one_letter_code       
;SPGIRMSVETIIERIKARVGAVDPNGPRKVLGVFQLNIKTASGVEQWIVDLKQLKVDQGVFASPDVTVTVGLEDMLAISG
KTLTVGDALKQGKIELSGDADLAAKLAEVI
;
_entity_poly.pdbx_seq_one_letter_code_can   
;SPGIRMSVETIIERIKARVGAVDPNGPRKVLGVFQLNIKTASGVEQWIVDLKQLKVDQGVFASPDVTVTVGLEDMLAISG
KTLTVGDALKQGKIELSGDADLAAKLAEVI
;
_entity_poly.pdbx_strand_id                 A,B 
_entity_poly.pdbx_target_identifier         ? 
# 
loop_
_pdbx_entity_nonpoly.entity_id 
_pdbx_entity_nonpoly.name 
_pdbx_entity_nonpoly.comp_id 
2 'PALMITIC ACID' PLM 
3 water           HOH 
# 
loop_
_entity_poly_seq.entity_id 
_entity_poly_seq.num 
_entity_poly_seq.mon_id 
_entity_poly_seq.hetero 
1 1   SER n 
1 2   PRO n 
1 3   GLY n 
1 4   ILE n 
1 5   ARG n 
1 6   MET n 
1 7   SER n 
1 8   VAL n 
1 9   GLU n 
1 10  THR n 
1 11  ILE n 
1 12  ILE n 
1 13  GLU n 
1 14  ARG n 
1 15  ILE n 
1 16  LYS n 
1 17  ALA n 
1 18  ARG n 
1 19  VAL n 
1 20  GLY n 
1 21  ALA n 
1 22  VAL n 
1 23  ASP n 
1 24  PRO n 
1 25  ASN n 
1 26  GLY n 
1 27  PRO n 
1 28  ARG n 
1 29  LYS n 
1 30  VAL n 
1 31  LEU n 
1 32  GLY n 
1 33  VAL n 
1 34  PHE n 
1 35  GLN n 
1 36  LEU n 
1 37  ASN n 
1 38  ILE n 
1 39  LYS n 
1 40  THR n 
1 41  ALA n 
1 42  SER n 
1 43  GLY n 
1 44  VAL n 
1 45  GLU n 
1 46  GLN n 
1 47  TRP n 
1 48  ILE n 
1 49  VAL n 
1 50  ASP n 
1 51  LEU n 
1 52  LYS n 
1 53  GLN n 
1 54  LEU n 
1 55  LYS n 
1 56  VAL n 
1 57  ASP n 
1 58  GLN n 
1 59  GLY n 
1 60  VAL n 
1 61  PHE n 
1 62  ALA n 
1 63  SER n 
1 64  PRO n 
1 65  ASP n 
1 66  VAL n 
1 67  THR n 
1 68  VAL n 
1 69  THR n 
1 70  VAL n 
1 71  GLY n 
1 72  LEU n 
1 73  GLU n 
1 74  ASP n 
1 75  MET n 
1 76  LEU n 
1 77  ALA n 
1 78  ILE n 
1 79  SER n 
1 80  GLY n 
1 81  LYS n 
1 82  THR n 
1 83  LEU n 
1 84  THR n 
1 85  VAL n 
1 86  GLY n 
1 87  ASP n 
1 88  ALA n 
1 89  LEU n 
1 90  LYS n 
1 91  GLN n 
1 92  GLY n 
1 93  LYS n 
1 94  ILE n 
1 95  GLU n 
1 96  LEU n 
1 97  SER n 
1 98  GLY n 
1 99  ASP n 
1 100 ALA n 
1 101 ASP n 
1 102 LEU n 
1 103 ALA n 
1 104 ALA n 
1 105 LYS n 
1 106 LEU n 
1 107 ALA n 
1 108 GLU n 
1 109 VAL n 
1 110 ILE n 
# 
_entity_src_gen.entity_id                          1 
_entity_src_gen.pdbx_src_id                        1 
_entity_src_gen.pdbx_alt_source_flag               sample 
_entity_src_gen.pdbx_seq_type                      ? 
_entity_src_gen.pdbx_beg_seq_num                   ? 
_entity_src_gen.pdbx_end_seq_num                   ? 
_entity_src_gen.gene_src_common_name               'yellow fever mosquito' 
_entity_src_gen.gene_src_genus                     Aedes 
_entity_src_gen.pdbx_gene_src_gene                 ? 
_entity_src_gen.gene_src_species                   ? 
_entity_src_gen.gene_src_strain                    ? 
_entity_src_gen.gene_src_tissue                    ? 
_entity_src_gen.gene_src_tissue_fraction           ? 
_entity_src_gen.gene_src_details                   ? 
_entity_src_gen.pdbx_gene_src_fragment             ? 
_entity_src_gen.pdbx_gene_src_scientific_name      'Aedes aegypti' 
_entity_src_gen.pdbx_gene_src_ncbi_taxonomy_id     7159 
_entity_src_gen.pdbx_gene_src_variant              ? 
_entity_src_gen.pdbx_gene_src_cell_line            ? 
_entity_src_gen.pdbx_gene_src_atcc                 ? 
_entity_src_gen.pdbx_gene_src_organ                ? 
_entity_src_gen.pdbx_gene_src_organelle            ? 
_entity_src_gen.pdbx_gene_src_cell                 ? 
_entity_src_gen.pdbx_gene_src_cellular_location    ? 
_entity_src_gen.host_org_common_name               ? 
_entity_src_gen.pdbx_host_org_scientific_name      'Escherichia coli BL21' 
_entity_src_gen.pdbx_host_org_ncbi_taxonomy_id     511693 
_entity_src_gen.host_org_genus                     Escherichia 
_entity_src_gen.pdbx_host_org_gene                 ? 
_entity_src_gen.pdbx_host_org_organ                ? 
_entity_src_gen.host_org_species                   'Escherichia coli' 
_entity_src_gen.pdbx_host_org_tissue               ? 
_entity_src_gen.pdbx_host_org_tissue_fraction      ? 
_entity_src_gen.pdbx_host_org_strain               BL21 
_entity_src_gen.pdbx_host_org_variant              ? 
_entity_src_gen.pdbx_host_org_cell_line            ? 
_entity_src_gen.pdbx_host_org_atcc                 ? 
_entity_src_gen.pdbx_host_org_culture_collection   ? 
_entity_src_gen.pdbx_host_org_cell                 ? 
_entity_src_gen.pdbx_host_org_organelle            ? 
_entity_src_gen.pdbx_host_org_cellular_location    ? 
_entity_src_gen.pdbx_host_org_vector_type          plasmid 
_entity_src_gen.pdbx_host_org_vector               ? 
_entity_src_gen.host_org_details                   ? 
_entity_src_gen.expression_system_id               ? 
_entity_src_gen.plasmid_name                       pGEX 
_entity_src_gen.plasmid_details                    ? 
_entity_src_gen.pdbx_description                   ? 
# 
loop_
_chem_comp.id 
_chem_comp.type 
_chem_comp.mon_nstd_flag 
_chem_comp.name 
_chem_comp.pdbx_synonyms 
_chem_comp.formula 
_chem_comp.formula_weight 
ALA 'L-peptide linking' y ALANINE         ? 'C3 H7 N O2'     89.093  
ARG 'L-peptide linking' y ARGININE        ? 'C6 H15 N4 O2 1' 175.209 
ASN 'L-peptide linking' y ASPARAGINE      ? 'C4 H8 N2 O3'    132.118 
ASP 'L-peptide linking' y 'ASPARTIC ACID' ? 'C4 H7 N O4'     133.103 
GLN 'L-peptide linking' y GLUTAMINE       ? 'C5 H10 N2 O3'   146.144 
GLU 'L-peptide linking' y 'GLUTAMIC ACID' ? 'C5 H9 N O4'     147.129 
GLY 'peptide linking'   y GLYCINE         ? 'C2 H5 N O2'     75.067  
HOH non-polymer         . WATER           ? 'H2 O'           18.015  
ILE 'L-peptide linking' y ISOLEUCINE      ? 'C6 H13 N O2'    131.173 
LEU 'L-peptide linking' y LEUCINE         ? 'C6 H13 N O2'    131.173 
LYS 'L-peptide linking' y LYSINE          ? 'C6 H15 N2 O2 1' 147.195 
MET 'L-peptide linking' y METHIONINE      ? 'C5 H11 N O2 S'  149.211 
PHE 'L-peptide linking' y PHENYLALANINE   ? 'C9 H11 N O2'    165.189 
PLM non-polymer         . 'PALMITIC ACID' ? 'C16 H32 O2'     256.424 
PRO 'L-peptide linking' y PROLINE         ? 'C5 H9 N O2'     115.130 
SER 'L-peptide linking' y SERINE          ? 'C3 H7 N O3'     105.093 
THR 'L-peptide linking' y THREONINE       ? 'C4 H9 N O3'     119.119 
TRP 'L-peptide linking' y TRYPTOPHAN      ? 'C11 H12 N2 O2'  204.225 
VAL 'L-peptide linking' y VALINE          ? 'C5 H11 N O2'    117.146 
# 
loop_
_pdbx_poly_seq_scheme.asym_id 
_pdbx_poly_seq_scheme.entity_id 
_pdbx_poly_seq_scheme.seq_id 
_pdbx_poly_seq_scheme.mon_id 
_pdbx_poly_seq_scheme.ndb_seq_num 
_pdbx_poly_seq_scheme.pdb_seq_num 
_pdbx_poly_seq_scheme.auth_seq_num 
_pdbx_poly_seq_scheme.pdb_mon_id 
_pdbx_poly_seq_scheme.auth_mon_id 
_pdbx_poly_seq_scheme.pdb_strand_id 
_pdbx_poly_seq_scheme.pdb_ins_code 
_pdbx_poly_seq_scheme.hetero 
A 1 1   SER 1   -4  ?   ?   ?   A . n 
A 1 2   PRO 2   -3  ?   ?   ?   A . n 
A 1 3   GLY 3   -2  -2  GLY GLY A . n 
A 1 4   ILE 4   -1  -1  ILE ILE A . n 
A 1 5   ARG 5   0   0   ARG ARG A . n 
A 1 6   MET 6   1   1   MET MET A . n 
A 1 7   SER 7   2   2   SER SER A . n 
A 1 8   VAL 8   3   3   VAL VAL A . n 
A 1 9   GLU 9   4   4   GLU GLU A . n 
A 1 10  THR 10  5   5   THR THR A . n 
A 1 11  ILE 11  6   6   ILE ILE A . n 
A 1 12  ILE 12  7   7   ILE ILE A . n 
A 1 13  GLU 13  8   8   GLU GLU A . n 
A 1 14  ARG 14  9   9   ARG ARG A . n 
A 1 15  ILE 15  10  10  ILE ILE A . n 
A 1 16  LYS 16  11  11  LYS LYS A . n 
A 1 17  ALA 17  12  12  ALA ALA A . n 
A 1 18  ARG 18  13  13  ARG ARG A . n 
A 1 19  VAL 19  14  14  VAL VAL A . n 
A 1 20  GLY 20  15  15  GLY GLY A . n 
A 1 21  ALA 21  16  16  ALA ALA A . n 
A 1 22  VAL 22  17  17  VAL VAL A . n 
A 1 23  ASP 23  18  18  ASP ASP A . n 
A 1 24  PRO 24  19  19  PRO PRO A . n 
A 1 25  ASN 25  20  20  ASN ASN A . n 
A 1 26  GLY 26  21  21  GLY GLY A . n 
A 1 27  PRO 27  22  22  PRO PRO A . n 
A 1 28  ARG 28  23  23  ARG ARG A . n 
A 1 29  LYS 29  24  24  LYS LYS A . n 
A 1 30  VAL 30  25  25  VAL VAL A . n 
A 1 31  LEU 31  26  26  LEU LEU A . n 
A 1 32  GLY 32  27  27  GLY GLY A . n 
A 1 33  VAL 33  28  28  VAL VAL A . n 
A 1 34  PHE 34  29  29  PHE PHE A . n 
A 1 35  GLN 35  30  30  GLN GLN A . n 
A 1 36  LEU 36  31  31  LEU LEU A . n 
A 1 37  ASN 37  32  32  ASN ASN A . n 
A 1 38  ILE 38  33  33  ILE ILE A . n 
A 1 39  LYS 39  34  34  LYS LYS A . n 
A 1 40  THR 40  35  35  THR THR A . n 
A 1 41  ALA 41  36  36  ALA ALA A . n 
A 1 42  SER 42  37  37  SER SER A . n 
A 1 43  GLY 43  38  38  GLY GLY A . n 
A 1 44  VAL 44  39  39  VAL VAL A . n 
A 1 45  GLU 45  40  40  GLU GLU A . n 
A 1 46  GLN 46  41  41  GLN GLN A . n 
A 1 47  TRP 47  42  42  TRP TRP A . n 
A 1 48  ILE 48  43  43  ILE ILE A . n 
A 1 49  VAL 49  44  44  VAL VAL A . n 
A 1 50  ASP 50  45  45  ASP ASP A . n 
A 1 51  LEU 51  46  46  LEU LEU A . n 
A 1 52  LYS 52  47  47  LYS LYS A . n 
A 1 53  GLN 53  48  48  GLN GLN A . n 
A 1 54  LEU 54  49  49  LEU LEU A . n 
A 1 55  LYS 55  50  50  LYS LYS A . n 
A 1 56  VAL 56  51  51  VAL VAL A . n 
A 1 57  ASP 57  52  52  ASP ASP A . n 
A 1 58  GLN 58  53  53  GLN GLN A . n 
A 1 59  GLY 59  54  54  GLY GLY A . n 
A 1 60  VAL 60  55  55  VAL VAL A . n 
A 1 61  PHE 61  56  56  PHE PHE A . n 
A 1 62  ALA 62  57  57  ALA ALA A . n 
A 1 63  SER 63  58  58  SER SER A . n 
A 1 64  PRO 64  59  59  PRO PRO A . n 
A 1 65  ASP 65  60  60  ASP ASP A . n 
A 1 66  VAL 66  61  61  VAL VAL A . n 
A 1 67  THR 67  62  62  THR THR A . n 
A 1 68  VAL 68  63  63  VAL VAL A . n 
A 1 69  THR 69  64  64  THR THR A . n 
A 1 70  VAL 70  65  65  VAL VAL A . n 
A 1 71  GLY 71  66  66  GLY GLY A . n 
A 1 72  LEU 72  67  67  LEU LEU A . n 
A 1 73  GLU 73  68  68  GLU GLU A . n 
A 1 74  ASP 74  69  69  ASP ASP A . n 
A 1 75  MET 75  70  70  MET MET A . n 
A 1 76  LEU 76  71  71  LEU LEU A . n 
A 1 77  ALA 77  72  72  ALA ALA A . n 
A 1 78  ILE 78  73  73  ILE ILE A . n 
A 1 79  SER 79  74  74  SER SER A . n 
A 1 80  GLY 80  75  75  GLY GLY A . n 
A 1 81  LYS 81  76  76  LYS LYS A . n 
A 1 82  THR 82  77  77  THR THR A . n 
A 1 83  LEU 83  78  78  LEU LEU A . n 
A 1 84  THR 84  79  79  THR THR A . n 
A 1 85  VAL 85  80  80  VAL VAL A . n 
A 1 86  GLY 86  81  81  GLY GLY A . n 
A 1 87  ASP 87  82  82  ASP ASP A . n 
A 1 88  ALA 88  83  83  ALA ALA A . n 
A 1 89  LEU 89  84  84  LEU LEU A . n 
A 1 90  LYS 90  85  85  LYS LYS A . n 
A 1 91  GLN 91  86  86  GLN GLN A . n 
A 1 92  GLY 92  87  87  GLY GLY A . n 
A 1 93  LYS 93  88  88  LYS LYS A . n 
A 1 94  ILE 94  89  89  ILE ILE A . n 
A 1 95  GLU 95  90  90  GLU GLU A . n 
A 1 96  LEU 96  91  91  LEU LEU A . n 
A 1 97  SER 97  92  92  SER SER A . n 
A 1 98  GLY 98  93  93  GLY GLY A . n 
A 1 99  ASP 99  94  94  ASP ASP A . n 
A 1 100 ALA 100 95  95  ALA ALA A . n 
A 1 101 ASP 101 96  96  ASP ASP A . n 
A 1 102 LEU 102 97  97  LEU LEU A . n 
A 1 103 ALA 103 98  98  ALA ALA A . n 
A 1 104 ALA 104 99  99  ALA ALA A . n 
A 1 105 LYS 105 100 100 LYS LYS A . n 
A 1 106 LEU 106 101 101 LEU LEU A . n 
A 1 107 ALA 107 102 102 ALA ALA A . n 
A 1 108 GLU 108 103 103 GLU GLU A . n 
A 1 109 VAL 109 104 104 VAL VAL A . n 
A 1 110 ILE 110 105 105 ILE ILE A . n 
B 1 1   SER 1   -4  -4  SER SER B . n 
B 1 2   PRO 2   -3  -3  PRO PRO B . n 
B 1 3   GLY 3   -2  -2  GLY GLY B . n 
B 1 4   ILE 4   -1  -1  ILE ILE B . n 
B 1 5   ARG 5   0   0   ARG ARG B . n 
B 1 6   MET 6   1   1   MET MET B . n 
B 1 7   SER 7   2   2   SER SER B . n 
B 1 8   VAL 8   3   3   VAL VAL B . n 
B 1 9   GLU 9   4   4   GLU GLU B . n 
B 1 10  THR 10  5   5   THR THR B . n 
B 1 11  ILE 11  6   6   ILE ILE B . n 
B 1 12  ILE 12  7   7   ILE ILE B . n 
B 1 13  GLU 13  8   8   GLU GLU B . n 
B 1 14  ARG 14  9   9   ARG ARG B . n 
B 1 15  ILE 15  10  10  ILE ILE B . n 
B 1 16  LYS 16  11  11  LYS LYS B . n 
B 1 17  ALA 17  12  12  ALA ALA B . n 
B 1 18  ARG 18  13  13  ARG ARG B . n 
B 1 19  VAL 19  14  14  VAL VAL B . n 
B 1 20  GLY 20  15  15  GLY GLY B . n 
B 1 21  ALA 21  16  16  ALA ALA B . n 
B 1 22  VAL 22  17  17  VAL VAL B . n 
B 1 23  ASP 23  18  18  ASP ASP B . n 
B 1 24  PRO 24  19  19  PRO PRO B . n 
B 1 25  ASN 25  20  20  ASN ASN B . n 
B 1 26  GLY 26  21  21  GLY GLY B . n 
B 1 27  PRO 27  22  22  PRO PRO B . n 
B 1 28  ARG 28  23  23  ARG ARG B . n 
B 1 29  LYS 29  24  24  LYS LYS B . n 
B 1 30  VAL 30  25  25  VAL VAL B . n 
B 1 31  LEU 31  26  26  LEU LEU B . n 
B 1 32  GLY 32  27  27  GLY GLY B . n 
B 1 33  VAL 33  28  28  VAL VAL B . n 
B 1 34  PHE 34  29  29  PHE PHE B . n 
B 1 35  GLN 35  30  30  GLN GLN B . n 
B 1 36  LEU 36  31  31  LEU LEU B . n 
B 1 37  ASN 37  32  32  ASN ASN B . n 
B 1 38  ILE 38  33  33  ILE ILE B . n 
B 1 39  LYS 39  34  34  LYS LYS B . n 
B 1 40  THR 40  35  35  THR THR B . n 
B 1 41  ALA 41  36  36  ALA ALA B . n 
B 1 42  SER 42  37  37  SER SER B . n 
B 1 43  GLY 43  38  38  GLY GLY B . n 
B 1 44  VAL 44  39  39  VAL VAL B . n 
B 1 45  GLU 45  40  40  GLU GLU B . n 
B 1 46  GLN 46  41  41  GLN GLN B . n 
B 1 47  TRP 47  42  42  TRP TRP B . n 
B 1 48  ILE 48  43  43  ILE ILE B . n 
B 1 49  VAL 49  44  44  VAL VAL B . n 
B 1 50  ASP 50  45  45  ASP ASP B . n 
B 1 51  LEU 51  46  46  LEU LEU B . n 
B 1 52  LYS 52  47  47  LYS LYS B . n 
B 1 53  GLN 53  48  48  GLN GLN B . n 
B 1 54  LEU 54  49  49  LEU LEU B . n 
B 1 55  LYS 55  50  50  LYS LYS B . n 
B 1 56  VAL 56  51  51  VAL VAL B . n 
B 1 57  ASP 57  52  52  ASP ASP B . n 
B 1 58  GLN 58  53  53  GLN GLN B . n 
B 1 59  GLY 59  54  54  GLY GLY B . n 
B 1 60  VAL 60  55  55  VAL VAL B . n 
B 1 61  PHE 61  56  56  PHE PHE B . n 
B 1 62  ALA 62  57  57  ALA ALA B . n 
B 1 63  SER 63  58  58  SER SER B . n 
B 1 64  PRO 64  59  59  PRO PRO B . n 
B 1 65  ASP 65  60  60  ASP ASP B . n 
B 1 66  VAL 66  61  61  VAL VAL B . n 
B 1 67  THR 67  62  62  THR THR B . n 
B 1 68  VAL 68  63  63  VAL VAL B . n 
B 1 69  THR 69  64  64  THR THR B . n 
B 1 70  VAL 70  65  65  VAL VAL B . n 
B 1 71  GLY 71  66  66  GLY GLY B . n 
B 1 72  LEU 72  67  67  LEU LEU B . n 
B 1 73  GLU 73  68  68  GLU GLU B . n 
B 1 74  ASP 74  69  69  ASP ASP B . n 
B 1 75  MET 75  70  70  MET MET B . n 
B 1 76  LEU 76  71  71  LEU LEU B . n 
B 1 77  ALA 77  72  72  ALA ALA B . n 
B 1 78  ILE 78  73  73  ILE ILE B . n 
B 1 79  SER 79  74  74  SER SER B . n 
B 1 80  GLY 80  75  75  GLY GLY B . n 
B 1 81  LYS 81  76  76  LYS LYS B . n 
B 1 82  THR 82  77  77  THR THR B . n 
B 1 83  LEU 83  78  78  LEU LEU B . n 
B 1 84  THR 84  79  79  THR THR B . n 
B 1 85  VAL 85  80  80  VAL VAL B . n 
B 1 86  GLY 86  81  81  GLY GLY B . n 
B 1 87  ASP 87  82  82  ASP ASP B . n 
B 1 88  ALA 88  83  83  ALA ALA B . n 
B 1 89  LEU 89  84  84  LEU LEU B . n 
B 1 90  LYS 90  85  85  LYS LYS B . n 
B 1 91  GLN 91  86  86  GLN GLN B . n 
B 1 92  GLY 92  87  87  GLY GLY B . n 
B 1 93  LYS 93  88  88  LYS LYS B . n 
B 1 94  ILE 94  89  89  ILE ILE B . n 
B 1 95  GLU 95  90  90  GLU GLU B . n 
B 1 96  LEU 96  91  91  LEU LEU B . n 
B 1 97  SER 97  92  92  SER SER B . n 
B 1 98  GLY 98  93  93  GLY GLY B . n 
B 1 99  ASP 99  94  94  ASP ASP B . n 
B 1 100 ALA 100 95  95  ALA ALA B . n 
B 1 101 ASP 101 96  96  ASP ASP B . n 
B 1 102 LEU 102 97  97  LEU LEU B . n 
B 1 103 ALA 103 98  98  ALA ALA B . n 
B 1 104 ALA 104 99  99  ALA ALA B . n 
B 1 105 LYS 105 100 100 LYS LYS B . n 
B 1 106 LEU 106 101 101 LEU LEU B . n 
B 1 107 ALA 107 102 102 ALA ALA B . n 
B 1 108 GLU 108 103 103 GLU GLU B . n 
B 1 109 VAL 109 104 104 VAL VAL B . n 
B 1 110 ILE 110 105 105 ILE ILE B . n 
# 
loop_
_pdbx_nonpoly_scheme.asym_id 
_pdbx_nonpoly_scheme.entity_id 
_pdbx_nonpoly_scheme.mon_id 
_pdbx_nonpoly_scheme.ndb_seq_num 
_pdbx_nonpoly_scheme.pdb_seq_num 
_pdbx_nonpoly_scheme.auth_seq_num 
_pdbx_nonpoly_scheme.pdb_mon_id 
_pdbx_nonpoly_scheme.auth_mon_id 
_pdbx_nonpoly_scheme.pdb_strand_id 
_pdbx_nonpoly_scheme.pdb_ins_code 
C 2 PLM 1  300 300 PLM PLM A . 
D 2 PLM 1  302 302 PLM PLM A . 
E 2 PLM 1  301 301 PLM PLM B . 
F 3 HOH 1  303 2   HOH HOH A . 
F 3 HOH 2  304 3   HOH HOH A . 
F 3 HOH 3  305 5   HOH HOH A . 
F 3 HOH 4  306 6   HOH HOH A . 
F 3 HOH 5  307 9   HOH HOH A . 
F 3 HOH 6  308 11  HOH HOH A . 
F 3 HOH 7  309 12  HOH HOH A . 
F 3 HOH 8  310 13  HOH HOH A . 
F 3 HOH 9  311 14  HOH HOH A . 
F 3 HOH 10 312 16  HOH HOH A . 
F 3 HOH 11 313 17  HOH HOH A . 
F 3 HOH 12 314 19  HOH HOH A . 
F 3 HOH 13 315 20  HOH HOH A . 
F 3 HOH 14 316 22  HOH HOH A . 
F 3 HOH 15 317 23  HOH HOH A . 
F 3 HOH 16 318 26  HOH HOH A . 
F 3 HOH 17 319 30  HOH HOH A . 
F 3 HOH 18 320 32  HOH HOH A . 
F 3 HOH 19 321 33  HOH HOH A . 
F 3 HOH 20 322 38  HOH HOH A . 
F 3 HOH 21 323 39  HOH HOH A . 
F 3 HOH 22 324 40  HOH HOH A . 
F 3 HOH 23 325 41  HOH HOH A . 
F 3 HOH 24 326 43  HOH HOH A . 
F 3 HOH 25 327 48  HOH HOH A . 
F 3 HOH 26 328 51  HOH HOH A . 
F 3 HOH 27 329 52  HOH HOH A . 
F 3 HOH 28 330 53  HOH HOH A . 
F 3 HOH 29 331 60  HOH HOH A . 
F 3 HOH 30 332 62  HOH HOH A . 
F 3 HOH 31 333 65  HOH HOH A . 
F 3 HOH 32 334 66  HOH HOH A . 
G 3 HOH 1  302 1   HOH HOH B . 
G 3 HOH 2  303 4   HOH HOH B . 
G 3 HOH 3  304 7   HOH HOH B . 
G 3 HOH 4  305 8   HOH HOH B . 
G 3 HOH 5  306 10  HOH HOH B . 
G 3 HOH 6  307 15  HOH HOH B . 
G 3 HOH 7  308 18  HOH HOH B . 
G 3 HOH 8  309 21  HOH HOH B . 
G 3 HOH 9  310 24  HOH HOH B . 
G 3 HOH 10 311 25  HOH HOH B . 
G 3 HOH 11 312 27  HOH HOH B . 
G 3 HOH 12 313 28  HOH HOH B . 
G 3 HOH 13 314 29  HOH HOH B . 
G 3 HOH 14 315 31  HOH HOH B . 
G 3 HOH 15 316 34  HOH HOH B . 
G 3 HOH 16 317 35  HOH HOH B . 
G 3 HOH 17 318 36  HOH HOH B . 
G 3 HOH 18 319 37  HOH HOH B . 
G 3 HOH 19 320 42  HOH HOH B . 
G 3 HOH 20 321 44  HOH HOH B . 
G 3 HOH 21 322 45  HOH HOH B . 
G 3 HOH 22 323 46  HOH HOH B . 
G 3 HOH 23 324 47  HOH HOH B . 
G 3 HOH 24 325 49  HOH HOH B . 
G 3 HOH 25 326 50  HOH HOH B . 
G 3 HOH 26 327 54  HOH HOH B . 
G 3 HOH 27 328 55  HOH HOH B . 
G 3 HOH 28 329 56  HOH HOH B . 
G 3 HOH 29 330 57  HOH HOH B . 
G 3 HOH 30 331 58  HOH HOH B . 
G 3 HOH 31 332 59  HOH HOH B . 
G 3 HOH 32 333 61  HOH HOH B . 
G 3 HOH 33 334 63  HOH HOH B . 
G 3 HOH 34 335 64  HOH HOH B . 
G 3 HOH 35 336 67  HOH HOH B . 
G 3 HOH 36 337 68  HOH HOH B . 
# 
loop_
_software.name 
_software.version 
_software.date 
_software.type 
_software.contact_author 
_software.contact_author_email 
_software.classification 
_software.location 
_software.language 
_software.citation_id 
_software.pdbx_ordinal 
SAINT          V7.23A ?                    package ?                 ?                        'data scaling'    
http://www.bruker-axs.de/index.html         ?          ? 1 
MOLREP         .      ?                    other   'A. Vagin'        alexei@ysbl.york.ac.uk   phasing           
http://www.ccp4.ac.uk/dist/html/molrep.html Fortran_77 ? 2 
REFMAC         .      ?                    program 'Murshudov, G.N.' ccp4@dl.ac.uk            refinement        
http://www.ccp4.ac.uk/main.html             Fortran_77 ? 3 
PDB_EXTRACT    3.004  'September 10, 2007' package PDB               sw-help@rcsb.rutgers.edu 'data extraction' 
http://pdb.rutgers.edu/software/            C++        ? 4 
'PROTEUM PLUS' PLUS   ?                    ?       ?                 ?                        'data collection' ? ?          ? 5 
'PROTEUM PLUS' PLUS   ?                    ?       ?                 ?                        'data reduction'  ? ?          ? 6 
'PROTEUM PLUS' PLUS   ?                    ?       ?                 ?                        'data scaling'    ? ?          ? 7 
# 
_cell.length_a           46.25 
_cell.length_b           57.25 
_cell.length_c           49.10 
_cell.angle_alpha        90.000 
_cell.angle_beta         114.960 
_cell.angle_gamma        90.000 
_cell.entry_id           3BDQ 
_cell.pdbx_unique_axis   ? 
_cell.Z_PDB              4 
_cell.length_a_esd       ? 
_cell.length_b_esd       ? 
_cell.length_c_esd       ? 
_cell.angle_alpha_esd    ? 
_cell.angle_beta_esd     ? 
_cell.angle_gamma_esd    ? 
# 
_symmetry.space_group_name_H-M             'P 1 21 1' 
_symmetry.entry_id                         3BDQ 
_symmetry.pdbx_full_space_group_name_H-M   ? 
_symmetry.Int_Tables_number                4 
_symmetry.cell_setting                     ? 
_symmetry.space_group_name_Hall            ? 
# 
_exptl.crystals_number   1 
_exptl.entry_id          3BDQ 
_exptl.method            'X-RAY DIFFRACTION' 
# 
_exptl_crystal.id                    1 
_exptl_crystal.density_Matthews      2.54 
_exptl_crystal.density_meas          ? 
_exptl_crystal.density_percent_sol   51.48 
_exptl_crystal.description           ? 
_exptl_crystal.F_000                 ? 
_exptl_crystal.preparation           ? 
# 
_exptl_crystal_grow.crystal_id      1 
_exptl_crystal_grow.method          'VAPOR DIFFUSION, HANGING DROP' 
_exptl_crystal_grow.pH              7.5 
_exptl_crystal_grow.temp            297 
_exptl_crystal_grow.temp_details    ? 
_exptl_crystal_grow.pdbx_details    
;2 microliters AeSCP-2L2 at 10 mg/ml was combined with 2 microliters 1.6 M sodium citrate, 
5% glycerol, 100 mM Hepes, pH 7.5, VAPOR DIFFUSION, HANGING DROP, temperature 297K
;
_exptl_crystal_grow.pdbx_pH_range   . 
# 
_diffrn.id                     1 
_diffrn.ambient_temp           297 
_diffrn.ambient_temp_details   ? 
_diffrn.crystal_id             1 
# 
_diffrn_detector.diffrn_id              1 
_diffrn_detector.detector               CCD 
_diffrn_detector.type                   'BRUKER SMART 6000' 
_diffrn_detector.pdbx_collection_date   2006-07-04 
_diffrn_detector.details                'Bruker Montel mirrors' 
# 
_diffrn_radiation.diffrn_id                        1 
_diffrn_radiation.wavelength_id                    1 
_diffrn_radiation.pdbx_diffrn_protocol             'SINGLE WAVELENGTH' 
_diffrn_radiation.monochromator                    ? 
_diffrn_radiation.pdbx_monochromatic_or_laue_m_l   M 
_diffrn_radiation.pdbx_scattering_type             x-ray 
# 
_diffrn_radiation_wavelength.id           1 
_diffrn_radiation_wavelength.wavelength   1.5418 
_diffrn_radiation_wavelength.wt           1.0 
# 
_diffrn_source.diffrn_id                   1 
_diffrn_source.source                      'ROTATING ANODE' 
_diffrn_source.type                        'BRUKER AXS MICROSTAR' 
_diffrn_source.pdbx_wavelength             ? 
_diffrn_source.pdbx_wavelength_list        1.5418 
_diffrn_source.pdbx_synchrotron_site       ? 
_diffrn_source.pdbx_synchrotron_beamline   ? 
# 
_reflns.entry_id                     3BDQ 
_reflns.observed_criterion_sigma_F   ? 
_reflns.observed_criterion_sigma_I   3.0 
_reflns.d_resolution_high            2.0 
_reflns.d_resolution_low             25.0 
_reflns.number_all                   ? 
_reflns.number_obs                   14850 
_reflns.percent_possible_obs         93.7 
_reflns.pdbx_Rmerge_I_obs            ? 
_reflns.pdbx_Rsym_value              0.033 
_reflns.pdbx_netI_over_sigmaI        21.24 
_reflns.B_iso_Wilson_estimate        21.4 
_reflns.pdbx_redundancy              4.93 
_reflns.R_free_details               ? 
_reflns.limit_h_max                  ? 
_reflns.limit_h_min                  ? 
_reflns.limit_k_max                  ? 
_reflns.limit_k_min                  ? 
_reflns.limit_l_max                  ? 
_reflns.limit_l_min                  ? 
_reflns.observed_criterion_F_max     ? 
_reflns.observed_criterion_F_min     ? 
_reflns.pdbx_chi_squared             ? 
_reflns.pdbx_scaling_rejects         ? 
_reflns.pdbx_diffrn_id               1 
_reflns.pdbx_ordinal                 1 
# 
_reflns_shell.d_res_high             2.0 
_reflns_shell.d_res_low              2.1 
_reflns_shell.percent_possible_obs   ? 
_reflns_shell.percent_possible_all   91.4 
_reflns_shell.Rmerge_I_obs           ? 
_reflns_shell.meanI_over_sigI_obs    4.97 
_reflns_shell.pdbx_Rsym_value        0.194 
_reflns_shell.pdbx_redundancy        2.22 
_reflns_shell.number_unique_all      1977 
_reflns_shell.number_measured_all    ? 
_reflns_shell.number_measured_obs    ? 
_reflns_shell.number_unique_obs      ? 
_reflns_shell.pdbx_chi_squared       ? 
_reflns_shell.pdbx_diffrn_id         ? 
_reflns_shell.pdbx_ordinal           1 
# 
_refine.entry_id                                 3BDQ 
_refine.ls_d_res_high                            2.000 
_refine.ls_d_res_low                             25.000 
_refine.pdbx_ls_sigma_F                          0.00 
_refine.ls_percent_reflns_obs                    93.780 
_refine.ls_number_reflns_obs                     14836 
_refine.pdbx_ls_cross_valid_method               THROUGHOUT 
_refine.pdbx_R_Free_selection_details            RANDOM 
_refine.ls_R_factor_obs                          0.188 
_refine.ls_R_factor_R_work                       0.186 
_refine.ls_R_factor_R_free                       0.230 
_refine.ls_percent_reflns_R_free                 5.100 
_refine.ls_number_reflns_R_free                  752 
_refine.B_iso_mean                               21.419 
_refine.aniso_B[1][1]                            0.190 
_refine.aniso_B[2][2]                            0.190 
_refine.aniso_B[3][3]                            -0.450 
_refine.aniso_B[1][2]                            0.000 
_refine.aniso_B[1][3]                            -0.090 
_refine.aniso_B[2][3]                            0.000 
_refine.correlation_coeff_Fo_to_Fc               0.951 
_refine.correlation_coeff_Fo_to_Fc_free          0.930 
_refine.pdbx_overall_ESU_R                       0.192 
_refine.pdbx_overall_ESU_R_Free                  0.168 
_refine.overall_SU_ML                            0.105 
_refine.overall_SU_B                             4.585 
_refine.solvent_model_details                    'BABINET MODEL WITH MASK' 
_refine.pdbx_solvent_vdw_probe_radii             1.400 
_refine.pdbx_solvent_ion_probe_radii             0.800 
_refine.pdbx_solvent_shrinkage_radii             0.800 
_refine.pdbx_method_to_determine_struct          'MOLECULAR REPLACEMENT' 
_refine.pdbx_stereochemistry_target_values       'MAXIMUM LIKELIHOOD' 
_refine.pdbx_ls_sigma_I                          ? 
_refine.ls_number_reflns_all                     ? 
_refine.ls_R_factor_all                          ? 
_refine.ls_redundancy_reflns_obs                 ? 
_refine.pdbx_data_cutoff_high_absF               ? 
_refine.pdbx_data_cutoff_low_absF                ? 
_refine.ls_number_parameters                     ? 
_refine.ls_number_restraints                     ? 
_refine.ls_R_factor_R_free_error                 ? 
_refine.ls_R_factor_R_free_error_details         ? 
_refine.pdbx_starting_model                      ? 
_refine.pdbx_stereochem_target_val_spec_case     ? 
_refine.solvent_model_param_bsol                 ? 
_refine.solvent_model_param_ksol                 ? 
_refine.occupancy_max                            ? 
_refine.occupancy_min                            ? 
_refine.pdbx_isotropic_thermal_model             ? 
_refine.details                                  ? 
_refine.B_iso_min                                ? 
_refine.B_iso_max                                ? 
_refine.overall_SU_R_Cruickshank_DPI             ? 
_refine.overall_SU_R_free                        ? 
_refine.pdbx_data_cutoff_high_rms_absF           ? 
_refine.ls_wR_factor_R_free                      ? 
_refine.ls_wR_factor_R_work                      ? 
_refine.overall_FOM_free_R_set                   ? 
_refine.overall_FOM_work_R_set                   ? 
_refine.pdbx_refine_id                           'X-RAY DIFFRACTION' 
_refine.pdbx_diffrn_id                           1 
_refine.pdbx_TLS_residual_ADP_flag               ? 
_refine.pdbx_overall_phase_error                 ? 
_refine.pdbx_overall_SU_R_free_Cruickshank_DPI   ? 
_refine.pdbx_overall_SU_R_Blow_DPI               ? 
_refine.pdbx_overall_SU_R_free_Blow_DPI          ? 
# 
_refine_analyze.entry_id                        3BDQ 
_refine_analyze.Luzzati_coordinate_error_obs    0.192 
_refine_analyze.Luzzati_sigma_a_obs             0.105 
_refine_analyze.Luzzati_d_res_low_obs           ? 
_refine_analyze.Luzzati_coordinate_error_free   0.168 
_refine_analyze.Luzzati_sigma_a_free            ? 
_refine_analyze.Luzzati_d_res_low_free          ? 
_refine_analyze.number_disordered_residues      ? 
_refine_analyze.occupancy_sum_non_hydrogen      ? 
_refine_analyze.occupancy_sum_hydrogen          ? 
_refine_analyze.pdbx_Luzzati_d_res_high_obs     ? 
_refine_analyze.pdbx_refine_id                  'X-RAY DIFFRACTION' 
# 
_refine_hist.pdbx_refine_id                   'X-RAY DIFFRACTION' 
_refine_hist.cycle_id                         LAST 
_refine_hist.pdbx_number_atoms_protein        1625 
_refine_hist.pdbx_number_atoms_nucleic_acid   0 
_refine_hist.pdbx_number_atoms_ligand         54 
_refine_hist.number_atoms_solvent             68 
_refine_hist.number_atoms_total               1747 
_refine_hist.d_res_high                       2.000 
_refine_hist.d_res_low                        25.000 
# 
loop_
_refine_ls_restr.type 
_refine_ls_restr.number 
_refine_ls_restr.dev_ideal 
_refine_ls_restr.dev_ideal_target 
_refine_ls_restr.weight 
_refine_ls_restr.pdbx_refine_id 
_refine_ls_restr.pdbx_restraint_function 
r_bond_refined_d         1689 0.009  0.022  ? 'X-RAY DIFFRACTION' ? 
r_angle_refined_deg      2265 1.124  2.017  ? 'X-RAY DIFFRACTION' ? 
r_dihedral_angle_1_deg   216  4.808  5.000  ? 'X-RAY DIFFRACTION' ? 
r_dihedral_angle_2_deg   56   34.346 26.071 ? 'X-RAY DIFFRACTION' ? 
r_dihedral_angle_3_deg   315  14.687 15.000 ? 'X-RAY DIFFRACTION' ? 
r_dihedral_angle_4_deg   8    11.635 15.000 ? 'X-RAY DIFFRACTION' ? 
r_chiral_restr           280  0.074  0.200  ? 'X-RAY DIFFRACTION' ? 
r_gen_planes_refined     1160 0.004  0.020  ? 'X-RAY DIFFRACTION' ? 
r_nbd_refined            605  0.220  0.300  ? 'X-RAY DIFFRACTION' ? 
r_nbtor_refined          1150 0.318  0.500  ? 'X-RAY DIFFRACTION' ? 
r_xyhbond_nbd_refined    137  0.183  0.500  ? 'X-RAY DIFFRACTION' ? 
r_symmetry_vdw_refined   23   0.201  0.300  ? 'X-RAY DIFFRACTION' ? 
r_symmetry_hbond_refined 9    0.254  0.500  ? 'X-RAY DIFFRACTION' ? 
r_mcbond_it              1110 1.237  2.000  ? 'X-RAY DIFFRACTION' ? 
r_mcangle_it             1741 1.873  3.000  ? 'X-RAY DIFFRACTION' ? 
r_scbond_it              635  1.320  2.000  ? 'X-RAY DIFFRACTION' ? 
r_scangle_it             524  2.173  3.000  ? 'X-RAY DIFFRACTION' ? 
# 
_refine_ls_shell.d_res_high                       2.000 
_refine_ls_shell.d_res_low                        2.05 
_refine_ls_shell.pdbx_total_number_of_bins_used   20 
_refine_ls_shell.percent_reflns_obs               91.620 
_refine_ls_shell.number_reflns_R_work             1021 
_refine_ls_shell.R_factor_all                     ? 
_refine_ls_shell.R_factor_R_work                  0.193 
_refine_ls_shell.R_factor_R_free                  0.245 
_refine_ls_shell.percent_reflns_R_free            ? 
_refine_ls_shell.number_reflns_R_free             51 
_refine_ls_shell.R_factor_R_free_error            ? 
_refine_ls_shell.number_reflns_all                1072 
_refine_ls_shell.number_reflns_obs                1021 
_refine_ls_shell.redundancy_reflns_obs            ? 
_refine_ls_shell.pdbx_refine_id                   'X-RAY DIFFRACTION' 
# 
_struct.entry_id                  3BDQ 
_struct.title                     'Room Tempreture Crystal Structure of Sterol Carrier Protein-2 Like-2' 
_struct.pdbx_model_details        ? 
_struct.pdbx_CASP_flag            ? 
_struct.pdbx_model_type_details   ? 
# 
_struct_keywords.entry_id        3BDQ 
_struct_keywords.pdbx_keywords   'LIPID TRANSPORT' 
_struct_keywords.text            'Alpha/beta protein, lipid carrier, sterol carrier protein, LIPID TRANSPORT' 
# 
loop_
_struct_asym.id 
_struct_asym.pdbx_blank_PDB_chainid_flag 
_struct_asym.pdbx_modified 
_struct_asym.entity_id 
_struct_asym.details 
A N N 1 ? 
B N N 1 ? 
C N N 2 ? 
D N N 2 ? 
E N N 2 ? 
F N N 3 ? 
G N N 3 ? 
# 
_struct_ref.id                         1 
_struct_ref.db_name                    UNP 
_struct_ref.db_code                    Q0GY13_AEDAE 
_struct_ref.pdbx_db_accession          Q0GY13 
_struct_ref.entity_id                  1 
_struct_ref.pdbx_seq_one_letter_code   
;MSVETIIERIKARVGAVDPNGPRKVLGVFQLNIKTASGVEQWIVDLKQLKVDQGVFASPDVTVTVGLEDMLAISGKTLTV
GDALKQGKIELSGDADLAAKLAEVI
;
_struct_ref.pdbx_align_begin           1 
_struct_ref.pdbx_db_isoform            ? 
# 
loop_
_struct_ref_seq.align_id 
_struct_ref_seq.ref_id 
_struct_ref_seq.pdbx_PDB_id_code 
_struct_ref_seq.pdbx_strand_id 
_struct_ref_seq.seq_align_beg 
_struct_ref_seq.pdbx_seq_align_beg_ins_code 
_struct_ref_seq.seq_align_end 
_struct_ref_seq.pdbx_seq_align_end_ins_code 
_struct_ref_seq.pdbx_db_accession 
_struct_ref_seq.db_align_beg 
_struct_ref_seq.pdbx_db_align_beg_ins_code 
_struct_ref_seq.db_align_end 
_struct_ref_seq.pdbx_db_align_end_ins_code 
_struct_ref_seq.pdbx_auth_seq_align_beg 
_struct_ref_seq.pdbx_auth_seq_align_end 
1 1 3BDQ A 6 ? 110 ? Q0GY13 1 ? 105 ? 1 105 
2 1 3BDQ B 6 ? 110 ? Q0GY13 1 ? 105 ? 1 105 
# 
loop_
_struct_ref_seq_dif.align_id 
_struct_ref_seq_dif.pdbx_pdb_id_code 
_struct_ref_seq_dif.mon_id 
_struct_ref_seq_dif.pdbx_pdb_strand_id 
_struct_ref_seq_dif.seq_num 
_struct_ref_seq_dif.pdbx_pdb_ins_code 
_struct_ref_seq_dif.pdbx_seq_db_name 
_struct_ref_seq_dif.pdbx_seq_db_accession_code 
_struct_ref_seq_dif.db_mon_id 
_struct_ref_seq_dif.pdbx_seq_db_seq_num 
_struct_ref_seq_dif.details 
_struct_ref_seq_dif.pdbx_auth_seq_num 
_struct_ref_seq_dif.pdbx_ordinal 
1 3BDQ SER A 1 ? UNP Q0GY13 ? ? 'expression tag' -4 1  
1 3BDQ PRO A 2 ? UNP Q0GY13 ? ? 'expression tag' -3 2  
1 3BDQ GLY A 3 ? UNP Q0GY13 ? ? 'expression tag' -2 3  
1 3BDQ ILE A 4 ? UNP Q0GY13 ? ? 'expression tag' -1 4  
1 3BDQ ARG A 5 ? UNP Q0GY13 ? ? 'expression tag' 0  5  
2 3BDQ SER B 1 ? UNP Q0GY13 ? ? 'expression tag' -4 6  
2 3BDQ PRO B 2 ? UNP Q0GY13 ? ? 'expression tag' -3 7  
2 3BDQ GLY B 3 ? UNP Q0GY13 ? ? 'expression tag' -2 8  
2 3BDQ ILE B 4 ? UNP Q0GY13 ? ? 'expression tag' -1 9  
2 3BDQ ARG B 5 ? UNP Q0GY13 ? ? 'expression tag' 0  10 
# 
_pdbx_struct_assembly.id                   1 
_pdbx_struct_assembly.details              software_defined_assembly 
_pdbx_struct_assembly.method_details       PISA 
_pdbx_struct_assembly.oligomeric_details   dimeric 
_pdbx_struct_assembly.oligomeric_count     2 
# 
_pdbx_struct_assembly_prop.biol_id   1 
_pdbx_struct_assembly_prop.type      'ABSA (A^2)' 
_pdbx_struct_assembly_prop.value     3870 
_pdbx_struct_assembly_prop.details   ? 
# 
_pdbx_struct_assembly_gen.assembly_id       1 
_pdbx_struct_assembly_gen.oper_expression   1 
_pdbx_struct_assembly_gen.asym_id_list      A,B,C,D,E,F,G 
# 
_pdbx_struct_oper_list.id                   1 
_pdbx_struct_oper_list.type                 'identity operation' 
_pdbx_struct_oper_list.name                 1_555 
_pdbx_struct_oper_list.symmetry_operation   x,y,z 
_pdbx_struct_oper_list.matrix[1][1]         1.0000000000 
_pdbx_struct_oper_list.matrix[1][2]         0.0000000000 
_pdbx_struct_oper_list.matrix[1][3]         0.0000000000 
_pdbx_struct_oper_list.vector[1]            0.0000000000 
_pdbx_struct_oper_list.matrix[2][1]         0.0000000000 
_pdbx_struct_oper_list.matrix[2][2]         1.0000000000 
_pdbx_struct_oper_list.matrix[2][3]         0.0000000000 
_pdbx_struct_oper_list.vector[2]            0.0000000000 
_pdbx_struct_oper_list.matrix[3][1]         0.0000000000 
_pdbx_struct_oper_list.matrix[3][2]         0.0000000000 
_pdbx_struct_oper_list.matrix[3][3]         1.0000000000 
_pdbx_struct_oper_list.vector[3]            0.0000000000 
# 
_struct_biol.id        1 
_struct_biol.details   ? 
# 
loop_
_struct_conf.conf_type_id 
_struct_conf.id 
_struct_conf.pdbx_PDB_helix_id 
_struct_conf.beg_label_comp_id 
_struct_conf.beg_label_asym_id 
_struct_conf.beg_label_seq_id 
_struct_conf.pdbx_beg_PDB_ins_code 
_struct_conf.end_label_comp_id 
_struct_conf.end_label_asym_id 
_struct_conf.end_label_seq_id 
_struct_conf.pdbx_end_PDB_ins_code 
_struct_conf.beg_auth_comp_id 
_struct_conf.beg_auth_asym_id 
_struct_conf.beg_auth_seq_id 
_struct_conf.end_auth_comp_id 
_struct_conf.end_auth_asym_id 
_struct_conf.end_auth_seq_id 
_struct_conf.pdbx_PDB_helix_class 
_struct_conf.details 
_struct_conf.pdbx_PDB_helix_length 
HELX_P HELX_P1 1 GLY A 3  ? ALA A 21  ? GLY A -2 ALA A 16  1 ? 19 
HELX_P HELX_P2 2 LEU A 72 ? GLY A 80  ? LEU A 67 GLY A 75  1 ? 9  
HELX_P HELX_P3 3 THR A 84 ? GLN A 91  ? THR A 79 GLN A 86  1 ? 8  
HELX_P HELX_P4 4 ASP A 99 ? ILE A 110 ? ASP A 94 ILE A 105 1 ? 12 
HELX_P HELX_P5 5 SER B 1  ? VAL B 22  ? SER B -4 VAL B 17  1 ? 22 
HELX_P HELX_P6 6 LEU B 72 ? GLY B 80  ? LEU B 67 GLY B 75  1 ? 9  
HELX_P HELX_P7 7 THR B 84 ? GLN B 91  ? THR B 79 GLN B 86  1 ? 8  
HELX_P HELX_P8 8 ASP B 99 ? ILE B 110 ? ASP B 94 ILE B 105 1 ? 12 
# 
_struct_conf_type.id          HELX_P 
_struct_conf_type.criteria    ? 
_struct_conf_type.reference   ? 
# 
loop_
_struct_sheet.id 
_struct_sheet.type 
_struct_sheet.number_strands 
_struct_sheet.details 
A ? 5 ? 
B ? 5 ? 
# 
loop_
_struct_sheet_order.sheet_id 
_struct_sheet_order.range_id_1 
_struct_sheet_order.range_id_2 
_struct_sheet_order.offset 
_struct_sheet_order.sense 
A 1 2 ? anti-parallel 
A 2 3 ? anti-parallel 
A 3 4 ? parallel      
A 4 5 ? anti-parallel 
B 1 2 ? anti-parallel 
B 2 3 ? anti-parallel 
B 3 4 ? parallel      
B 4 5 ? anti-parallel 
# 
loop_
_struct_sheet_range.sheet_id 
_struct_sheet_range.id 
_struct_sheet_range.beg_label_comp_id 
_struct_sheet_range.beg_label_asym_id 
_struct_sheet_range.beg_label_seq_id 
_struct_sheet_range.pdbx_beg_PDB_ins_code 
_struct_sheet_range.end_label_comp_id 
_struct_sheet_range.end_label_asym_id 
_struct_sheet_range.end_label_seq_id 
_struct_sheet_range.pdbx_end_PDB_ins_code 
_struct_sheet_range.beg_auth_comp_id 
_struct_sheet_range.beg_auth_asym_id 
_struct_sheet_range.beg_auth_seq_id 
_struct_sheet_range.end_auth_comp_id 
_struct_sheet_range.end_auth_asym_id 
_struct_sheet_range.end_auth_seq_id 
A 1 LYS A 55 ? GLN A 58 ? LYS A 50 GLN A 53 
A 2 GLY A 43 ? ASP A 50 ? GLY A 38 ASP A 45 
A 3 VAL A 33 ? THR A 40 ? VAL A 28 THR A 35 
A 4 VAL A 66 ? GLY A 71 ? VAL A 61 GLY A 66 
A 5 ILE A 94 ? GLY A 98 ? ILE A 89 GLY A 93 
B 1 LYS B 55 ? GLN B 58 ? LYS B 50 GLN B 53 
B 2 GLY B 43 ? ASP B 50 ? GLY B 38 ASP B 45 
B 3 VAL B 33 ? THR B 40 ? VAL B 28 THR B 35 
B 4 VAL B 66 ? GLY B 71 ? VAL B 61 GLY B 66 
B 5 ILE B 94 ? GLY B 98 ? ILE B 89 GLY B 93 
# 
loop_
_pdbx_struct_sheet_hbond.sheet_id 
_pdbx_struct_sheet_hbond.range_id_1 
_pdbx_struct_sheet_hbond.range_id_2 
_pdbx_struct_sheet_hbond.range_1_label_atom_id 
_pdbx_struct_sheet_hbond.range_1_label_comp_id 
_pdbx_struct_sheet_hbond.range_1_label_asym_id 
_pdbx_struct_sheet_hbond.range_1_label_seq_id 
_pdbx_struct_sheet_hbond.range_1_PDB_ins_code 
_pdbx_struct_sheet_hbond.range_1_auth_atom_id 
_pdbx_struct_sheet_hbond.range_1_auth_comp_id 
_pdbx_struct_sheet_hbond.range_1_auth_asym_id 
_pdbx_struct_sheet_hbond.range_1_auth_seq_id 
_pdbx_struct_sheet_hbond.range_2_label_atom_id 
_pdbx_struct_sheet_hbond.range_2_label_comp_id 
_pdbx_struct_sheet_hbond.range_2_label_asym_id 
_pdbx_struct_sheet_hbond.range_2_label_seq_id 
_pdbx_struct_sheet_hbond.range_2_PDB_ins_code 
_pdbx_struct_sheet_hbond.range_2_auth_atom_id 
_pdbx_struct_sheet_hbond.range_2_auth_comp_id 
_pdbx_struct_sheet_hbond.range_2_auth_asym_id 
_pdbx_struct_sheet_hbond.range_2_auth_seq_id 
A 1 2 O ASP A 57 ? O ASP A 52 N ILE A 48 ? N ILE A 43 
A 2 3 O TRP A 47 ? O TRP A 42 N LEU A 36 ? N LEU A 31 
A 3 4 N GLN A 35 ? N GLN A 30 O VAL A 68 ? O VAL A 63 
A 4 5 N THR A 69 ? N THR A 64 O GLU A 95 ? O GLU A 90 
B 1 2 O ASP B 57 ? O ASP B 52 N ILE B 48 ? N ILE B 43 
B 2 3 O TRP B 47 ? O TRP B 42 N LEU B 36 ? N LEU B 31 
B 3 4 N ASN B 37 ? N ASN B 32 O VAL B 68 ? O VAL B 63 
B 4 5 N THR B 69 ? N THR B 64 O GLU B 95 ? O GLU B 90 
# 
loop_
_struct_site.id 
_struct_site.pdbx_evidence_code 
_struct_site.pdbx_auth_asym_id 
_struct_site.pdbx_auth_comp_id 
_struct_site.pdbx_auth_seq_id 
_struct_site.pdbx_auth_ins_code 
_struct_site.pdbx_num_residues 
_struct_site.details 
AC1 Software A PLM 300 ? 9 'BINDING SITE FOR RESIDUE PLM A 300' 
AC2 Software B PLM 301 ? 6 'BINDING SITE FOR RESIDUE PLM B 301' 
AC3 Software A PLM 302 ? 8 'BINDING SITE FOR RESIDUE PLM A 302' 
# 
loop_
_struct_site_gen.id 
_struct_site_gen.site_id 
_struct_site_gen.pdbx_num_res 
_struct_site_gen.label_comp_id 
_struct_site_gen.label_asym_id 
_struct_site_gen.label_seq_id 
_struct_site_gen.pdbx_auth_ins_code 
_struct_site_gen.auth_comp_id 
_struct_site_gen.auth_asym_id 
_struct_site_gen.auth_seq_id 
_struct_site_gen.label_atom_id 
_struct_site_gen.label_alt_id 
_struct_site_gen.symmetry 
_struct_site_gen.details 
1  AC1 9 ARG A 18  ? ARG A 13  . ? 1_555 ? 
2  AC1 9 ARG A 28  ? ARG A 23  . ? 1_555 ? 
3  AC1 9 LYS A 29  ? LYS A 24  . ? 1_555 ? 
4  AC1 9 VAL A 30  ? VAL A 25  . ? 1_555 ? 
5  AC1 9 PHE A 34  ? PHE A 29  . ? 1_555 ? 
6  AC1 9 LEU A 36  ? LEU A 31  . ? 1_555 ? 
7  AC1 9 VAL A 49  ? VAL A 44  . ? 1_555 ? 
8  AC1 9 PLM D .   ? PLM A 302 . ? 1_555 ? 
9  AC1 9 HOH F .   ? HOH A 304 . ? 1_555 ? 
10 AC2 6 ARG B 18  ? ARG B 13  . ? 1_555 ? 
11 AC2 6 ARG B 28  ? ARG B 23  . ? 1_555 ? 
12 AC2 6 LYS B 29  ? LYS B 24  . ? 1_555 ? 
13 AC2 6 VAL B 30  ? VAL B 25  . ? 1_555 ? 
14 AC2 6 LEU B 106 ? LEU B 101 . ? 1_555 ? 
15 AC2 6 HOH G .   ? HOH B 337 . ? 1_555 ? 
16 AC3 8 ARG A 18  ? ARG A 13  . ? 1_555 ? 
17 AC3 8 MET A 75  ? MET A 70  . ? 1_555 ? 
18 AC3 8 SER A 79  ? SER A 74  . ? 1_555 ? 
19 AC3 8 LEU A 96  ? LEU A 91  . ? 1_555 ? 
20 AC3 8 ALA A 103 ? ALA A 98  . ? 1_555 ? 
21 AC3 8 ILE A 110 ? ILE A 105 . ? 1_555 ? 
22 AC3 8 PLM C .   ? PLM A 300 . ? 1_555 ? 
23 AC3 8 HOH F .   ? HOH A 330 . ? 1_555 ? 
# 
_pdbx_phasing_MR.entry_id                     3BDQ 
_pdbx_phasing_MR.method_rotation              ? 
_pdbx_phasing_MR.method_translation           ? 
_pdbx_phasing_MR.model_details                ? 
_pdbx_phasing_MR.R_factor                     ? 
_pdbx_phasing_MR.R_rigid_body                 ? 
_pdbx_phasing_MR.correlation_coeff_Fo_to_Fc   ? 
_pdbx_phasing_MR.correlation_coeff_Io_to_Ic   ? 
_pdbx_phasing_MR.d_res_high_rotation          2.220 
_pdbx_phasing_MR.d_res_low_rotation           41.950 
_pdbx_phasing_MR.d_res_high_translation       2.220 
_pdbx_phasing_MR.d_res_low_translation        41.950 
_pdbx_phasing_MR.packing                      ? 
_pdbx_phasing_MR.reflns_percent_rotation      ? 
_pdbx_phasing_MR.reflns_percent_translation   ? 
_pdbx_phasing_MR.sigma_F_rotation             ? 
_pdbx_phasing_MR.sigma_F_translation          ? 
_pdbx_phasing_MR.sigma_I_rotation             ? 
_pdbx_phasing_MR.sigma_I_translation          ? 
# 
_phasing.method   MR 
# 
loop_
_pdbx_unobs_or_zero_occ_residues.id 
_pdbx_unobs_or_zero_occ_residues.PDB_model_num 
_pdbx_unobs_or_zero_occ_residues.polymer_flag 
_pdbx_unobs_or_zero_occ_residues.occupancy_flag 
_pdbx_unobs_or_zero_occ_residues.auth_asym_id 
_pdbx_unobs_or_zero_occ_residues.auth_comp_id 
_pdbx_unobs_or_zero_occ_residues.auth_seq_id 
_pdbx_unobs_or_zero_occ_residues.PDB_ins_code 
_pdbx_unobs_or_zero_occ_residues.label_asym_id 
_pdbx_unobs_or_zero_occ_residues.label_comp_id 
_pdbx_unobs_or_zero_occ_residues.label_seq_id 
1 1 Y 1 A SER -4 ? A SER 1 
2 1 Y 1 A PRO -3 ? A PRO 2 
# 
loop_
_chem_comp_atom.comp_id 
_chem_comp_atom.atom_id 
_chem_comp_atom.type_symbol 
_chem_comp_atom.pdbx_aromatic_flag 
_chem_comp_atom.pdbx_stereo_config 
_chem_comp_atom.pdbx_ordinal 
ALA N    N N N 1   
ALA CA   C N S 2   
ALA C    C N N 3   
ALA O    O N N 4   
ALA CB   C N N 5   
ALA OXT  O N N 6   
ALA H    H N N 7   
ALA H2   H N N 8   
ALA HA   H N N 9   
ALA HB1  H N N 10  
ALA HB2  H N N 11  
ALA HB3  H N N 12  
ALA HXT  H N N 13  
ARG N    N N N 14  
ARG CA   C N S 15  
ARG C    C N N 16  
ARG O    O N N 17  
ARG CB   C N N 18  
ARG CG   C N N 19  
ARG CD   C N N 20  
ARG NE   N N N 21  
ARG CZ   C N N 22  
ARG NH1  N N N 23  
ARG NH2  N N N 24  
ARG OXT  O N N 25  
ARG H    H N N 26  
ARG H2   H N N 27  
ARG HA   H N N 28  
ARG HB2  H N N 29  
ARG HB3  H N N 30  
ARG HG2  H N N 31  
ARG HG3  H N N 32  
ARG HD2  H N N 33  
ARG HD3  H N N 34  
ARG HE   H N N 35  
ARG HH11 H N N 36  
ARG HH12 H N N 37  
ARG HH21 H N N 38  
ARG HH22 H N N 39  
ARG HXT  H N N 40  
ASN N    N N N 41  
ASN CA   C N S 42  
ASN C    C N N 43  
ASN O    O N N 44  
ASN CB   C N N 45  
ASN CG   C N N 46  
ASN OD1  O N N 47  
ASN ND2  N N N 48  
ASN OXT  O N N 49  
ASN H    H N N 50  
ASN H2   H N N 51  
ASN HA   H N N 52  
ASN HB2  H N N 53  
ASN HB3  H N N 54  
ASN HD21 H N N 55  
ASN HD22 H N N 56  
ASN HXT  H N N 57  
ASP N    N N N 58  
ASP CA   C N S 59  
ASP C    C N N 60  
ASP O    O N N 61  
ASP CB   C N N 62  
ASP CG   C N N 63  
ASP OD1  O N N 64  
ASP OD2  O N N 65  
ASP OXT  O N N 66  
ASP H    H N N 67  
ASP H2   H N N 68  
ASP HA   H N N 69  
ASP HB2  H N N 70  
ASP HB3  H N N 71  
ASP HD2  H N N 72  
ASP HXT  H N N 73  
GLN N    N N N 74  
GLN CA   C N S 75  
GLN C    C N N 76  
GLN O    O N N 77  
GLN CB   C N N 78  
GLN CG   C N N 79  
GLN CD   C N N 80  
GLN OE1  O N N 81  
GLN NE2  N N N 82  
GLN OXT  O N N 83  
GLN H    H N N 84  
GLN H2   H N N 85  
GLN HA   H N N 86  
GLN HB2  H N N 87  
GLN HB3  H N N 88  
GLN HG2  H N N 89  
GLN HG3  H N N 90  
GLN HE21 H N N 91  
GLN HE22 H N N 92  
GLN HXT  H N N 93  
GLU N    N N N 94  
GLU CA   C N S 95  
GLU C    C N N 96  
GLU O    O N N 97  
GLU CB   C N N 98  
GLU CG   C N N 99  
GLU CD   C N N 100 
GLU OE1  O N N 101 
GLU OE2  O N N 102 
GLU OXT  O N N 103 
GLU H    H N N 104 
GLU H2   H N N 105 
GLU HA   H N N 106 
GLU HB2  H N N 107 
GLU HB3  H N N 108 
GLU HG2  H N N 109 
GLU HG3  H N N 110 
GLU HE2  H N N 111 
GLU HXT  H N N 112 
GLY N    N N N 113 
GLY CA   C N N 114 
GLY C    C N N 115 
GLY O    O N N 116 
GLY OXT  O N N 117 
GLY H    H N N 118 
GLY H2   H N N 119 
GLY HA2  H N N 120 
GLY HA3  H N N 121 
GLY HXT  H N N 122 
HOH O    O N N 123 
HOH H1   H N N 124 
HOH H2   H N N 125 
ILE N    N N N 126 
ILE CA   C N S 127 
ILE C    C N N 128 
ILE O    O N N 129 
ILE CB   C N S 130 
ILE CG1  C N N 131 
ILE CG2  C N N 132 
ILE CD1  C N N 133 
ILE OXT  O N N 134 
ILE H    H N N 135 
ILE H2   H N N 136 
ILE HA   H N N 137 
ILE HB   H N N 138 
ILE HG12 H N N 139 
ILE HG13 H N N 140 
ILE HG21 H N N 141 
ILE HG22 H N N 142 
ILE HG23 H N N 143 
ILE HD11 H N N 144 
ILE HD12 H N N 145 
ILE HD13 H N N 146 
ILE HXT  H N N 147 
LEU N    N N N 148 
LEU CA   C N S 149 
LEU C    C N N 150 
LEU O    O N N 151 
LEU CB   C N N 152 
LEU CG   C N N 153 
LEU CD1  C N N 154 
LEU CD2  C N N 155 
LEU OXT  O N N 156 
LEU H    H N N 157 
LEU H2   H N N 158 
LEU HA   H N N 159 
LEU HB2  H N N 160 
LEU HB3  H N N 161 
LEU HG   H N N 162 
LEU HD11 H N N 163 
LEU HD12 H N N 164 
LEU HD13 H N N 165 
LEU HD21 H N N 166 
LEU HD22 H N N 167 
LEU HD23 H N N 168 
LEU HXT  H N N 169 
LYS N    N N N 170 
LYS CA   C N S 171 
LYS C    C N N 172 
LYS O    O N N 173 
LYS CB   C N N 174 
LYS CG   C N N 175 
LYS CD   C N N 176 
LYS CE   C N N 177 
LYS NZ   N N N 178 
LYS OXT  O N N 179 
LYS H    H N N 180 
LYS H2   H N N 181 
LYS HA   H N N 182 
LYS HB2  H N N 183 
LYS HB3  H N N 184 
LYS HG2  H N N 185 
LYS HG3  H N N 186 
LYS HD2  H N N 187 
LYS HD3  H N N 188 
LYS HE2  H N N 189 
LYS HE3  H N N 190 
LYS HZ1  H N N 191 
LYS HZ2  H N N 192 
LYS HZ3  H N N 193 
LYS HXT  H N N 194 
MET N    N N N 195 
MET CA   C N S 196 
MET C    C N N 197 
MET O    O N N 198 
MET CB   C N N 199 
MET CG   C N N 200 
MET SD   S N N 201 
MET CE   C N N 202 
MET OXT  O N N 203 
MET H    H N N 204 
MET H2   H N N 205 
MET HA   H N N 206 
MET HB2  H N N 207 
MET HB3  H N N 208 
MET HG2  H N N 209 
MET HG3  H N N 210 
MET HE1  H N N 211 
MET HE2  H N N 212 
MET HE3  H N N 213 
MET HXT  H N N 214 
PHE N    N N N 215 
PHE CA   C N S 216 
PHE C    C N N 217 
PHE O    O N N 218 
PHE CB   C N N 219 
PHE CG   C Y N 220 
PHE CD1  C Y N 221 
PHE CD2  C Y N 222 
PHE CE1  C Y N 223 
PHE CE2  C Y N 224 
PHE CZ   C Y N 225 
PHE OXT  O N N 226 
PHE H    H N N 227 
PHE H2   H N N 228 
PHE HA   H N N 229 
PHE HB2  H N N 230 
PHE HB3  H N N 231 
PHE HD1  H N N 232 
PHE HD2  H N N 233 
PHE HE1  H N N 234 
PHE HE2  H N N 235 
PHE HZ   H N N 236 
PHE HXT  H N N 237 
PLM C1   C N N 238 
PLM O1   O N N 239 
PLM O2   O N N 240 
PLM C2   C N N 241 
PLM C3   C N N 242 
PLM C4   C N N 243 
PLM C5   C N N 244 
PLM C6   C N N 245 
PLM C7   C N N 246 
PLM C8   C N N 247 
PLM C9   C N N 248 
PLM CA   C N N 249 
PLM CB   C N N 250 
PLM CC   C N N 251 
PLM CD   C N N 252 
PLM CE   C N N 253 
PLM CF   C N N 254 
PLM CG   C N N 255 
PLM H    H N N 256 
PLM H21  H N N 257 
PLM H22  H N N 258 
PLM H31  H N N 259 
PLM H32  H N N 260 
PLM H41  H N N 261 
PLM H42  H N N 262 
PLM H51  H N N 263 
PLM H52  H N N 264 
PLM H61  H N N 265 
PLM H62  H N N 266 
PLM H71  H N N 267 
PLM H72  H N N 268 
PLM H81  H N N 269 
PLM H82  H N N 270 
PLM H91  H N N 271 
PLM H92  H N N 272 
PLM HA1  H N N 273 
PLM HA2  H N N 274 
PLM HB1  H N N 275 
PLM HB2  H N N 276 
PLM HC1  H N N 277 
PLM HC2  H N N 278 
PLM HD1  H N N 279 
PLM HD2  H N N 280 
PLM HE1  H N N 281 
PLM HE2  H N N 282 
PLM HF1  H N N 283 
PLM HF2  H N N 284 
PLM HG1  H N N 285 
PLM HG2  H N N 286 
PLM HG3  H N N 287 
PRO N    N N N 288 
PRO CA   C N S 289 
PRO C    C N N 290 
PRO O    O N N 291 
PRO CB   C N N 292 
PRO CG   C N N 293 
PRO CD   C N N 294 
PRO OXT  O N N 295 
PRO H    H N N 296 
PRO HA   H N N 297 
PRO HB2  H N N 298 
PRO HB3  H N N 299 
PRO HG2  H N N 300 
PRO HG3  H N N 301 
PRO HD2  H N N 302 
PRO HD3  H N N 303 
PRO HXT  H N N 304 
SER N    N N N 305 
SER CA   C N S 306 
SER C    C N N 307 
SER O    O N N 308 
SER CB   C N N 309 
SER OG   O N N 310 
SER OXT  O N N 311 
SER H    H N N 312 
SER H2   H N N 313 
SER HA   H N N 314 
SER HB2  H N N 315 
SER HB3  H N N 316 
SER HG   H N N 317 
SER HXT  H N N 318 
THR N    N N N 319 
THR CA   C N S 320 
THR C    C N N 321 
THR O    O N N 322 
THR CB   C N R 323 
THR OG1  O N N 324 
THR CG2  C N N 325 
THR OXT  O N N 326 
THR H    H N N 327 
THR H2   H N N 328 
THR HA   H N N 329 
THR HB   H N N 330 
THR HG1  H N N 331 
THR HG21 H N N 332 
THR HG22 H N N 333 
THR HG23 H N N 334 
THR HXT  H N N 335 
TRP N    N N N 336 
TRP CA   C N S 337 
TRP C    C N N 338 
TRP O    O N N 339 
TRP CB   C N N 340 
TRP CG   C Y N 341 
TRP CD1  C Y N 342 
TRP CD2  C Y N 343 
TRP NE1  N Y N 344 
TRP CE2  C Y N 345 
TRP CE3  C Y N 346 
TRP CZ2  C Y N 347 
TRP CZ3  C Y N 348 
TRP CH2  C Y N 349 
TRP OXT  O N N 350 
TRP H    H N N 351 
TRP H2   H N N 352 
TRP HA   H N N 353 
TRP HB2  H N N 354 
TRP HB3  H N N 355 
TRP HD1  H N N 356 
TRP HE1  H N N 357 
TRP HE3  H N N 358 
TRP HZ2  H N N 359 
TRP HZ3  H N N 360 
TRP HH2  H N N 361 
TRP HXT  H N N 362 
VAL N    N N N 363 
VAL CA   C N S 364 
VAL C    C N N 365 
VAL O    O N N 366 
VAL CB   C N N 367 
VAL CG1  C N N 368 
VAL CG2  C N N 369 
VAL OXT  O N N 370 
VAL H    H N N 371 
VAL H2   H N N 372 
VAL HA   H N N 373 
VAL HB   H N N 374 
VAL HG11 H N N 375 
VAL HG12 H N N 376 
VAL HG13 H N N 377 
VAL HG21 H N N 378 
VAL HG22 H N N 379 
VAL HG23 H N N 380 
VAL HXT  H N N 381 
# 
loop_
_chem_comp_bond.comp_id 
_chem_comp_bond.atom_id_1 
_chem_comp_bond.atom_id_2 
_chem_comp_bond.value_order 
_chem_comp_bond.pdbx_aromatic_flag 
_chem_comp_bond.pdbx_stereo_config 
_chem_comp_bond.pdbx_ordinal 
ALA N   CA   sing N N 1   
ALA N   H    sing N N 2   
ALA N   H2   sing N N 3   
ALA CA  C    sing N N 4   
ALA CA  CB   sing N N 5   
ALA CA  HA   sing N N 6   
ALA C   O    doub N N 7   
ALA C   OXT  sing N N 8   
ALA CB  HB1  sing N N 9   
ALA CB  HB2  sing N N 10  
ALA CB  HB3  sing N N 11  
ALA OXT HXT  sing N N 12  
ARG N   CA   sing N N 13  
ARG N   H    sing N N 14  
ARG N   H2   sing N N 15  
ARG CA  C    sing N N 16  
ARG CA  CB   sing N N 17  
ARG CA  HA   sing N N 18  
ARG C   O    doub N N 19  
ARG C   OXT  sing N N 20  
ARG CB  CG   sing N N 21  
ARG CB  HB2  sing N N 22  
ARG CB  HB3  sing N N 23  
ARG CG  CD   sing N N 24  
ARG CG  HG2  sing N N 25  
ARG CG  HG3  sing N N 26  
ARG CD  NE   sing N N 27  
ARG CD  HD2  sing N N 28  
ARG CD  HD3  sing N N 29  
ARG NE  CZ   sing N N 30  
ARG NE  HE   sing N N 31  
ARG CZ  NH1  sing N N 32  
ARG CZ  NH2  doub N N 33  
ARG NH1 HH11 sing N N 34  
ARG NH1 HH12 sing N N 35  
ARG NH2 HH21 sing N N 36  
ARG NH2 HH22 sing N N 37  
ARG OXT HXT  sing N N 38  
ASN N   CA   sing N N 39  
ASN N   H    sing N N 40  
ASN N   H2   sing N N 41  
ASN CA  C    sing N N 42  
ASN CA  CB   sing N N 43  
ASN CA  HA   sing N N 44  
ASN C   O    doub N N 45  
ASN C   OXT  sing N N 46  
ASN CB  CG   sing N N 47  
ASN CB  HB2  sing N N 48  
ASN CB  HB3  sing N N 49  
ASN CG  OD1  doub N N 50  
ASN CG  ND2  sing N N 51  
ASN ND2 HD21 sing N N 52  
ASN ND2 HD22 sing N N 53  
ASN OXT HXT  sing N N 54  
ASP N   CA   sing N N 55  
ASP N   H    sing N N 56  
ASP N   H2   sing N N 57  
ASP CA  C    sing N N 58  
ASP CA  CB   sing N N 59  
ASP CA  HA   sing N N 60  
ASP C   O    doub N N 61  
ASP C   OXT  sing N N 62  
ASP CB  CG   sing N N 63  
ASP CB  HB2  sing N N 64  
ASP CB  HB3  sing N N 65  
ASP CG  OD1  doub N N 66  
ASP CG  OD2  sing N N 67  
ASP OD2 HD2  sing N N 68  
ASP OXT HXT  sing N N 69  
GLN N   CA   sing N N 70  
GLN N   H    sing N N 71  
GLN N   H2   sing N N 72  
GLN CA  C    sing N N 73  
GLN CA  CB   sing N N 74  
GLN CA  HA   sing N N 75  
GLN C   O    doub N N 76  
GLN C   OXT  sing N N 77  
GLN CB  CG   sing N N 78  
GLN CB  HB2  sing N N 79  
GLN CB  HB3  sing N N 80  
GLN CG  CD   sing N N 81  
GLN CG  HG2  sing N N 82  
GLN CG  HG3  sing N N 83  
GLN CD  OE1  doub N N 84  
GLN CD  NE2  sing N N 85  
GLN NE2 HE21 sing N N 86  
GLN NE2 HE22 sing N N 87  
GLN OXT HXT  sing N N 88  
GLU N   CA   sing N N 89  
GLU N   H    sing N N 90  
GLU N   H2   sing N N 91  
GLU CA  C    sing N N 92  
GLU CA  CB   sing N N 93  
GLU CA  HA   sing N N 94  
GLU C   O    doub N N 95  
GLU C   OXT  sing N N 96  
GLU CB  CG   sing N N 97  
GLU CB  HB2  sing N N 98  
GLU CB  HB3  sing N N 99  
GLU CG  CD   sing N N 100 
GLU CG  HG2  sing N N 101 
GLU CG  HG3  sing N N 102 
GLU CD  OE1  doub N N 103 
GLU CD  OE2  sing N N 104 
GLU OE2 HE2  sing N N 105 
GLU OXT HXT  sing N N 106 
GLY N   CA   sing N N 107 
GLY N   H    sing N N 108 
GLY N   H2   sing N N 109 
GLY CA  C    sing N N 110 
GLY CA  HA2  sing N N 111 
GLY CA  HA3  sing N N 112 
GLY C   O    doub N N 113 
GLY C   OXT  sing N N 114 
GLY OXT HXT  sing N N 115 
HOH O   H1   sing N N 116 
HOH O   H2   sing N N 117 
ILE N   CA   sing N N 118 
ILE N   H    sing N N 119 
ILE N   H2   sing N N 120 
ILE CA  C    sing N N 121 
ILE CA  CB   sing N N 122 
ILE CA  HA   sing N N 123 
ILE C   O    doub N N 124 
ILE C   OXT  sing N N 125 
ILE CB  CG1  sing N N 126 
ILE CB  CG2  sing N N 127 
ILE CB  HB   sing N N 128 
ILE CG1 CD1  sing N N 129 
ILE CG1 HG12 sing N N 130 
ILE CG1 HG13 sing N N 131 
ILE CG2 HG21 sing N N 132 
ILE CG2 HG22 sing N N 133 
ILE CG2 HG23 sing N N 134 
ILE CD1 HD11 sing N N 135 
ILE CD1 HD12 sing N N 136 
ILE CD1 HD13 sing N N 137 
ILE OXT HXT  sing N N 138 
LEU N   CA   sing N N 139 
LEU N   H    sing N N 140 
LEU N   H2   sing N N 141 
LEU CA  C    sing N N 142 
LEU CA  CB   sing N N 143 
LEU CA  HA   sing N N 144 
LEU C   O    doub N N 145 
LEU C   OXT  sing N N 146 
LEU CB  CG   sing N N 147 
LEU CB  HB2  sing N N 148 
LEU CB  HB3  sing N N 149 
LEU CG  CD1  sing N N 150 
LEU CG  CD2  sing N N 151 
LEU CG  HG   sing N N 152 
LEU CD1 HD11 sing N N 153 
LEU CD1 HD12 sing N N 154 
LEU CD1 HD13 sing N N 155 
LEU CD2 HD21 sing N N 156 
LEU CD2 HD22 sing N N 157 
LEU CD2 HD23 sing N N 158 
LEU OXT HXT  sing N N 159 
LYS N   CA   sing N N 160 
LYS N   H    sing N N 161 
LYS N   H2   sing N N 162 
LYS CA  C    sing N N 163 
LYS CA  CB   sing N N 164 
LYS CA  HA   sing N N 165 
LYS C   O    doub N N 166 
LYS C   OXT  sing N N 167 
LYS CB  CG   sing N N 168 
LYS CB  HB2  sing N N 169 
LYS CB  HB3  sing N N 170 
LYS CG  CD   sing N N 171 
LYS CG  HG2  sing N N 172 
LYS CG  HG3  sing N N 173 
LYS CD  CE   sing N N 174 
LYS CD  HD2  sing N N 175 
LYS CD  HD3  sing N N 176 
LYS CE  NZ   sing N N 177 
LYS CE  HE2  sing N N 178 
LYS CE  HE3  sing N N 179 
LYS NZ  HZ1  sing N N 180 
LYS NZ  HZ2  sing N N 181 
LYS NZ  HZ3  sing N N 182 
LYS OXT HXT  sing N N 183 
MET N   CA   sing N N 184 
MET N   H    sing N N 185 
MET N   H2   sing N N 186 
MET CA  C    sing N N 187 
MET CA  CB   sing N N 188 
MET CA  HA   sing N N 189 
MET C   O    doub N N 190 
MET C   OXT  sing N N 191 
MET CB  CG   sing N N 192 
MET CB  HB2  sing N N 193 
MET CB  HB3  sing N N 194 
MET CG  SD   sing N N 195 
MET CG  HG2  sing N N 196 
MET CG  HG3  sing N N 197 
MET SD  CE   sing N N 198 
MET CE  HE1  sing N N 199 
MET CE  HE2  sing N N 200 
MET CE  HE3  sing N N 201 
MET OXT HXT  sing N N 202 
PHE N   CA   sing N N 203 
PHE N   H    sing N N 204 
PHE N   H2   sing N N 205 
PHE CA  C    sing N N 206 
PHE CA  CB   sing N N 207 
PHE CA  HA   sing N N 208 
PHE C   O    doub N N 209 
PHE C   OXT  sing N N 210 
PHE CB  CG   sing N N 211 
PHE CB  HB2  sing N N 212 
PHE CB  HB3  sing N N 213 
PHE CG  CD1  doub Y N 214 
PHE CG  CD2  sing Y N 215 
PHE CD1 CE1  sing Y N 216 
PHE CD1 HD1  sing N N 217 
PHE CD2 CE2  doub Y N 218 
PHE CD2 HD2  sing N N 219 
PHE CE1 CZ   doub Y N 220 
PHE CE1 HE1  sing N N 221 
PHE CE2 CZ   sing Y N 222 
PHE CE2 HE2  sing N N 223 
PHE CZ  HZ   sing N N 224 
PHE OXT HXT  sing N N 225 
PLM C1  O1   sing N N 226 
PLM C1  O2   doub N N 227 
PLM C1  C2   sing N N 228 
PLM O1  H    sing N N 229 
PLM C2  C3   sing N N 230 
PLM C2  H21  sing N N 231 
PLM C2  H22  sing N N 232 
PLM C3  C4   sing N N 233 
PLM C3  H31  sing N N 234 
PLM C3  H32  sing N N 235 
PLM C4  C5   sing N N 236 
PLM C4  H41  sing N N 237 
PLM C4  H42  sing N N 238 
PLM C5  C6   sing N N 239 
PLM C5  H51  sing N N 240 
PLM C5  H52  sing N N 241 
PLM C6  C7   sing N N 242 
PLM C6  H61  sing N N 243 
PLM C6  H62  sing N N 244 
PLM C7  C8   sing N N 245 
PLM C7  H71  sing N N 246 
PLM C7  H72  sing N N 247 
PLM C8  C9   sing N N 248 
PLM C8  H81  sing N N 249 
PLM C8  H82  sing N N 250 
PLM C9  CA   sing N N 251 
PLM C9  H91  sing N N 252 
PLM C9  H92  sing N N 253 
PLM CA  CB   sing N N 254 
PLM CA  HA1  sing N N 255 
PLM CA  HA2  sing N N 256 
PLM CB  CC   sing N N 257 
PLM CB  HB1  sing N N 258 
PLM CB  HB2  sing N N 259 
PLM CC  CD   sing N N 260 
PLM CC  HC1  sing N N 261 
PLM CC  HC2  sing N N 262 
PLM CD  CE   sing N N 263 
PLM CD  HD1  sing N N 264 
PLM CD  HD2  sing N N 265 
PLM CE  CF   sing N N 266 
PLM CE  HE1  sing N N 267 
PLM CE  HE2  sing N N 268 
PLM CF  CG   sing N N 269 
PLM CF  HF1  sing N N 270 
PLM CF  HF2  sing N N 271 
PLM CG  HG1  sing N N 272 
PLM CG  HG2  sing N N 273 
PLM CG  HG3  sing N N 274 
PRO N   CA   sing N N 275 
PRO N   CD   sing N N 276 
PRO N   H    sing N N 277 
PRO CA  C    sing N N 278 
PRO CA  CB   sing N N 279 
PRO CA  HA   sing N N 280 
PRO C   O    doub N N 281 
PRO C   OXT  sing N N 282 
PRO CB  CG   sing N N 283 
PRO CB  HB2  sing N N 284 
PRO CB  HB3  sing N N 285 
PRO CG  CD   sing N N 286 
PRO CG  HG2  sing N N 287 
PRO CG  HG3  sing N N 288 
PRO CD  HD2  sing N N 289 
PRO CD  HD3  sing N N 290 
PRO OXT HXT  sing N N 291 
SER N   CA   sing N N 292 
SER N   H    sing N N 293 
SER N   H2   sing N N 294 
SER CA  C    sing N N 295 
SER CA  CB   sing N N 296 
SER CA  HA   sing N N 297 
SER C   O    doub N N 298 
SER C   OXT  sing N N 299 
SER CB  OG   sing N N 300 
SER CB  HB2  sing N N 301 
SER CB  HB3  sing N N 302 
SER OG  HG   sing N N 303 
SER OXT HXT  sing N N 304 
THR N   CA   sing N N 305 
THR N   H    sing N N 306 
THR N   H2   sing N N 307 
THR CA  C    sing N N 308 
THR CA  CB   sing N N 309 
THR CA  HA   sing N N 310 
THR C   O    doub N N 311 
THR C   OXT  sing N N 312 
THR CB  OG1  sing N N 313 
THR CB  CG2  sing N N 314 
THR CB  HB   sing N N 315 
THR OG1 HG1  sing N N 316 
THR CG2 HG21 sing N N 317 
THR CG2 HG22 sing N N 318 
THR CG2 HG23 sing N N 319 
THR OXT HXT  sing N N 320 
TRP N   CA   sing N N 321 
TRP N   H    sing N N 322 
TRP N   H2   sing N N 323 
TRP CA  C    sing N N 324 
TRP CA  CB   sing N N 325 
TRP CA  HA   sing N N 326 
TRP C   O    doub N N 327 
TRP C   OXT  sing N N 328 
TRP CB  CG   sing N N 329 
TRP CB  HB2  sing N N 330 
TRP CB  HB3  sing N N 331 
TRP CG  CD1  doub Y N 332 
TRP CG  CD2  sing Y N 333 
TRP CD1 NE1  sing Y N 334 
TRP CD1 HD1  sing N N 335 
TRP CD2 CE2  doub Y N 336 
TRP CD2 CE3  sing Y N 337 
TRP NE1 CE2  sing Y N 338 
TRP NE1 HE1  sing N N 339 
TRP CE2 CZ2  sing Y N 340 
TRP CE3 CZ3  doub Y N 341 
TRP CE3 HE3  sing N N 342 
TRP CZ2 CH2  doub Y N 343 
TRP CZ2 HZ2  sing N N 344 
TRP CZ3 CH2  sing Y N 345 
TRP CZ3 HZ3  sing N N 346 
TRP CH2 HH2  sing N N 347 
TRP OXT HXT  sing N N 348 
VAL N   CA   sing N N 349 
VAL N   H    sing N N 350 
VAL N   H2   sing N N 351 
VAL CA  C    sing N N 352 
VAL CA  CB   sing N N 353 
VAL CA  HA   sing N N 354 
VAL C   O    doub N N 355 
VAL C   OXT  sing N N 356 
VAL CB  CG1  sing N N 357 
VAL CB  CG2  sing N N 358 
VAL CB  HB   sing N N 359 
VAL CG1 HG11 sing N N 360 
VAL CG1 HG12 sing N N 361 
VAL CG1 HG13 sing N N 362 
VAL CG2 HG21 sing N N 363 
VAL CG2 HG22 sing N N 364 
VAL CG2 HG23 sing N N 365 
VAL OXT HXT  sing N N 366 
# 
_atom_sites.entry_id                    3BDQ 
_atom_sites.fract_transf_matrix[1][1]   -0.02115406 
_atom_sites.fract_transf_matrix[1][2]   0.00912327 
_atom_sites.fract_transf_matrix[1][3]   -0.00617822 
_atom_sites.fract_transf_matrix[2][1]   0.00595298 
_atom_sites.fract_transf_matrix[2][2]   0.01607577 
_atom_sites.fract_transf_matrix[2][3]   0.00335597 
_atom_sites.fract_transf_matrix[3][1]   -0.00205807 
_atom_sites.fract_transf_matrix[3][2]   0.00529967 
_atom_sites.fract_transf_matrix[3][3]   -0.02173577 
_atom_sites.fract_transf_vector[1]      0.208984 
_atom_sites.fract_transf_vector[2]      0.010991 
_atom_sites.fract_transf_vector[3]      0.339593 
# 
loop_
_atom_type.symbol 
C 
N 
O 
S 
# 
loop_
_atom_site.group_PDB 
_atom_site.id 
_atom_site.type_symbol 
_atom_site.label_atom_id 
_atom_site.label_alt_id 
_atom_site.label_comp_id 
_atom_site.label_asym_id 
_atom_site.label_entity_id 
_atom_site.label_seq_id 
_atom_site.pdbx_PDB_ins_code 
_atom_site.Cartn_x 
_atom_site.Cartn_y 
_atom_site.Cartn_z 
_atom_site.occupancy 
_atom_site.B_iso_or_equiv 
_atom_site.pdbx_formal_charge 
_atom_site.auth_seq_id 
_atom_site.auth_comp_id 
_atom_site.auth_asym_id 
_atom_site.auth_atom_id 
_atom_site.pdbx_PDB_model_num 
ATOM   1    N N   . GLY A 1 3   ? -21.919 -7.193  19.938  1.00 27.11 ? -2  GLY A N   1 
ATOM   2    C CA  . GLY A 1 3   ? -20.744 -7.050  20.849  1.00 27.37 ? -2  GLY A CA  1 
ATOM   3    C C   . GLY A 1 3   ? -19.437 -7.472  20.195  1.00 27.56 ? -2  GLY A C   1 
ATOM   4    O O   . GLY A 1 3   ? -19.434 -8.015  19.086  1.00 28.33 ? -2  GLY A O   1 
ATOM   5    N N   . ILE A 1 4   ? -18.329 -7.233  20.894  1.00 26.75 ? -1  ILE A N   1 
ATOM   6    C CA  . ILE A 1 4   ? -16.986 -7.490  20.369  1.00 26.68 ? -1  ILE A CA  1 
ATOM   7    C C   . ILE A 1 4   ? -16.780 -8.929  19.877  1.00 26.73 ? -1  ILE A C   1 
ATOM   8    O O   . ILE A 1 4   ? -16.275 -9.139  18.778  1.00 26.81 ? -1  ILE A O   1 
ATOM   9    C CB  . ILE A 1 4   ? -15.889 -7.088  21.394  1.00 26.50 ? -1  ILE A CB  1 
ATOM   10   C CG1 . ILE A 1 4   ? -15.898 -5.571  21.603  1.00 26.51 ? -1  ILE A CG1 1 
ATOM   11   C CG2 . ILE A 1 4   ? -14.502 -7.558  20.941  1.00 26.38 ? -1  ILE A CG2 1 
ATOM   12   C CD1 . ILE A 1 4   ? -14.867 -5.071  22.610  1.00 26.36 ? -1  ILE A CD1 1 
ATOM   13   N N   . ARG A 1 5   ? -17.195 -9.915  20.669  1.00 26.44 ? 0   ARG A N   1 
ATOM   14   C CA  . ARG A 1 5   ? -16.958 -11.314 20.316  1.00 26.20 ? 0   ARG A CA  1 
ATOM   15   C C   . ARG A 1 5   ? -17.707 -11.753 19.062  1.00 25.68 ? 0   ARG A C   1 
ATOM   16   O O   . ARG A 1 5   ? -17.157 -12.458 18.224  1.00 25.46 ? 0   ARG A O   1 
ATOM   17   C CB  . ARG A 1 5   ? -17.325 -12.247 21.465  1.00 27.31 ? 0   ARG A CB  1 
ATOM   18   C CG  . ARG A 1 5   ? -16.869 -13.680 21.236  1.00 28.14 ? 0   ARG A CG  1 
ATOM   19   C CD  . ARG A 1 5   ? -15.354 -13.794 21.393  1.00 29.46 ? 0   ARG A CD  1 
ATOM   20   N NE  . ARG A 1 5   ? -14.914 -15.184 21.497  1.00 29.95 ? 0   ARG A NE  1 
ATOM   21   C CZ  . ARG A 1 5   ? -14.293 -15.847 20.526  1.00 30.24 ? 0   ARG A CZ  1 
ATOM   22   N NH1 . ARG A 1 5   ? -13.939 -17.110 20.717  1.00 30.09 ? 0   ARG A NH1 1 
ATOM   23   N NH2 . ARG A 1 5   ? -14.024 -15.248 19.365  1.00 30.13 ? 0   ARG A NH2 1 
ATOM   24   N N   . MET A 1 6   ? -18.972 -11.362 18.946  1.00 25.33 ? 1   MET A N   1 
ATOM   25   C CA  . MET A 1 6   ? -19.731 -11.680 17.750  1.00 25.16 ? 1   MET A CA  1 
ATOM   26   C C   . MET A 1 6   ? -19.094 -10.997 16.543  1.00 23.29 ? 1   MET A C   1 
ATOM   27   O O   . MET A 1 6   ? -18.967 -11.590 15.478  1.00 22.91 ? 1   MET A O   1 
ATOM   28   C CB  . MET A 1 6   ? -21.188 -11.252 17.900  1.00 25.96 ? 1   MET A CB  1 
ATOM   29   C CG  . MET A 1 6   ? -22.083 -11.792 16.807  1.00 26.78 ? 1   MET A CG  1 
ATOM   30   S SD  . MET A 1 6   ? -23.772 -11.197 16.960  1.00 27.76 ? 1   MET A SD  1 
ATOM   31   C CE  . MET A 1 6   ? -24.397 -11.568 15.324  1.00 26.91 ? 1   MET A CE  1 
ATOM   32   N N   . SER A 1 7   ? -18.678 -9.747  16.722  1.00 22.13 ? 2   SER A N   1 
ATOM   33   C CA  . SER A 1 7   ? -18.067 -8.988  15.635  1.00 20.96 ? 2   SER A CA  1 
ATOM   34   C C   . SER A 1 7   ? -16.769 -9.633  15.166  1.00 18.85 ? 2   SER A C   1 
ATOM   35   O O   . SER A 1 7   ? -16.534 -9.803  13.963  1.00 19.20 ? 2   SER A O   1 
ATOM   36   C CB  . SER A 1 7   ? -17.813 -7.561  16.081  1.00 21.29 ? 2   SER A CB  1 
ATOM   37   O OG  . SER A 1 7   ? -19.049 -6.884  16.204  1.00 22.87 ? 2   SER A OG  1 
ATOM   38   N N   . VAL A 1 8   ? -15.919 -9.996  16.115  1.00 16.90 ? 3   VAL A N   1 
ATOM   39   C CA  . VAL A 1 8   ? -14.656 -10.645 15.772  1.00 15.19 ? 3   VAL A CA  1 
ATOM   40   C C   . VAL A 1 8   ? -14.925 -11.977 15.054  1.00 15.03 ? 3   VAL A C   1 
ATOM   41   O O   . VAL A 1 8   ? -14.353 -12.269 13.991  1.00 12.71 ? 3   VAL A O   1 
ATOM   42   C CB  . VAL A 1 8   ? -13.824 -10.861 17.048  1.00 15.71 ? 3   VAL A CB  1 
ATOM   43   C CG1 . VAL A 1 8   ? -12.656 -11.815 16.796  1.00 15.97 ? 3   VAL A CG1 1 
ATOM   44   C CG2 . VAL A 1 8   ? -13.352 -9.502  17.596  1.00 14.97 ? 3   VAL A CG2 1 
ATOM   45   N N   . GLU A 1 9   ? -15.826 -12.772 15.629  1.00 14.67 ? 4   GLU A N   1 
ATOM   46   C CA  . GLU A 1 9   ? -16.163 -14.080 15.066  1.00 16.38 ? 4   GLU A CA  1 
ATOM   47   C C   . GLU A 1 9   ? -16.657 -13.972 13.619  1.00 15.96 ? 4   GLU A C   1 
ATOM   48   O O   . GLU A 1 9   ? -16.284 -14.770 12.745  1.00 15.75 ? 4   GLU A O   1 
ATOM   49   C CB  . GLU A 1 9   ? -17.234 -14.744 15.925  1.00 17.66 ? 4   GLU A CB  1 
ATOM   50   C CG  . GLU A 1 9   ? -17.035 -16.216 16.051  1.00 20.91 ? 4   GLU A CG  1 
ATOM   51   C CD  . GLU A 1 9   ? -18.182 -16.901 16.753  1.00 22.52 ? 4   GLU A CD  1 
ATOM   52   O OE1 . GLU A 1 9   ? -18.739 -17.858 16.165  1.00 23.24 ? 4   GLU A OE1 1 
ATOM   53   O OE2 . GLU A 1 9   ? -18.523 -16.480 17.883  1.00 23.38 ? 4   GLU A OE2 1 
ATOM   54   N N   . THR A 1 10  ? -17.506 -12.980 13.385  1.00 15.17 ? 5   THR A N   1 
ATOM   55   C CA  . THR A 1 10  ? -18.035 -12.687 12.062  1.00 16.44 ? 5   THR A CA  1 
ATOM   56   C C   . THR A 1 10  ? -16.928 -12.358 11.059  1.00 15.91 ? 5   THR A C   1 
ATOM   57   O O   . THR A 1 10  ? -16.892 -12.909 9.951   1.00 15.95 ? 5   THR A O   1 
ATOM   58   C CB  . THR A 1 10  ? -19.026 -11.514 12.130  1.00 17.15 ? 5   THR A CB  1 
ATOM   59   O OG1 . THR A 1 10  ? -20.169 -11.911 12.906  1.00 17.96 ? 5   THR A OG1 1 
ATOM   60   C CG2 . THR A 1 10  ? -19.484 -11.091 10.720  1.00 18.07 ? 5   THR A CG2 1 
ATOM   61   N N   . ILE A 1 11  ? -16.018 -11.469 11.435  1.00 14.73 ? 6   ILE A N   1 
ATOM   62   C CA  . ILE A 1 11  ? -14.946 -11.088 10.509  1.00 13.91 ? 6   ILE A CA  1 
ATOM   63   C C   . ILE A 1 11  ? -14.031 -12.293 10.209  1.00 13.26 ? 6   ILE A C   1 
ATOM   64   O O   . ILE A 1 11  ? -13.720 -12.585 9.055   1.00 11.24 ? 6   ILE A O   1 
ATOM   65   C CB  A ILE A 1 11  ? -14.207 -9.784  10.951  0.65 14.53 ? 6   ILE A CB  1 
ATOM   66   C CB  B ILE A 1 11  ? -14.062 -9.969  11.100  0.35 14.41 ? 6   ILE A CB  1 
ATOM   67   C CG1 A ILE A 1 11  ? -13.597 -9.073  9.735   0.65 13.84 ? 6   ILE A CG1 1 
ATOM   68   C CG1 B ILE A 1 11  ? -14.783 -8.626  11.060  0.35 14.26 ? 6   ILE A CG1 1 
ATOM   69   C CG2 A ILE A 1 11  ? -13.177 -10.053 12.035  0.65 14.28 ? 6   ILE A CG2 1 
ATOM   70   C CG2 B ILE A 1 11  ? -12.737 -9.850  10.340  0.35 14.14 ? 6   ILE A CG2 1 
ATOM   71   C CD1 A ILE A 1 11  ? -14.559 -8.948  8.562   0.65 14.36 ? 6   ILE A CD1 1 
ATOM   72   C CD1 B ILE A 1 11  ? -13.922 -7.480  11.550  0.35 14.73 ? 6   ILE A CD1 1 
ATOM   73   N N   . ILE A 1 12  ? -13.667 -13.043 11.241  1.00 12.00 ? 7   ILE A N   1 
ATOM   74   C CA  . ILE A 1 12  ? -12.851 -14.240 11.037  1.00 12.17 ? 7   ILE A CA  1 
ATOM   75   C C   . ILE A 1 12  ? -13.540 -15.315 10.157  1.00 12.41 ? 7   ILE A C   1 
ATOM   76   O O   . ILE A 1 12  ? -12.931 -15.877 9.244   1.00 12.69 ? 7   ILE A O   1 
ATOM   77   C CB  . ILE A 1 12  ? -12.381 -14.821 12.372  1.00 12.47 ? 7   ILE A CB  1 
ATOM   78   C CG1 . ILE A 1 12  ? -11.434 -13.820 13.073  1.00 12.81 ? 7   ILE A CG1 1 
ATOM   79   C CG2 . ILE A 1 12  ? -11.702 -16.168 12.163  1.00 12.60 ? 7   ILE A CG2 1 
ATOM   80   C CD1 . ILE A 1 12  ? -10.288 -13.311 12.169  1.00 13.48 ? 7   ILE A CD1 1 
ATOM   81   N N   . GLU A 1 13  ? -14.815 -15.590 10.400  1.00 12.71 ? 8   GLU A N   1 
ATOM   82   C CA  . GLU A 1 13  ? -15.528 -16.513 9.522   1.00 12.42 ? 8   GLU A CA  1 
ATOM   83   C C   . GLU A 1 13  ? -15.575 -16.030 8.063   1.00 10.96 ? 8   GLU A C   1 
ATOM   84   O O   . GLU A 1 13  ? -15.546 -16.831 7.123   1.00 9.73  ? 8   GLU A O   1 
ATOM   85   C CB  . GLU A 1 13  ? -16.931 -16.814 10.057  1.00 15.12 ? 8   GLU A CB  1 
ATOM   86   C CG  . GLU A 1 13  ? -16.935 -17.680 11.328  1.00 19.03 ? 8   GLU A CG  1 
ATOM   87   C CD  . GLU A 1 13  ? -16.350 -19.083 11.140  1.00 22.00 ? 8   GLU A CD  1 
ATOM   88   O OE1 . GLU A 1 13  ? -15.548 -19.509 12.006  1.00 24.47 ? 8   GLU A OE1 1 
ATOM   89   O OE2 . GLU A 1 13  ? -16.685 -19.784 10.148  1.00 23.60 ? 8   GLU A OE2 1 
ATOM   90   N N   . ARG A 1 14  ? -15.656 -14.723 7.866   1.00 10.52 ? 9   ARG A N   1 
ATOM   91   C CA  . ARG A 1 14  ? -15.681 -14.178 6.508   1.00 10.94 ? 9   ARG A CA  1 
ATOM   92   C C   . ARG A 1 14  ? -14.317 -14.349 5.845   1.00 11.44 ? 9   ARG A C   1 
ATOM   93   O O   . ARG A 1 14  ? -14.230 -14.681 4.661   1.00 12.05 ? 9   ARG A O   1 
ATOM   94   C CB  . ARG A 1 14  ? -16.101 -12.707 6.510   1.00 11.40 ? 9   ARG A CB  1 
ATOM   95   C CG  . ARG A 1 14  ? -17.602 -12.500 6.722   1.00 11.59 ? 9   ARG A CG  1 
ATOM   96   C CD  . ARG A 1 14  ? -17.948 -11.025 6.745   1.00 11.78 ? 9   ARG A CD  1 
ATOM   97   N NE  . ARG A 1 14  ? -19.293 -10.829 7.272   1.00 11.50 ? 9   ARG A NE  1 
ATOM   98   C CZ  . ARG A 1 14  ? -19.908 -9.656  7.388   1.00 11.45 ? 9   ARG A CZ  1 
ATOM   99   N NH1 . ARG A 1 14  ? -21.143 -9.615  7.879   1.00 9.95  ? 9   ARG A NH1 1 
ATOM   100  N NH2 . ARG A 1 14  ? -19.313 -8.535  6.982   1.00 11.03 ? 9   ARG A NH2 1 
ATOM   101  N N   . ILE A 1 15  ? -13.249 -14.129 6.603   1.00 10.47 ? 10  ILE A N   1 
ATOM   102  C CA  . ILE A 1 15  ? -11.894 -14.360 6.067   1.00 10.97 ? 10  ILE A CA  1 
ATOM   103  C C   . ILE A 1 15  ? -11.688 -15.846 5.751   1.00 11.72 ? 10  ILE A C   1 
ATOM   104  O O   . ILE A 1 15  ? -11.163 -16.208 4.685   1.00 12.63 ? 10  ILE A O   1 
ATOM   105  C CB  . ILE A 1 15  ? -10.804 -13.841 7.018   1.00 11.18 ? 10  ILE A CB  1 
ATOM   106  C CG1 . ILE A 1 15  ? -10.841 -12.317 7.088   1.00 11.07 ? 10  ILE A CG1 1 
ATOM   107  C CG2 . ILE A 1 15  ? -9.404  -14.336 6.599   1.00 10.09 ? 10  ILE A CG2 1 
ATOM   108  C CD1 . ILE A 1 15  ? -9.833  -11.748 8.089   1.00 12.95 ? 10  ILE A CD1 1 
ATOM   109  N N   . LYS A 1 16  ? -12.119 -16.711 6.669   1.00 11.49 ? 11  LYS A N   1 
ATOM   110  C CA  . LYS A 1 16  ? -12.025 -18.146 6.457   1.00 11.63 ? 11  LYS A CA  1 
ATOM   111  C C   . LYS A 1 16  ? -12.774 -18.607 5.185   1.00 11.71 ? 11  LYS A C   1 
ATOM   112  O O   . LYS A 1 16  ? -12.280 -19.449 4.458   1.00 11.27 ? 11  LYS A O   1 
ATOM   113  C CB  . LYS A 1 16  ? -12.548 -18.900 7.678   1.00 12.58 ? 11  LYS A CB  1 
ATOM   114  C CG  . LYS A 1 16  ? -11.610 -18.848 8.867   1.00 13.15 ? 11  LYS A CG  1 
ATOM   115  C CD  . LYS A 1 16  ? -11.962 -19.901 9.900   1.00 15.27 ? 11  LYS A CD  1 
ATOM   116  C CE  . LYS A 1 16  ? -11.251 -19.594 11.206  1.00 15.68 ? 11  LYS A CE  1 
ATOM   117  N NZ  . LYS A 1 16  ? -11.405 -20.696 12.178  1.00 16.82 ? 11  LYS A NZ  1 
ATOM   118  N N   . ALA A 1 17  ? -13.955 -18.042 4.927   1.00 10.84 ? 12  ALA A N   1 
ATOM   119  C CA  . ALA A 1 17  ? -14.723 -18.352 3.717   1.00 12.01 ? 12  ALA A CA  1 
ATOM   120  C C   . ALA A 1 17  ? -14.000 -17.933 2.428   1.00 12.48 ? 12  ALA A C   1 
ATOM   121  O O   . ALA A 1 17  ? -13.939 -18.693 1.441   1.00 10.89 ? 12  ALA A O   1 
ATOM   122  C CB  . ALA A 1 17  ? -16.100 -17.696 3.790   1.00 11.78 ? 12  ALA A CB  1 
ATOM   123  N N   . ARG A 1 18  ? -13.469 -16.717 2.417   1.00 12.07 ? 13  ARG A N   1 
ATOM   124  C CA  . ARG A 1 18  ? -12.685 -16.272 1.265   1.00 13.37 ? 13  ARG A CA  1 
ATOM   125  C C   . ARG A 1 18  ? -11.427 -17.097 1.016   1.00 13.28 ? 13  ARG A C   1 
ATOM   126  O O   . ARG A 1 18  ? -11.119 -17.421 -0.129  1.00 13.56 ? 13  ARG A O   1 
ATOM   127  C CB  . ARG A 1 18  ? -12.344 -14.783 1.385   1.00 13.47 ? 13  ARG A CB  1 
ATOM   128  C CG  . ARG A 1 18  ? -13.614 -13.970 1.428   1.00 15.97 ? 13  ARG A CG  1 
ATOM   129  C CD  . ARG A 1 18  ? -13.478 -12.597 0.860   1.00 16.94 ? 13  ARG A CD  1 
ATOM   130  N NE  . ARG A 1 18  ? -12.816 -12.547 -0.442  1.00 16.82 ? 13  ARG A NE  1 
ATOM   131  C CZ  . ARG A 1 18  ? -12.442 -11.395 -0.982  1.00 16.53 ? 13  ARG A CZ  1 
ATOM   132  N NH1 . ARG A 1 18  ? -11.833 -11.350 -2.156  1.00 15.94 ? 13  ARG A NH1 1 
ATOM   133  N NH2 . ARG A 1 18  ? -12.685 -10.281 -0.315  1.00 16.80 ? 13  ARG A NH2 1 
ATOM   134  N N   . VAL A 1 19  ? -10.695 -17.428 2.074   1.00 12.53 ? 14  VAL A N   1 
ATOM   135  C CA  . VAL A 1 19  ? -9.503  -18.265 1.912   1.00 12.70 ? 14  VAL A CA  1 
ATOM   136  C C   . VAL A 1 19  ? -9.870  -19.665 1.383   1.00 14.92 ? 14  VAL A C   1 
ATOM   137  O O   . VAL A 1 19  ? -9.167  -20.231 0.531   1.00 14.70 ? 14  VAL A O   1 
ATOM   138  C CB  . VAL A 1 19  ? -8.718  -18.373 3.224   1.00 11.96 ? 14  VAL A CB  1 
ATOM   139  C CG1 . VAL A 1 19  ? -7.629  -19.443 3.108   1.00 11.90 ? 14  VAL A CG1 1 
ATOM   140  C CG2 . VAL A 1 19  ? -8.115  -17.004 3.603   1.00 11.34 ? 14  VAL A CG2 1 
ATOM   141  N N   . GLY A 1 20  ? -10.979 -20.214 1.874   1.00 16.07 ? 15  GLY A N   1 
ATOM   142  C CA  . GLY A 1 20  ? -11.430 -21.540 1.446   1.00 18.71 ? 15  GLY A CA  1 
ATOM   143  C C   . GLY A 1 20  ? -11.936 -21.577 0.011   1.00 20.41 ? 15  GLY A C   1 
ATOM   144  O O   . GLY A 1 20  ? -12.063 -22.645 -0.588  1.00 19.30 ? 15  GLY A O   1 
ATOM   145  N N   . ALA A 1 21  ? -12.213 -20.399 -0.537  1.00 22.52 ? 16  ALA A N   1 
ATOM   146  C CA  . ALA A 1 21  ? -12.790 -20.271 -1.868  1.00 24.35 ? 16  ALA A CA  1 
ATOM   147  C C   . ALA A 1 21  ? -11.714 -20.232 -2.946  1.00 25.70 ? 16  ALA A C   1 
ATOM   148  O O   . ALA A 1 21  ? -12.013 -20.381 -4.131  1.00 26.60 ? 16  ALA A O   1 
ATOM   149  C CB  . ALA A 1 21  ? -13.648 -19.026 -1.950  1.00 25.24 ? 16  ALA A CB  1 
ATOM   150  N N   . VAL A 1 22  ? -10.473 -20.035 -2.532  1.00 26.01 ? 17  VAL A N   1 
ATOM   151  C CA  . VAL A 1 22  ? -9.357  -20.015 -3.470  1.00 27.32 ? 17  VAL A CA  1 
ATOM   152  C C   . VAL A 1 22  ? -9.084  -21.396 -4.038  1.00 27.95 ? 17  VAL A C   1 
ATOM   153  O O   . VAL A 1 22  ? -9.051  -22.388 -3.309  1.00 28.37 ? 17  VAL A O   1 
ATOM   154  C CB  . VAL A 1 22  ? -8.080  -19.480 -2.803  1.00 27.32 ? 17  VAL A CB  1 
ATOM   155  C CG1 . VAL A 1 22  ? -6.929  -19.396 -3.798  1.00 27.66 ? 17  VAL A CG1 1 
ATOM   156  C CG2 . VAL A 1 22  ? -8.343  -18.117 -2.197  1.00 27.78 ? 17  VAL A CG2 1 
ATOM   157  N N   . ASP A 1 23  ? -8.914  -21.450 -5.353  1.00 28.43 ? 18  ASP A N   1 
ATOM   158  C CA  . ASP A 1 23  ? -8.445  -22.653 -6.032  1.00 29.01 ? 18  ASP A CA  1 
ATOM   159  C C   . ASP A 1 23  ? -6.925  -22.758 -5.892  1.00 29.22 ? 18  ASP A C   1 
ATOM   160  O O   . ASP A 1 23  ? -6.180  -21.948 -6.456  1.00 29.66 ? 18  ASP A O   1 
ATOM   161  C CB  . ASP A 1 23  ? -8.866  -22.620 -7.500  1.00 29.07 ? 18  ASP A CB  1 
ATOM   162  C CG  . ASP A 1 23  ? -8.409  -23.844 -8.277  1.00 29.09 ? 18  ASP A CG  1 
ATOM   163  O OD1 . ASP A 1 23  ? -8.841  -23.977 -9.439  1.00 29.11 ? 18  ASP A OD1 1 
ATOM   164  O OD2 . ASP A 1 23  ? -7.622  -24.665 -7.748  1.00 28.70 ? 18  ASP A OD2 1 
ATOM   165  N N   . PRO A 1 24  ? -6.457  -23.766 -5.134  1.00 29.50 ? 19  PRO A N   1 
ATOM   166  C CA  . PRO A 1 24  ? -5.041  -23.884 -4.786  1.00 30.14 ? 19  PRO A CA  1 
ATOM   167  C C   . PRO A 1 24  ? -4.165  -24.023 -6.026  1.00 30.65 ? 19  PRO A C   1 
ATOM   168  O O   . PRO A 1 24  ? -3.012  -23.574 -6.028  1.00 31.54 ? 19  PRO A O   1 
ATOM   169  C CB  . PRO A 1 24  ? -4.986  -25.181 -3.970  1.00 30.18 ? 19  PRO A CB  1 
ATOM   170  C CG  . PRO A 1 24  ? -6.376  -25.419 -3.515  1.00 29.92 ? 19  PRO A CG  1 
ATOM   171  C CD  . PRO A 1 24  ? -7.255  -24.873 -4.588  1.00 29.58 ? 19  PRO A CD  1 
ATOM   172  N N   . ASN A 1 25  ? -4.720  -24.626 -7.075  1.00 29.81 ? 20  ASN A N   1 
ATOM   173  C CA  . ASN A 1 25  ? -3.984  -24.845 -8.311  1.00 29.82 ? 20  ASN A CA  1 
ATOM   174  C C   . ASN A 1 25  ? -4.252  -23.795 -9.378  1.00 29.05 ? 20  ASN A C   1 
ATOM   175  O O   . ASN A 1 25  ? -3.566  -23.760 -10.404 1.00 29.14 ? 20  ASN A O   1 
ATOM   176  C CB  . ASN A 1 25  ? -4.299  -26.234 -8.864  1.00 30.10 ? 20  ASN A CB  1 
ATOM   177  C CG  . ASN A 1 25  ? -3.981  -27.331 -7.872  1.00 30.53 ? 20  ASN A CG  1 
ATOM   178  O OD1 . ASN A 1 25  ? -2.885  -27.364 -7.307  1.00 30.58 ? 20  ASN A OD1 1 
ATOM   179  N ND2 . ASN A 1 25  ? -4.940  -28.233 -7.648  1.00 30.59 ? 20  ASN A ND2 1 
ATOM   180  N N   . GLY A 1 26  ? -5.252  -22.951 -9.144  1.00 27.32 ? 21  GLY A N   1 
ATOM   181  C CA  . GLY A 1 26  ? -5.587  -21.888 -10.086 1.00 25.61 ? 21  GLY A CA  1 
ATOM   182  C C   . GLY A 1 26  ? -4.571  -20.766 -10.017 1.00 23.99 ? 21  GLY A C   1 
ATOM   183  O O   . GLY A 1 26  ? -3.645  -20.821 -9.206  1.00 23.96 ? 21  GLY A O   1 
ATOM   184  N N   . PRO A 1 27  ? -4.717  -19.756 -10.888 1.00 23.04 ? 22  PRO A N   1 
ATOM   185  C CA  . PRO A 1 27  ? -3.858  -18.578 -10.882 1.00 22.17 ? 22  PRO A CA  1 
ATOM   186  C C   . PRO A 1 27  ? -3.856  -17.897 -9.518  1.00 21.67 ? 22  PRO A C   1 
ATOM   187  O O   . PRO A 1 27  ? -4.917  -17.698 -8.925  1.00 20.71 ? 22  PRO A O   1 
ATOM   188  C CB  . PRO A 1 27  ? -4.506  -17.677 -11.934 1.00 22.39 ? 22  PRO A CB  1 
ATOM   189  C CG  . PRO A 1 27  ? -5.132  -18.634 -12.885 1.00 22.46 ? 22  PRO A CG  1 
ATOM   190  C CD  . PRO A 1 27  ? -5.695  -19.705 -11.990 1.00 23.17 ? 22  PRO A CD  1 
ATOM   191  N N   . ARG A 1 28  ? -2.663  -17.566 -9.028  1.00 20.89 ? 23  ARG A N   1 
ATOM   192  C CA  . ARG A 1 28  ? -2.501  -16.992 -7.690  1.00 21.23 ? 23  ARG A CA  1 
ATOM   193  C C   . ARG A 1 28  ? -1.386  -15.946 -7.685  1.00 19.23 ? 23  ARG A C   1 
ATOM   194  O O   . ARG A 1 28  ? -0.358  -16.125 -8.343  1.00 18.42 ? 23  ARG A O   1 
ATOM   195  C CB  . ARG A 1 28  ? -2.179  -18.094 -6.678  1.00 22.70 ? 23  ARG A CB  1 
ATOM   196  C CG  . ARG A 1 28  ? -3.375  -18.946 -6.284  1.00 26.12 ? 23  ARG A CG  1 
ATOM   197  C CD  . ARG A 1 28  ? -2.920  -20.098 -5.424  1.00 28.35 ? 23  ARG A CD  1 
ATOM   198  N NE  . ARG A 1 28  ? -2.729  -19.679 -4.039  1.00 30.68 ? 23  ARG A NE  1 
ATOM   199  C CZ  . ARG A 1 28  ? -2.031  -20.373 -3.150  1.00 31.16 ? 23  ARG A CZ  1 
ATOM   200  N NH1 . ARG A 1 28  ? -1.910  -19.916 -1.911  1.00 32.10 ? 23  ARG A NH1 1 
ATOM   201  N NH2 . ARG A 1 28  ? -1.464  -21.516 -3.503  1.00 31.45 ? 23  ARG A NH2 1 
ATOM   202  N N   . LYS A 1 29  ? -1.601  -14.866 -6.932  1.00 16.88 ? 24  LYS A N   1 
ATOM   203  C CA  . LYS A 1 29  ? -0.648  -13.756 -6.846  1.00 16.45 ? 24  LYS A CA  1 
ATOM   204  C C   . LYS A 1 29  ? -0.224  -13.483 -5.417  1.00 15.15 ? 24  LYS A C   1 
ATOM   205  O O   . LYS A 1 29  ? 0.826   -12.919 -5.184  1.00 14.70 ? 24  LYS A O   1 
ATOM   206  C CB  . LYS A 1 29  ? -1.275  -12.462 -7.394  1.00 18.48 ? 24  LYS A CB  1 
ATOM   207  C CG  . LYS A 1 29  ? -0.805  -12.066 -8.776  1.00 20.82 ? 24  LYS A CG  1 
ATOM   208  C CD  . LYS A 1 29  ? -1.658  -10.921 -9.326  1.00 22.64 ? 24  LYS A CD  1 
ATOM   209  C CE  . LYS A 1 29  ? -1.389  -9.591  -8.616  1.00 24.23 ? 24  LYS A CE  1 
ATOM   210  N NZ  . LYS A 1 29  ? -0.258  -8.814  -9.243  1.00 25.25 ? 24  LYS A NZ  1 
ATOM   211  N N   . VAL A 1 30  ? -1.053  -13.846 -4.448  1.00 13.65 ? 25  VAL A N   1 
ATOM   212  C CA  . VAL A 1 30  ? -0.762  -13.446 -3.089  1.00 14.48 ? 25  VAL A CA  1 
ATOM   213  C C   . VAL A 1 30  ? -0.296  -14.644 -2.284  1.00 14.87 ? 25  VAL A C   1 
ATOM   214  O O   . VAL A 1 30  ? -1.073  -15.236 -1.549  1.00 16.35 ? 25  VAL A O   1 
ATOM   215  C CB  . VAL A 1 30  ? -1.986  -12.776 -2.406  1.00 14.49 ? 25  VAL A CB  1 
ATOM   216  C CG1 . VAL A 1 30  ? -1.593  -12.222 -1.037  1.00 16.46 ? 25  VAL A CG1 1 
ATOM   217  C CG2 . VAL A 1 30  ? -2.514  -11.668 -3.264  1.00 15.12 ? 25  VAL A CG2 1 
ATOM   218  N N   . LEU A 1 31  ? 0.968   -15.009 -2.431  1.00 13.72 ? 26  LEU A N   1 
ATOM   219  C CA  . LEU A 1 31  ? 1.495   -16.124 -1.648  1.00 14.67 ? 26  LEU A CA  1 
ATOM   220  C C   . LEU A 1 31  ? 2.331   -15.531 -0.551  1.00 14.20 ? 26  LEU A C   1 
ATOM   221  O O   . LEU A 1 31  ? 3.447   -15.086 -0.804  1.00 13.99 ? 26  LEU A O   1 
ATOM   222  C CB  . LEU A 1 31  ? 2.395   -17.036 -2.502  1.00 16.04 ? 26  LEU A CB  1 
ATOM   223  C CG  . LEU A 1 31  ? 1.793   -17.992 -3.522  1.00 16.92 ? 26  LEU A CG  1 
ATOM   224  C CD1 . LEU A 1 31  ? 1.031   -19.071 -2.807  1.00 19.00 ? 26  LEU A CD1 1 
ATOM   225  C CD2 . LEU A 1 31  ? 0.902   -17.256 -4.477  1.00 18.17 ? 26  LEU A CD2 1 
ATOM   226  N N   . GLY A 1 32  ? 1.796   -15.505 0.660   1.00 13.99 ? 27  GLY A N   1 
ATOM   227  C CA  . GLY A 1 32  ? 2.547   -14.985 1.786   1.00 14.86 ? 27  GLY A CA  1 
ATOM   228  C C   . GLY A 1 32  ? 1.837   -15.301 3.081   1.00 14.24 ? 27  GLY A C   1 
ATOM   229  O O   . GLY A 1 32  ? 0.724   -15.816 3.071   1.00 14.18 ? 27  GLY A O   1 
ATOM   230  N N   . VAL A 1 33  ? 2.483   -14.982 4.192   1.00 13.50 ? 28  VAL A N   1 
ATOM   231  C CA  . VAL A 1 33  ? 1.862   -15.149 5.489   1.00 13.25 ? 28  VAL A CA  1 
ATOM   232  C C   . VAL A 1 33  ? 1.638   -13.756 6.090   1.00 12.44 ? 28  VAL A C   1 
ATOM   233  O O   . VAL A 1 33  ? 2.560   -12.953 6.210   1.00 11.02 ? 28  VAL A O   1 
ATOM   234  C CB  . VAL A 1 33  ? 2.702   -16.031 6.444   1.00 13.43 ? 28  VAL A CB  1 
ATOM   235  C CG1 . VAL A 1 33  ? 1.974   -16.184 7.784   1.00 13.75 ? 28  VAL A CG1 1 
ATOM   236  C CG2 . VAL A 1 33  ? 2.974   -17.418 5.832   1.00 13.77 ? 28  VAL A CG2 1 
ATOM   237  N N   . PHE A 1 34  ? 0.391   -13.487 6.434   1.00 11.37 ? 29  PHE A N   1 
ATOM   238  C CA  . PHE A 1 34  ? -0.020  -12.195 6.939   1.00 11.05 ? 29  PHE A CA  1 
ATOM   239  C C   . PHE A 1 34  ? -0.340  -12.287 8.425   1.00 10.93 ? 29  PHE A C   1 
ATOM   240  O O   . PHE A 1 34  ? -1.200  -13.067 8.837   1.00 11.43 ? 29  PHE A O   1 
ATOM   241  C CB  . PHE A 1 34  ? -1.245  -11.705 6.164   1.00 10.23 ? 29  PHE A CB  1 
ATOM   242  C CG  . PHE A 1 34  ? -0.948  -11.363 4.729   1.00 10.29 ? 29  PHE A CG  1 
ATOM   243  C CD1 . PHE A 1 34  ? -0.883  -12.364 3.766   1.00 9.95  ? 29  PHE A CD1 1 
ATOM   244  C CD2 . PHE A 1 34  ? -0.734  -10.053 4.350   1.00 8.77  ? 29  PHE A CD2 1 
ATOM   245  C CE1 . PHE A 1 34  ? -0.585  -12.060 2.441   1.00 10.56 ? 29  PHE A CE1 1 
ATOM   246  C CE2 . PHE A 1 34  ? -0.428  -9.733  3.024   1.00 10.53 ? 29  PHE A CE2 1 
ATOM   247  C CZ  . PHE A 1 34  ? -0.346  -10.745 2.069   1.00 10.38 ? 29  PHE A CZ  1 
ATOM   248  N N   . GLN A 1 35  ? 0.361   -11.510 9.235   1.00 9.93  ? 30  GLN A N   1 
ATOM   249  C CA  . GLN A 1 35  ? -0.063  -11.358 10.619  1.00 8.78  ? 30  GLN A CA  1 
ATOM   250  C C   . GLN A 1 35  ? -1.172  -10.301 10.709  1.00 9.47  ? 30  GLN A C   1 
ATOM   251  O O   . GLN A 1 35  ? -0.999  -9.151  10.265  1.00 8.38  ? 30  GLN A O   1 
ATOM   252  C CB  . GLN A 1 35  ? 1.111   -11.003 11.538  1.00 8.29  ? 30  GLN A CB  1 
ATOM   253  C CG  . GLN A 1 35  ? 0.680   -10.772 12.993  1.00 7.57  ? 30  GLN A CG  1 
ATOM   254  C CD  . GLN A 1 35  ? 0.243   -12.069 13.675  1.00 8.65  ? 30  GLN A CD  1 
ATOM   255  O OE1 . GLN A 1 35  ? 0.831   -13.123 13.440  1.00 9.48  ? 30  GLN A OE1 1 
ATOM   256  N NE2 . GLN A 1 35  ? -0.789  -11.994 14.517  1.00 8.92  ? 30  GLN A NE2 1 
ATOM   257  N N   . LEU A 1 36  ? -2.308  -10.690 11.282  1.00 10.27 ? 31  LEU A N   1 
ATOM   258  C CA  . LEU A 1 36  ? -3.440  -9.762  11.434  1.00 11.15 ? 31  LEU A CA  1 
ATOM   259  C C   . LEU A 1 36  ? -3.682  -9.416  12.893  1.00 11.45 ? 31  LEU A C   1 
ATOM   260  O O   . LEU A 1 36  ? -4.022  -10.285 13.687  1.00 11.52 ? 31  LEU A O   1 
ATOM   261  C CB  . LEU A 1 36  ? -4.715  -10.363 10.847  1.00 10.69 ? 31  LEU A CB  1 
ATOM   262  C CG  . LEU A 1 36  ? -6.063  -9.632  11.027  1.00 11.19 ? 31  LEU A CG  1 
ATOM   263  C CD1 . LEU A 1 36  ? -6.039  -8.234  10.399  1.00 11.84 ? 31  LEU A CD1 1 
ATOM   264  C CD2 . LEU A 1 36  ? -7.143  -10.482 10.379  1.00 10.84 ? 31  LEU A CD2 1 
ATOM   265  N N   . ASN A 1 37  ? -3.536  -8.142  13.231  1.00 10.79 ? 32  ASN A N   1 
ATOM   266  C CA  . ASN A 1 37  ? -3.805  -7.675  14.593  1.00 11.46 ? 32  ASN A CA  1 
ATOM   267  C C   . ASN A 1 37  ? -5.066  -6.802  14.594  1.00 10.67 ? 32  ASN A C   1 
ATOM   268  O O   . ASN A 1 37  ? -5.074  -5.725  14.000  1.00 10.27 ? 32  ASN A O   1 
ATOM   269  C CB  . ASN A 1 37  ? -2.599  -6.888  15.117  1.00 11.84 ? 32  ASN A CB  1 
ATOM   270  C CG  . ASN A 1 37  ? -1.313  -7.736  15.157  1.00 12.93 ? 32  ASN A CG  1 
ATOM   271  O OD1 . ASN A 1 37  ? -1.329  -8.890  15.567  1.00 13.95 ? 32  ASN A OD1 1 
ATOM   272  N ND2 . ASN A 1 37  ? -0.211  -7.156  14.731  1.00 13.22 ? 32  ASN A ND2 1 
ATOM   273  N N   . ILE A 1 38  ? -6.135  -7.287  15.231  1.00 9.16  ? 33  ILE A N   1 
ATOM   274  C CA  . ILE A 1 38  ? -7.421  -6.588  15.212  1.00 10.30 ? 33  ILE A CA  1 
ATOM   275  C C   . ILE A 1 38  ? -7.570  -5.841  16.527  1.00 11.12 ? 33  ILE A C   1 
ATOM   276  O O   . ILE A 1 38  ? -7.655  -6.465  17.579  1.00 11.71 ? 33  ILE A O   1 
ATOM   277  C CB  . ILE A 1 38  ? -8.600  -7.548  15.039  1.00 10.39 ? 33  ILE A CB  1 
ATOM   278  C CG1 . ILE A 1 38  ? -8.451  -8.371  13.749  1.00 11.20 ? 33  ILE A CG1 1 
ATOM   279  C CG2 . ILE A 1 38  ? -9.925  -6.778  14.998  1.00 11.71 ? 33  ILE A CG2 1 
ATOM   280  C CD1 . ILE A 1 38  ? -9.416  -9.523  13.660  1.00 11.72 ? 33  ILE A CD1 1 
ATOM   281  N N   . LYS A 1 39  ? -7.551  -4.512  16.457  1.00 11.95 ? 34  LYS A N   1 
ATOM   282  C CA  . LYS A 1 39  ? -7.660  -3.676  17.645  1.00 14.07 ? 34  LYS A CA  1 
ATOM   283  C C   . LYS A 1 39  ? -9.114  -3.601  18.102  1.00 13.83 ? 34  LYS A C   1 
ATOM   284  O O   . LYS A 1 39  ? -10.014 -3.225  17.338  1.00 13.73 ? 34  LYS A O   1 
ATOM   285  C CB  . LYS A 1 39  ? -7.081  -2.272  17.393  1.00 14.02 ? 34  LYS A CB  1 
ATOM   286  C CG  . LYS A 1 39  ? -5.564  -2.244  17.151  1.00 15.74 ? 34  LYS A CG  1 
ATOM   287  C CD  . LYS A 1 39  ? -5.033  -0.815  16.990  1.00 16.43 ? 34  LYS A CD  1 
ATOM   288  C CE  . LYS A 1 39  ? -5.610  -0.145  15.743  1.00 18.96 ? 34  LYS A CE  1 
ATOM   289  N NZ  . LYS A 1 39  ? -5.366  1.344   15.710  1.00 20.67 ? 34  LYS A NZ  1 
ATOM   290  N N   . THR A 1 40  ? -9.353  -3.996  19.341  1.00 14.56 ? 35  THR A N   1 
ATOM   291  C CA  . THR A 1 40  ? -10.698 -3.904  19.905  1.00 15.21 ? 35  THR A CA  1 
ATOM   292  C C   . THR A 1 40  ? -10.660 -3.113  21.187  1.00 17.35 ? 35  THR A C   1 
ATOM   293  O O   . THR A 1 40  ? -9.631  -3.057  21.851  1.00 18.13 ? 35  THR A O   1 
ATOM   294  C CB  . THR A 1 40  ? -11.266 -5.277  20.249  1.00 14.68 ? 35  THR A CB  1 
ATOM   295  O OG1 . THR A 1 40  ? -10.654 -5.750  21.449  1.00 14.17 ? 35  THR A OG1 1 
ATOM   296  C CG2 . THR A 1 40  ? -11.025 -6.263  19.117  1.00 14.28 ? 35  THR A CG2 1 
ATOM   297  N N   . ALA A 1 41  ? -11.797 -2.526  21.546  1.00 19.53 ? 36  ALA A N   1 
ATOM   298  C CA  . ALA A 1 41  ? -11.899 -1.748  22.766  1.00 21.06 ? 36  ALA A CA  1 
ATOM   299  C C   . ALA A 1 41  ? -11.370 -2.522  23.971  1.00 22.65 ? 36  ALA A C   1 
ATOM   300  O O   . ALA A 1 41  ? -10.970 -1.919  24.954  1.00 22.94 ? 36  ALA A O   1 
ATOM   301  C CB  . ALA A 1 41  ? -13.334 -1.341  22.995  1.00 21.60 ? 36  ALA A CB  1 
ATOM   302  N N   . SER A 1 42  ? -11.369 -3.854  23.885  1.00 24.24 ? 37  SER A N   1 
ATOM   303  C CA  . SER A 1 42  ? -10.982 -4.717  25.013  1.00 25.53 ? 37  SER A CA  1 
ATOM   304  C C   . SER A 1 42  ? -9.526  -5.168  24.988  1.00 25.66 ? 37  SER A C   1 
ATOM   305  O O   . SER A 1 42  ? -8.943  -5.475  26.032  1.00 26.64 ? 37  SER A O   1 
ATOM   306  C CB  . SER A 1 42  ? -11.888 -5.948  25.074  1.00 26.55 ? 37  SER A CB  1 
ATOM   307  O OG  . SER A 1 42  ? -13.117 -5.645  25.716  1.00 27.78 ? 37  SER A OG  1 
ATOM   308  N N   . GLY A 1 43  ? -8.937  -5.203  23.796  1.00 24.44 ? 38  GLY A N   1 
ATOM   309  C CA  . GLY A 1 43  ? -7.605  -5.770  23.610  1.00 23.26 ? 38  GLY A CA  1 
ATOM   310  C C   . GLY A 1 43  ? -7.400  -6.143  22.149  1.00 22.50 ? 38  GLY A C   1 
ATOM   311  O O   . GLY A 1 43  ? -8.262  -5.869  21.313  1.00 23.18 ? 38  GLY A O   1 
ATOM   312  N N   . VAL A 1 44  ? -6.268  -6.766  21.841  1.00 20.24 ? 39  VAL A N   1 
ATOM   313  C CA  . VAL A 1 44  ? -5.921  -7.074  20.464  1.00 19.36 ? 39  VAL A CA  1 
ATOM   314  C C   . VAL A 1 44  ? -6.168  -8.542  20.162  1.00 18.16 ? 39  VAL A C   1 
ATOM   315  O O   . VAL A 1 44  ? -5.762  -9.423  20.925  1.00 19.39 ? 39  VAL A O   1 
ATOM   316  C CB  . VAL A 1 44  ? -4.449  -6.706  20.169  1.00 19.54 ? 39  VAL A CB  1 
ATOM   317  C CG1 . VAL A 1 44  ? -4.019  -7.194  18.793  1.00 19.00 ? 39  VAL A CG1 1 
ATOM   318  C CG2 . VAL A 1 44  ? -4.269  -5.206  20.274  1.00 21.12 ? 39  VAL A CG2 1 
ATOM   319  N N   . GLU A 1 45  ? -6.838  -8.803  19.049  1.00 16.36 ? 40  GLU A N   1 
ATOM   320  C CA  . GLU A 1 45  ? -7.051  -10.166 18.609  1.00 15.13 ? 40  GLU A CA  1 
ATOM   321  C C   . GLU A 1 45  ? -6.048  -10.504 17.522  1.00 13.80 ? 40  GLU A C   1 
ATOM   322  O O   . GLU A 1 45  ? -5.954  -9.811  16.511  1.00 12.18 ? 40  GLU A O   1 
ATOM   323  C CB  . GLU A 1 45  ? -8.489  -10.352 18.132  1.00 16.97 ? 40  GLU A CB  1 
ATOM   324  C CG  . GLU A 1 45  ? -9.528  -9.949  19.177  1.00 19.52 ? 40  GLU A CG  1 
ATOM   325  C CD  . GLU A 1 45  ? -9.693  -10.984 20.278  1.00 21.57 ? 40  GLU A CD  1 
ATOM   326  O OE1 . GLU A 1 45  ? -9.468  -12.179 19.998  1.00 22.40 ? 40  GLU A OE1 1 
ATOM   327  O OE2 . GLU A 1 45  ? -10.048 -10.600 21.422  1.00 22.93 ? 40  GLU A OE2 1 
ATOM   328  N N   . GLN A 1 46  ? -5.293  -11.569 17.735  1.00 11.78 ? 41  GLN A N   1 
ATOM   329  C CA  . GLN A 1 46  ? -4.162  -11.884 16.868  1.00 12.40 ? 41  GLN A CA  1 
ATOM   330  C C   . GLN A 1 46  ? -4.398  -13.154 16.064  1.00 11.27 ? 41  GLN A C   1 
ATOM   331  O O   . GLN A 1 46  ? -4.632  -14.226 16.642  1.00 11.47 ? 41  GLN A O   1 
ATOM   332  C CB  . GLN A 1 46  ? -2.890  -12.028 17.708  1.00 12.74 ? 41  GLN A CB  1 
ATOM   333  C CG  . GLN A 1 46  ? -2.486  -10.750 18.428  1.00 15.33 ? 41  GLN A CG  1 
ATOM   334  C CD  . GLN A 1 46  ? -1.680  -11.039 19.687  1.00 16.52 ? 41  GLN A CD  1 
ATOM   335  O OE1 . GLN A 1 46  ? -2.159  -11.719 20.594  1.00 17.58 ? 41  GLN A OE1 1 
ATOM   336  N NE2 . GLN A 1 46  ? -0.457  -10.525 19.746  1.00 16.57 ? 41  GLN A NE2 1 
ATOM   337  N N   . TRP A 1 47  ? -4.296  -13.029 14.739  1.00 10.47 ? 42  TRP A N   1 
ATOM   338  C CA  . TRP A 1 47  ? -4.622  -14.109 13.814  1.00 11.87 ? 42  TRP A CA  1 
ATOM   339  C C   . TRP A 1 47  ? -3.579  -14.223 12.719  1.00 12.94 ? 42  TRP A C   1 
ATOM   340  O O   . TRP A 1 47  ? -2.970  -13.233 12.321  1.00 12.91 ? 42  TRP A O   1 
ATOM   341  C CB  . TRP A 1 47  ? -6.003  -13.887 13.176  1.00 12.75 ? 42  TRP A CB  1 
ATOM   342  C CG  . TRP A 1 47  ? -7.101  -14.123 14.143  1.00 13.70 ? 42  TRP A CG  1 
ATOM   343  C CD1 . TRP A 1 47  ? -7.552  -13.266 15.085  1.00 13.68 ? 42  TRP A CD1 1 
ATOM   344  C CD2 . TRP A 1 47  ? -7.846  -15.337 14.312  1.00 13.59 ? 42  TRP A CD2 1 
ATOM   345  N NE1 . TRP A 1 47  ? -8.560  -13.851 15.819  1.00 13.85 ? 42  TRP A NE1 1 
ATOM   346  C CE2 . TRP A 1 47  ? -8.750  -15.128 15.364  1.00 13.73 ? 42  TRP A CE2 1 
ATOM   347  C CE3 . TRP A 1 47  ? -7.847  -16.572 13.657  1.00 13.86 ? 42  TRP A CE3 1 
ATOM   348  C CZ2 . TRP A 1 47  ? -9.649  -16.107 15.786  1.00 13.78 ? 42  TRP A CZ2 1 
ATOM   349  C CZ3 . TRP A 1 47  ? -8.742  -17.543 14.077  1.00 13.59 ? 42  TRP A CZ3 1 
ATOM   350  C CH2 . TRP A 1 47  ? -9.624  -17.304 15.134  1.00 13.86 ? 42  TRP A CH2 1 
ATOM   351  N N   . ILE A 1 48  ? -3.365  -15.441 12.237  1.00 13.22 ? 43  ILE A N   1 
ATOM   352  C CA  . ILE A 1 48  ? -2.382  -15.673 11.186  1.00 14.27 ? 43  ILE A CA  1 
ATOM   353  C C   . ILE A 1 48  ? -3.136  -16.073 9.938   1.00 14.45 ? 43  ILE A C   1 
ATOM   354  O O   . ILE A 1 48  ? -3.888  -17.057 9.950   1.00 11.90 ? 43  ILE A O   1 
ATOM   355  C CB  . ILE A 1 48  ? -1.431  -16.821 11.556  1.00 15.82 ? 43  ILE A CB  1 
ATOM   356  C CG1 . ILE A 1 48  ? -0.752  -16.540 12.896  1.00 15.26 ? 43  ILE A CG1 1 
ATOM   357  C CG2 . ILE A 1 48  ? -0.400  -17.061 10.434  1.00 16.24 ? 43  ILE A CG2 1 
ATOM   358  C CD1 . ILE A 1 48  ? -0.105  -17.776 13.529  1.00 16.69 ? 43  ILE A CD1 1 
ATOM   359  N N   . VAL A 1 49  ? -2.960  -15.301 8.871   1.00 12.07 ? 44  VAL A N   1 
ATOM   360  C CA  . VAL A 1 49  ? -3.604  -15.641 7.617   1.00 12.87 ? 44  VAL A CA  1 
ATOM   361  C C   . VAL A 1 49  ? -2.549  -16.114 6.632   1.00 12.20 ? 44  VAL A C   1 
ATOM   362  O O   . VAL A 1 49  ? -1.846  -15.319 6.033   1.00 11.23 ? 44  VAL A O   1 
ATOM   363  C CB  . VAL A 1 49  ? -4.388  -14.448 7.051   1.00 13.61 ? 44  VAL A CB  1 
ATOM   364  C CG1 . VAL A 1 49  ? -5.054  -14.810 5.717   1.00 13.07 ? 44  VAL A CG1 1 
ATOM   365  C CG2 . VAL A 1 49  ? -5.429  -13.970 8.075   1.00 14.16 ? 44  VAL A CG2 1 
ATOM   366  N N   . ASP A 1 50  ? -2.447  -17.424 6.474   1.00 12.62 ? 45  ASP A N   1 
ATOM   367  C CA  . ASP A 1 50  ? -1.394  -18.007 5.673   1.00 12.56 ? 45  ASP A CA  1 
ATOM   368  C C   . ASP A 1 50  ? -1.951  -18.288 4.294   1.00 13.24 ? 45  ASP A C   1 
ATOM   369  O O   . ASP A 1 50  ? -2.688  -19.256 4.108   1.00 14.51 ? 45  ASP A O   1 
ATOM   370  C CB  . ASP A 1 50  ? -0.870  -19.285 6.342   1.00 13.06 ? 45  ASP A CB  1 
ATOM   371  C CG  . ASP A 1 50  ? 0.243   -19.951 5.540   1.00 13.80 ? 45  ASP A CG  1 
ATOM   372  O OD1 . ASP A 1 50  ? 0.337   -19.697 4.327   1.00 13.53 ? 45  ASP A OD1 1 
ATOM   373  O OD2 . ASP A 1 50  ? 1.028   -20.724 6.116   1.00 13.96 ? 45  ASP A OD2 1 
ATOM   374  N N   . LEU A 1 51  ? -1.627  -17.426 3.334   1.00 12.48 ? 46  LEU A N   1 
ATOM   375  C CA  . LEU A 1 51  ? -2.184  -17.541 1.983   1.00 13.96 ? 46  LEU A CA  1 
ATOM   376  C C   . LEU A 1 51  ? -1.337  -18.429 1.088   1.00 15.62 ? 46  LEU A C   1 
ATOM   377  O O   . LEU A 1 51  ? -1.678  -18.677 -0.069  1.00 16.51 ? 46  LEU A O   1 
ATOM   378  C CB  . LEU A 1 51  ? -2.360  -16.154 1.354   1.00 13.30 ? 46  LEU A CB  1 
ATOM   379  C CG  . LEU A 1 51  ? -3.483  -15.338 2.011   1.00 14.16 ? 46  LEU A CG  1 
ATOM   380  C CD1 . LEU A 1 51  ? -3.596  -13.956 1.432   1.00 13.96 ? 46  LEU A CD1 1 
ATOM   381  C CD2 . LEU A 1 51  ? -4.809  -16.085 1.873   1.00 15.03 ? 46  LEU A CD2 1 
ATOM   382  N N   . LYS A 1 52  ? -0.213  -18.886 1.625   1.00 16.73 ? 47  LYS A N   1 
ATOM   383  C CA  . LYS A 1 52  ? 0.577   -19.889 0.954   1.00 17.96 ? 47  LYS A CA  1 
ATOM   384  C C   . LYS A 1 52  ? -0.059  -21.243 1.211   1.00 17.69 ? 47  LYS A C   1 
ATOM   385  O O   . LYS A 1 52  ? -0.355  -21.990 0.280   1.00 18.29 ? 47  LYS A O   1 
ATOM   386  C CB  . LYS A 1 52  ? 2.028   -19.865 1.458   1.00 18.98 ? 47  LYS A CB  1 
ATOM   387  C CG  . LYS A 1 52  ? 2.997   -20.595 0.574   1.00 20.97 ? 47  LYS A CG  1 
ATOM   388  C CD  . LYS A 1 52  ? 4.384   -19.992 0.699   1.00 22.68 ? 47  LYS A CD  1 
ATOM   389  C CE  . LYS A 1 52  ? 5.312   -20.832 1.573   1.00 24.22 ? 47  LYS A CE  1 
ATOM   390  N NZ  . LYS A 1 52  ? 6.124   -21.782 0.759   1.00 24.48 ? 47  LYS A NZ  1 
ATOM   391  N N   . GLN A 1 53  ? -0.292  -21.567 2.471   1.00 17.90 ? 48  GLN A N   1 
ATOM   392  C CA  . GLN A 1 53  ? -0.896  -22.857 2.778   1.00 18.40 ? 48  GLN A CA  1 
ATOM   393  C C   . GLN A 1 53  ? -2.427  -22.829 2.775   1.00 17.77 ? 48  GLN A C   1 
ATOM   394  O O   . GLN A 1 53  ? -3.061  -23.883 2.796   1.00 17.17 ? 48  GLN A O   1 
ATOM   395  C CB  . GLN A 1 53  ? -0.349  -23.406 4.088   1.00 20.17 ? 48  GLN A CB  1 
ATOM   396  C CG  . GLN A 1 53  ? 1.151   -23.715 4.021   1.00 22.50 ? 48  GLN A CG  1 
ATOM   397  C CD  . GLN A 1 53  ? 1.619   -24.572 5.174   1.00 23.87 ? 48  GLN A CD  1 
ATOM   398  O OE1 . GLN A 1 53  ? 0.980   -24.610 6.224   1.00 25.15 ? 48  GLN A OE1 1 
ATOM   399  N NE2 . GLN A 1 53  ? 2.747   -25.277 4.985   1.00 24.68 ? 48  GLN A NE2 1 
ATOM   400  N N   . LEU A 1 54  ? -3.001  -21.623 2.728   1.00 15.79 ? 49  LEU A N   1 
ATOM   401  C CA  . LEU A 1 54  ? -4.458  -21.399 2.778   1.00 15.57 ? 49  LEU A CA  1 
ATOM   402  C C   . LEU A 1 54  ? -5.078  -21.858 4.080   1.00 15.60 ? 49  LEU A C   1 
ATOM   403  O O   . LEU A 1 54  ? -5.968  -22.720 4.117   1.00 14.73 ? 49  LEU A O   1 
ATOM   404  C CB  . LEU A 1 54  ? -5.175  -22.027 1.581   1.00 16.24 ? 49  LEU A CB  1 
ATOM   405  C CG  . LEU A 1 54  ? -4.797  -21.419 0.229   1.00 16.51 ? 49  LEU A CG  1 
ATOM   406  C CD1 . LEU A 1 54  ? -5.420  -22.252 -0.881  1.00 17.34 ? 49  LEU A CD1 1 
ATOM   407  C CD2 . LEU A 1 54  ? -5.254  -19.956 0.155   1.00 17.33 ? 49  LEU A CD2 1 
ATOM   408  N N   . LYS A 1 55  ? -4.608  -21.272 5.167   1.00 15.78 ? 50  LYS A N   1 
ATOM   409  C CA  . LYS A 1 55  ? -5.143  -21.627 6.458   1.00 16.43 ? 50  LYS A CA  1 
ATOM   410  C C   . LYS A 1 55  ? -5.148  -20.395 7.327   1.00 15.83 ? 50  LYS A C   1 
ATOM   411  O O   . LYS A 1 55  ? -4.387  -19.455 7.088   1.00 16.87 ? 50  LYS A O   1 
ATOM   412  C CB  . LYS A 1 55  ? -4.362  -22.794 7.065   1.00 18.97 ? 50  LYS A CB  1 
ATOM   413  C CG  . LYS A 1 55  ? -2.994  -22.471 7.595   1.00 21.16 ? 50  LYS A CG  1 
ATOM   414  C CD  . LYS A 1 55  ? -2.196  -23.768 7.719   1.00 23.21 ? 50  LYS A CD  1 
ATOM   415  C CE  . LYS A 1 55  ? -1.730  -23.997 9.150   1.00 24.37 ? 50  LYS A CE  1 
ATOM   416  N NZ  . LYS A 1 55  ? -2.858  -24.475 10.029  1.00 25.87 ? 50  LYS A NZ  1 
ATOM   417  N N   . VAL A 1 56  ? -6.069  -20.359 8.275   1.00 14.36 ? 51  VAL A N   1 
ATOM   418  C CA  . VAL A 1 56  ? -6.231  -19.215 9.156   1.00 14.49 ? 51  VAL A CA  1 
ATOM   419  C C   . VAL A 1 56  ? -6.202  -19.788 10.568  1.00 14.99 ? 51  VAL A C   1 
ATOM   420  O O   . VAL A 1 56  ? -7.004  -20.657 10.898  1.00 13.18 ? 51  VAL A O   1 
ATOM   421  C CB  . VAL A 1 56  ? -7.593  -18.515 8.904   1.00 15.51 ? 51  VAL A CB  1 
ATOM   422  C CG1 . VAL A 1 56  ? -7.827  -17.366 9.905   1.00 15.56 ? 51  VAL A CG1 1 
ATOM   423  C CG2 . VAL A 1 56  ? -7.692  -18.000 7.449   1.00 14.87 ? 51  VAL A CG2 1 
ATOM   424  N N   . ASP A 1 57  ? -5.262  -19.341 11.386  1.00 14.33 ? 52  ASP A N   1 
ATOM   425  C CA  . ASP A 1 57  ? -5.120  -19.884 12.732  1.00 15.81 ? 52  ASP A CA  1 
ATOM   426  C C   . ASP A 1 57  ? -4.944  -18.721 13.669  1.00 15.49 ? 52  ASP A C   1 
ATOM   427  O O   . ASP A 1 57  ? -4.529  -17.657 13.248  1.00 15.50 ? 52  ASP A O   1 
ATOM   428  C CB  . ASP A 1 57  ? -3.881  -20.774 12.817  1.00 18.27 ? 52  ASP A CB  1 
ATOM   429  C CG  . ASP A 1 57  ? -4.061  -22.087 12.101  1.00 21.03 ? 52  ASP A CG  1 
ATOM   430  O OD1 . ASP A 1 57  ? -4.775  -22.967 12.630  1.00 22.21 ? 52  ASP A OD1 1 
ATOM   431  O OD2 . ASP A 1 57  ? -3.481  -22.244 11.005  1.00 23.03 ? 52  ASP A OD2 1 
ATOM   432  N N   . GLN A 1 58  ? -5.242  -18.916 14.941  1.00 14.91 ? 53  GLN A N   1 
ATOM   433  C CA  . GLN A 1 58  ? -5.081  -17.847 15.910  1.00 15.26 ? 53  GLN A CA  1 
ATOM   434  C C   . GLN A 1 58  ? -3.649  -17.944 16.446  1.00 14.18 ? 53  GLN A C   1 
ATOM   435  O O   . GLN A 1 58  ? -3.168  -19.038 16.722  1.00 13.22 ? 53  GLN A O   1 
ATOM   436  C CB  . GLN A 1 58  ? -6.127  -17.989 17.021  1.00 16.63 ? 53  GLN A CB  1 
ATOM   437  C CG  . GLN A 1 58  ? -6.499  -16.675 17.694  1.00 18.77 ? 53  GLN A CG  1 
ATOM   438  C CD  . GLN A 1 58  ? -7.497  -16.856 18.825  1.00 19.45 ? 53  GLN A CD  1 
ATOM   439  O OE1 . GLN A 1 58  ? -7.674  -15.967 19.657  1.00 21.60 ? 53  GLN A OE1 1 
ATOM   440  N NE2 . GLN A 1 58  ? -8.141  -18.019 18.872  1.00 20.81 ? 53  GLN A NE2 1 
ATOM   441  N N   . GLY A 1 59  ? -2.956  -16.809 16.526  1.00 13.59 ? 54  GLY A N   1 
ATOM   442  C CA  . GLY A 1 59  ? -1.587  -16.767 17.070  1.00 13.37 ? 54  GLY A CA  1 
ATOM   443  C C   . GLY A 1 59  ? -0.800  -15.554 16.597  1.00 13.05 ? 54  GLY A C   1 
ATOM   444  O O   . GLY A 1 59  ? -1.360  -14.641 15.954  1.00 12.95 ? 54  GLY A O   1 
ATOM   445  N N   . VAL A 1 60  ? 0.497   -15.549 16.911  1.00 11.66 ? 55  VAL A N   1 
ATOM   446  C CA  . VAL A 1 60  ? 1.420   -14.543 16.390  1.00 13.13 ? 55  VAL A CA  1 
ATOM   447  C C   . VAL A 1 60  ? 2.554   -15.276 15.696  1.00 13.75 ? 55  VAL A C   1 
ATOM   448  O O   . VAL A 1 60  ? 3.323   -15.985 16.339  1.00 13.74 ? 55  VAL A O   1 
ATOM   449  C CB  . VAL A 1 60  ? 1.967   -13.612 17.486  1.00 13.05 ? 55  VAL A CB  1 
ATOM   450  C CG1 . VAL A 1 60  ? 2.943   -12.609 16.891  1.00 13.66 ? 55  VAL A CG1 1 
ATOM   451  C CG2 . VAL A 1 60  ? 0.824   -12.889 18.159  1.00 12.83 ? 55  VAL A CG2 1 
ATOM   452  N N   . PHE A 1 61  ? 2.625   -15.128 14.376  1.00 14.04 ? 56  PHE A N   1 
ATOM   453  C CA  . PHE A 1 61  ? 3.604   -15.837 13.563  1.00 15.73 ? 56  PHE A CA  1 
ATOM   454  C C   . PHE A 1 61  ? 4.987   -15.196 13.723  1.00 16.04 ? 56  PHE A C   1 
ATOM   455  O O   . PHE A 1 61  ? 5.090   -13.984 13.881  1.00 15.17 ? 56  PHE A O   1 
ATOM   456  C CB  . PHE A 1 61  ? 3.148   -15.829 12.094  1.00 16.38 ? 56  PHE A CB  1 
ATOM   457  C CG  . PHE A 1 61  ? 3.922   -16.769 11.199  1.00 17.20 ? 56  PHE A CG  1 
ATOM   458  C CD1 . PHE A 1 61  ? 4.854   -16.277 10.287  1.00 17.51 ? 56  PHE A CD1 1 
ATOM   459  C CD2 . PHE A 1 61  ? 3.696   -18.136 11.248  1.00 17.95 ? 56  PHE A CD2 1 
ATOM   460  C CE1 . PHE A 1 61  ? 5.561   -17.137 9.449   1.00 17.29 ? 56  PHE A CE1 1 
ATOM   461  C CE2 . PHE A 1 61  ? 4.411   -19.009 10.417  1.00 18.30 ? 56  PHE A CE2 1 
ATOM   462  C CZ  . PHE A 1 61  ? 5.343   -18.504 9.521   1.00 17.88 ? 56  PHE A CZ  1 
ATOM   463  N N   . ALA A 1 62  ? 6.046   -16.007 13.674  1.00 16.48 ? 57  ALA A N   1 
ATOM   464  C CA  . ALA A 1 62  ? 7.404   -15.531 13.953  1.00 17.44 ? 57  ALA A CA  1 
ATOM   465  C C   . ALA A 1 62  ? 7.946   -14.500 12.955  1.00 18.13 ? 57  ALA A C   1 
ATOM   466  O O   . ALA A 1 62  ? 8.343   -13.405 13.353  1.00 19.75 ? 57  ALA A O   1 
ATOM   467  C CB  . ALA A 1 62  ? 8.375   -16.712 14.097  1.00 17.74 ? 57  ALA A CB  1 
ATOM   468  N N   . SER A 1 63  ? 7.982   -14.836 11.669  1.00 17.52 ? 58  SER A N   1 
ATOM   469  C CA  . SER A 1 63  ? 8.367   -13.838 10.661  1.00 17.37 ? 58  SER A CA  1 
ATOM   470  C C   . SER A 1 63  ? 7.318   -13.784 9.552   1.00 15.47 ? 58  SER A C   1 
ATOM   471  O O   . SER A 1 63  ? 7.431   -14.480 8.543   1.00 15.67 ? 58  SER A O   1 
ATOM   472  C CB  . SER A 1 63  ? 9.740   -14.149 10.067  1.00 19.96 ? 58  SER A CB  1 
ATOM   473  O OG  . SER A 1 63  ? 9.761   -15.470 9.537   1.00 22.17 ? 58  SER A OG  1 
ATOM   474  N N   . PRO A 1 64  ? 6.253   -13.005 9.774   1.00 12.93 ? 59  PRO A N   1 
ATOM   475  C CA  . PRO A 1 64  ? 5.230   -12.865 8.748   1.00 11.65 ? 59  PRO A CA  1 
ATOM   476  C C   . PRO A 1 64  ? 5.820   -12.068 7.592   1.00 10.59 ? 59  PRO A C   1 
ATOM   477  O O   . PRO A 1 64  ? 6.736   -11.279 7.802   1.00 8.79  ? 59  PRO A O   1 
ATOM   478  C CB  . PRO A 1 64  ? 4.140   -12.060 9.442   1.00 11.64 ? 59  PRO A CB  1 
ATOM   479  C CG  . PRO A 1 64  ? 4.820   -11.335 10.561  1.00 12.07 ? 59  PRO A CG  1 
ATOM   480  C CD  . PRO A 1 64  ? 5.948   -12.235 10.989  1.00 13.17 ? 59  PRO A CD  1 
ATOM   481  N N   . ASP A 1 65  ? 5.317   -12.293 6.388   1.00 9.47  ? 60  ASP A N   1 
ATOM   482  C CA  . ASP A 1 65  ? 5.711   -11.473 5.250   1.00 9.69  ? 60  ASP A CA  1 
ATOM   483  C C   . ASP A 1 65  ? 5.187   -10.047 5.370   1.00 9.25  ? 60  ASP A C   1 
ATOM   484  O O   . ASP A 1 65  ? 5.860   -9.083  4.996   1.00 8.56  ? 60  ASP A O   1 
ATOM   485  C CB  . ASP A 1 65  ? 5.217   -12.127 3.973   1.00 10.12 ? 60  ASP A CB  1 
ATOM   486  C CG  . ASP A 1 65  ? 5.857   -13.466 3.750   1.00 11.85 ? 60  ASP A CG  1 
ATOM   487  O OD1 . ASP A 1 65  ? 5.187   -14.501 3.914   1.00 11.59 ? 60  ASP A OD1 1 
ATOM   488  O OD2 . ASP A 1 65  ? 7.076   -13.477 3.499   1.00 13.45 ? 60  ASP A OD2 1 
ATOM   489  N N   . VAL A 1 66  ? 3.965   -9.937  5.867   1.00 9.52  ? 61  VAL A N   1 
ATOM   490  C CA  . VAL A 1 66  ? 3.316   -8.663  6.109   1.00 8.99  ? 61  VAL A CA  1 
ATOM   491  C C   . VAL A 1 66  ? 2.551   -8.715  7.436   1.00 9.75  ? 61  VAL A C   1 
ATOM   492  O O   . VAL A 1 66  ? 1.960   -9.746  7.785   1.00 7.93  ? 61  VAL A O   1 
ATOM   493  C CB  . VAL A 1 66  ? 2.320   -8.317  4.986   1.00 9.81  ? 61  VAL A CB  1 
ATOM   494  C CG1 . VAL A 1 66  ? 1.650   -6.968  5.278   1.00 9.36  ? 61  VAL A CG1 1 
ATOM   495  C CG2 . VAL A 1 66  ? 3.036   -8.257  3.654   1.00 10.11 ? 61  VAL A CG2 1 
ATOM   496  N N   . THR A 1 67  ? 2.594   -7.606  8.172   1.00 9.86  ? 62  THR A N   1 
ATOM   497  C CA  . THR A 1 67  ? 1.770   -7.411  9.362   1.00 10.09 ? 62  THR A CA  1 
ATOM   498  C C   . THR A 1 67  ? 0.759   -6.298  9.131   1.00 10.10 ? 62  THR A C   1 
ATOM   499  O O   . THR A 1 67  ? 1.101   -5.207  8.639   1.00 10.42 ? 62  THR A O   1 
ATOM   500  C CB  . THR A 1 67  ? 2.630   -7.053  10.582  1.00 10.37 ? 62  THR A CB  1 
ATOM   501  O OG1 . THR A 1 67  ? 3.529   -8.137  10.852  1.00 10.26 ? 62  THR A OG1 1 
ATOM   502  C CG2 . THR A 1 67  ? 1.744   -6.792  11.790  1.00 9.29  ? 62  THR A CG2 1 
ATOM   503  N N   . VAL A 1 68  ? -0.492  -6.591  9.462   1.00 9.51  ? 63  VAL A N   1 
ATOM   504  C CA  . VAL A 1 68  ? -1.588  -5.654  9.289   1.00 10.46 ? 63  VAL A CA  1 
ATOM   505  C C   . VAL A 1 68  ? -2.243  -5.399  10.650  1.00 10.72 ? 63  VAL A C   1 
ATOM   506  O O   . VAL A 1 68  ? -2.671  -6.336  11.335  1.00 11.29 ? 63  VAL A O   1 
ATOM   507  C CB  . VAL A 1 68  ? -2.646  -6.196  8.309   1.00 11.12 ? 63  VAL A CB  1 
ATOM   508  C CG1 . VAL A 1 68  ? -3.841  -5.228  8.192   1.00 11.60 ? 63  VAL A CG1 1 
ATOM   509  C CG2 . VAL A 1 68  ? -2.030  -6.472  6.949   1.00 11.13 ? 63  VAL A CG2 1 
ATOM   510  N N   . THR A 1 69  ? -2.305  -4.136  11.046  1.00 10.00 ? 64  THR A N   1 
ATOM   511  C CA  . THR A 1 69  ? -2.979  -3.765  12.288  1.00 9.78  ? 64  THR A CA  1 
ATOM   512  C C   . THR A 1 69  ? -4.099  -2.799  11.955  1.00 9.79  ? 64  THR A C   1 
ATOM   513  O O   . THR A 1 69  ? -3.869  -1.748  11.351  1.00 9.14  ? 64  THR A O   1 
ATOM   514  C CB  . THR A 1 69  ? -2.023  -3.135  13.302  1.00 10.31 ? 64  THR A CB  1 
ATOM   515  O OG1 . THR A 1 69  ? -0.955  -4.044  13.558  1.00 9.36  ? 64  THR A OG1 1 
ATOM   516  C CG2 . THR A 1 69  ? -2.734  -2.831  14.632  1.00 11.16 ? 64  THR A CG2 1 
ATOM   517  N N   . VAL A 1 70  ? -5.316  -3.164  12.347  1.00 10.72 ? 65  VAL A N   1 
ATOM   518  C CA  . VAL A 1 70  ? -6.503  -2.403  11.947  1.00 10.88 ? 65  VAL A CA  1 
ATOM   519  C C   . VAL A 1 70  ? -7.539  -2.536  13.050  1.00 10.59 ? 65  VAL A C   1 
ATOM   520  O O   . VAL A 1 70  ? -7.553  -3.545  13.752  1.00 10.80 ? 65  VAL A O   1 
ATOM   521  C CB  . VAL A 1 70  ? -7.045  -2.919  10.574  1.00 11.63 ? 65  VAL A CB  1 
ATOM   522  C CG1 . VAL A 1 70  ? -7.393  -4.399  10.651  1.00 12.97 ? 65  VAL A CG1 1 
ATOM   523  C CG2 . VAL A 1 70  ? -8.244  -2.118  10.107  1.00 11.38 ? 65  VAL A CG2 1 
ATOM   524  N N   . GLY A 1 71  ? -8.388  -1.521  13.224  1.00 10.94 ? 66  GLY A N   1 
ATOM   525  C CA  . GLY A 1 71  ? -9.460  -1.594  14.227  1.00 12.20 ? 66  GLY A CA  1 
ATOM   526  C C   . GLY A 1 71  ? -10.613 -2.469  13.734  1.00 13.26 ? 66  GLY A C   1 
ATOM   527  O O   . GLY A 1 71  ? -10.857 -2.583  12.529  1.00 12.14 ? 66  GLY A O   1 
ATOM   528  N N   . LEU A 1 72  ? -11.322 -3.087  14.677  1.00 13.71 ? 67  LEU A N   1 
ATOM   529  C CA  . LEU A 1 72  ? -12.412 -3.991  14.365  1.00 14.79 ? 67  LEU A CA  1 
ATOM   530  C C   . LEU A 1 72  ? -13.518 -3.292  13.567  1.00 14.80 ? 67  LEU A C   1 
ATOM   531  O O   . LEU A 1 72  ? -13.976 -3.814  12.550  1.00 13.71 ? 67  LEU A O   1 
ATOM   532  C CB  . LEU A 1 72  ? -12.982 -4.548  15.674  1.00 16.69 ? 67  LEU A CB  1 
ATOM   533  C CG  . LEU A 1 72  ? -14.257 -5.381  15.628  1.00 16.76 ? 67  LEU A CG  1 
ATOM   534  C CD1 . LEU A 1 72  ? -14.047 -6.538  14.702  1.00 17.17 ? 67  LEU A CD1 1 
ATOM   535  C CD2 . LEU A 1 72  ? -14.568 -5.867  17.021  1.00 17.53 ? 67  LEU A CD2 1 
ATOM   536  N N   . GLU A 1 73  ? -13.941 -2.115  14.017  1.00 14.62 ? 68  GLU A N   1 
ATOM   537  C CA  . GLU A 1 73  ? -15.015 -1.411  13.318  1.00 16.90 ? 68  GLU A CA  1 
ATOM   538  C C   . GLU A 1 73  ? -14.633 -1.056  11.878  1.00 16.37 ? 68  GLU A C   1 
ATOM   539  O O   . GLU A 1 73  ? -15.464 -1.143  10.977  1.00 15.61 ? 68  GLU A O   1 
ATOM   540  C CB  . GLU A 1 73  ? -15.525 -0.180  14.091  1.00 19.45 ? 68  GLU A CB  1 
ATOM   541  C CG  . GLU A 1 73  ? -14.495 0.524   14.954  1.00 23.71 ? 68  GLU A CG  1 
ATOM   542  C CD  . GLU A 1 73  ? -14.230 -0.204  16.265  1.00 25.65 ? 68  GLU A CD  1 
ATOM   543  O OE1 . GLU A 1 73  ? -15.206 -0.531  16.986  1.00 27.47 ? 68  GLU A OE1 1 
ATOM   544  O OE2 . GLU A 1 73  ? -13.047 -0.445  16.576  1.00 26.97 ? 68  GLU A OE2 1 
ATOM   545  N N   . ASP A 1 74  ? -13.375 -0.681  11.651  1.00 15.75 ? 69  ASP A N   1 
ATOM   546  C CA  . ASP A 1 74  ? -12.928 -0.420  10.284  1.00 15.44 ? 69  ASP A CA  1 
ATOM   547  C C   . ASP A 1 74  ? -12.932 -1.688  9.422   1.00 15.66 ? 69  ASP A C   1 
ATOM   548  O O   . ASP A 1 74  ? -13.295 -1.646  8.253   1.00 15.74 ? 69  ASP A O   1 
ATOM   549  C CB  . ASP A 1 74  ? -11.552 0.259   10.268  1.00 14.93 ? 69  ASP A CB  1 
ATOM   550  C CG  . ASP A 1 74  ? -11.581 1.648   10.879  1.00 15.98 ? 69  ASP A CG  1 
ATOM   551  O OD1 . ASP A 1 74  ? -10.598 2.030   11.553  1.00 15.46 ? 69  ASP A OD1 1 
ATOM   552  O OD2 . ASP A 1 74  ? -12.588 2.364   10.683  1.00 15.95 ? 69  ASP A OD2 1 
ATOM   553  N N   . MET A 1 75  ? -12.510 -2.814  9.987   1.00 16.15 ? 70  MET A N   1 
ATOM   554  C CA  . MET A 1 75  ? -12.579 -4.086  9.257   1.00 15.82 ? 70  MET A CA  1 
ATOM   555  C C   . MET A 1 75  ? -13.986 -4.399  8.790   1.00 16.28 ? 70  MET A C   1 
ATOM   556  O O   . MET A 1 75  ? -14.193 -4.802  7.639   1.00 16.52 ? 70  MET A O   1 
ATOM   557  C CB  A MET A 1 75  ? -12.067 -5.252  10.090  0.65 15.45 ? 70  MET A CB  1 
ATOM   558  C CB  B MET A 1 75  ? -12.120 -5.210  10.180  0.35 16.99 ? 70  MET A CB  1 
ATOM   559  C CG  A MET A 1 75  ? -10.585 -5.253  10.310  0.65 14.41 ? 70  MET A CG  1 
ATOM   560  C CG  B MET A 1 75  ? -11.796 -6.504  9.490   0.35 17.21 ? 70  MET A CG  1 
ATOM   561  S SD  A MET A 1 75  ? -10.080 -6.847  10.949  0.65 14.73 ? 70  MET A SD  1 
ATOM   562  S SD  B MET A 1 75  ? -10.077 -6.503  8.978   0.35 18.48 ? 70  MET A SD  1 
ATOM   563  C CE  A MET A 1 75  ? -9.959  -7.829  9.455   0.65 14.02 ? 70  MET A CE  1 
ATOM   564  C CE  B MET A 1 75  ? -9.704  -8.250  9.079   0.35 17.51 ? 70  MET A CE  1 
ATOM   565  N N   . LEU A 1 76  ? -14.948 -4.251  9.701   1.00 15.81 ? 71  LEU A N   1 
ATOM   566  C CA  . LEU A 1 76  ? -16.340 -4.507  9.385   1.00 15.99 ? 71  LEU A CA  1 
ATOM   567  C C   . LEU A 1 76  ? -16.847 -3.561  8.293   1.00 15.33 ? 71  LEU A C   1 
ATOM   568  O O   . LEU A 1 76  ? -17.636 -3.967  7.434   1.00 15.90 ? 71  LEU A O   1 
ATOM   569  C CB  . LEU A 1 76  ? -17.220 -4.414  10.648  1.00 16.66 ? 71  LEU A CB  1 
ATOM   570  C CG  . LEU A 1 76  ? -17.203 -5.573  11.664  1.00 16.94 ? 71  LEU A CG  1 
ATOM   571  C CD1 . LEU A 1 76  ? -18.019 -5.209  12.900  1.00 16.88 ? 71  LEU A CD1 1 
ATOM   572  C CD2 . LEU A 1 76  ? -17.727 -6.876  11.066  1.00 17.44 ? 71  LEU A CD2 1 
ATOM   573  N N   . ALA A 1 77  ? -16.411 -2.299  8.342   1.00 14.87 ? 72  ALA A N   1 
ATOM   574  C CA  . ALA A 1 77  ? -16.773 -1.318  7.332   1.00 14.89 ? 72  ALA A CA  1 
ATOM   575  C C   . ALA A 1 77  ? -16.202 -1.654  5.951   1.00 14.86 ? 72  ALA A C   1 
ATOM   576  O O   . ALA A 1 77  ? -16.857 -1.429  4.917   1.00 13.87 ? 72  ALA A O   1 
ATOM   577  C CB  . ALA A 1 77  ? -16.324 0.103   7.767   1.00 15.21 ? 72  ALA A CB  1 
ATOM   578  N N   . ILE A 1 78  ? -14.965 -2.142  5.923   1.00 13.87 ? 73  ILE A N   1 
ATOM   579  C CA  . ILE A 1 78  ? -14.357 -2.551  4.647   1.00 12.86 ? 73  ILE A CA  1 
ATOM   580  C C   . ILE A 1 78  ? -15.096 -3.791  4.119   1.00 12.96 ? 73  ILE A C   1 
ATOM   581  O O   . ILE A 1 78  ? -15.399 -3.906  2.923   1.00 13.47 ? 73  ILE A O   1 
ATOM   582  C CB  . ILE A 1 78  ? -12.836 -2.843  4.807   1.00 12.51 ? 73  ILE A CB  1 
ATOM   583  C CG1 . ILE A 1 78  ? -12.058 -1.548  5.077   1.00 11.68 ? 73  ILE A CG1 1 
ATOM   584  C CG2 . ILE A 1 78  ? -12.287 -3.513  3.551   1.00 13.20 ? 73  ILE A CG2 1 
ATOM   585  C CD1 . ILE A 1 78  ? -10.608 -1.770  5.578   1.00 12.27 ? 73  ILE A CD1 1 
ATOM   586  N N   . SER A 1 79  ? -15.415 -4.704  5.021   1.00 10.51 ? 74  SER A N   1 
ATOM   587  C CA  . SER A 1 79  ? -16.127 -5.922  4.633   1.00 10.57 ? 74  SER A CA  1 
ATOM   588  C C   . SER A 1 79  ? -17.497 -5.629  4.037   1.00 10.89 ? 74  SER A C   1 
ATOM   589  O O   . SER A 1 79  ? -17.885 -6.244  3.055   1.00 11.81 ? 74  SER A O   1 
ATOM   590  C CB  . SER A 1 79  ? -16.290 -6.878  5.820   1.00 8.56  ? 74  SER A CB  1 
ATOM   591  O OG  . SER A 1 79  ? -16.869 -8.092  5.365   1.00 7.97  ? 74  SER A OG  1 
ATOM   592  N N   . GLY A 1 80  ? -18.222 -4.679  4.620   1.00 11.52 ? 75  GLY A N   1 
ATOM   593  C CA  . GLY A 1 80  ? -19.558 -4.324  4.130   1.00 13.53 ? 75  GLY A CA  1 
ATOM   594  C C   . GLY A 1 80  ? -19.533 -3.224  3.081   1.00 14.23 ? 75  GLY A C   1 
ATOM   595  O O   . GLY A 1 80  ? -20.575 -2.714  2.655   1.00 14.61 ? 75  GLY A O   1 
ATOM   596  N N   . LYS A 1 81  ? -18.328 -2.851  2.678   1.00 15.58 ? 76  LYS A N   1 
ATOM   597  C CA  . LYS A 1 81  ? -18.114 -1.861  1.622   1.00 16.64 ? 76  LYS A CA  1 
ATOM   598  C C   . LYS A 1 81  ? -18.550 -0.426  1.954   1.00 16.73 ? 76  LYS A C   1 
ATOM   599  O O   . LYS A 1 81  ? -18.748 0.367   1.042   1.00 17.77 ? 76  LYS A O   1 
ATOM   600  C CB  . LYS A 1 81  ? -18.773 -2.324  0.314   1.00 17.63 ? 76  LYS A CB  1 
ATOM   601  C CG  . LYS A 1 81  ? -18.134 -3.557  -0.325  1.00 18.60 ? 76  LYS A CG  1 
ATOM   602  C CD  . LYS A 1 81  ? -16.692 -3.277  -0.723  1.00 20.28 ? 76  LYS A CD  1 
ATOM   603  C CE  . LYS A 1 81  ? -16.139 -4.335  -1.695  1.00 21.27 ? 76  LYS A CE  1 
ATOM   604  N NZ  . LYS A 1 81  ? -14.818 -3.914  -2.283  1.00 22.36 ? 76  LYS A NZ  1 
ATOM   605  N N   . THR A 1 82  ? -18.706 -0.077  3.229   1.00 16.34 ? 77  THR A N   1 
ATOM   606  C CA  . THR A 1 82  ? -19.024 1.316   3.568   1.00 17.13 ? 77  THR A CA  1 
ATOM   607  C C   . THR A 1 82  ? -17.733 2.130   3.679   1.00 17.20 ? 77  THR A C   1 
ATOM   608  O O   . THR A 1 82  ? -17.756 3.366   3.763   1.00 17.65 ? 77  THR A O   1 
ATOM   609  C CB  . THR A 1 82  ? -19.800 1.453   4.890   1.00 17.57 ? 77  THR A CB  1 
ATOM   610  O OG1 . THR A 1 82  ? -19.082 0.773   5.923   1.00 18.29 ? 77  THR A OG1 1 
ATOM   611  C CG2 . THR A 1 82  ? -21.221 0.866   4.772   1.00 17.58 ? 77  THR A CG2 1 
ATOM   612  N N   . LEU A 1 83  ? -16.608 1.429   3.693   1.00 16.01 ? 78  LEU A N   1 
ATOM   613  C CA  . LEU A 1 83  ? -15.307 2.086   3.719   1.00 16.19 ? 78  LEU A CA  1 
ATOM   614  C C   . LEU A 1 83  ? -14.413 1.391   2.703   1.00 16.04 ? 78  LEU A C   1 
ATOM   615  O O   . LEU A 1 83  ? -14.280 0.177   2.737   1.00 16.46 ? 78  LEU A O   1 
ATOM   616  C CB  . LEU A 1 83  ? -14.705 2.015   5.130   1.00 15.31 ? 78  LEU A CB  1 
ATOM   617  C CG  . LEU A 1 83  ? -13.230 2.379   5.329   1.00 16.06 ? 78  LEU A CG  1 
ATOM   618  C CD1 . LEU A 1 83  ? -13.013 3.868   5.126   1.00 16.36 ? 78  LEU A CD1 1 
ATOM   619  C CD2 . LEU A 1 83  ? -12.785 1.954   6.715   1.00 15.94 ? 78  LEU A CD2 1 
ATOM   620  N N   . THR A 1 84  ? -13.844 2.149   1.769   1.00 16.49 ? 79  THR A N   1 
ATOM   621  C CA  . THR A 1 84  ? -12.967 1.561   0.766   1.00 16.70 ? 79  THR A CA  1 
ATOM   622  C C   . THR A 1 84  ? -11.556 1.465   1.332   1.00 17.68 ? 79  THR A C   1 
ATOM   623  O O   . THR A 1 84  ? -11.195 2.174   2.287   1.00 18.13 ? 79  THR A O   1 
ATOM   624  C CB  . THR A 1 84  ? -12.906 2.378   -0.543  1.00 16.60 ? 79  THR A CB  1 
ATOM   625  O OG1 . THR A 1 84  ? -12.202 3.606   -0.309  1.00 16.93 ? 79  THR A OG1 1 
ATOM   626  C CG2 . THR A 1 84  ? -14.301 2.683   -1.081  1.00 15.85 ? 79  THR A CG2 1 
ATOM   627  N N   . VAL A 1 85  ? -10.745 0.600   0.737   1.00 17.77 ? 80  VAL A N   1 
ATOM   628  C CA  . VAL A 1 85  ? -9.365  0.459   1.192   1.00 17.93 ? 80  VAL A CA  1 
ATOM   629  C C   . VAL A 1 85  ? -8.562  1.760   0.967   1.00 18.24 ? 80  VAL A C   1 
ATOM   630  O O   . VAL A 1 85  ? -7.815  2.202   1.846   1.00 18.82 ? 80  VAL A O   1 
ATOM   631  C CB  . VAL A 1 85  ? -8.666  -0.744  0.528   1.00 17.92 ? 80  VAL A CB  1 
ATOM   632  C CG1 . VAL A 1 85  ? -7.207  -0.827  0.971   1.00 18.35 ? 80  VAL A CG1 1 
ATOM   633  C CG2 . VAL A 1 85  ? -9.411  -2.050  0.873   1.00 17.66 ? 80  VAL A CG2 1 
ATOM   634  N N   . GLY A 1 86  ? -8.724  2.380   -0.197  1.00 18.07 ? 81  GLY A N   1 
ATOM   635  C CA  . GLY A 1 86  ? -8.049  3.656   -0.463  1.00 17.81 ? 81  GLY A CA  1 
ATOM   636  C C   . GLY A 1 86  ? -8.398  4.727   0.565   1.00 18.35 ? 81  GLY A C   1 
ATOM   637  O O   . GLY A 1 86  ? -7.532  5.476   1.021   1.00 18.52 ? 81  GLY A O   1 
ATOM   638  N N   . ASP A 1 87  ? -9.675  4.804   0.930   1.00 18.00 ? 82  ASP A N   1 
ATOM   639  C CA  . ASP A 1 87  ? -10.100 5.742   1.961   1.00 18.29 ? 82  ASP A CA  1 
ATOM   640  C C   . ASP A 1 87  ? -9.541  5.396   3.342   1.00 17.42 ? 82  ASP A C   1 
ATOM   641  O O   . ASP A 1 87  ? -9.162  6.292   4.103   1.00 17.26 ? 82  ASP A O   1 
ATOM   642  C CB  . ASP A 1 87  ? -11.626 5.880   1.999   1.00 18.62 ? 82  ASP A CB  1 
ATOM   643  C CG  . ASP A 1 87  ? -12.155 6.771   0.893   1.00 19.67 ? 82  ASP A CG  1 
ATOM   644  O OD1 . ASP A 1 87  ? -11.344 7.508   0.282   1.00 20.17 ? 82  ASP A OD1 1 
ATOM   645  O OD2 . ASP A 1 87  ? -13.385 6.743   0.633   1.00 20.05 ? 82  ASP A OD2 1 
ATOM   646  N N   . ALA A 1 88  ? -9.510  4.103   3.664   1.00 15.95 ? 83  ALA A N   1 
ATOM   647  C CA  . ALA A 1 88  ? -8.916  3.650   4.912   1.00 14.79 ? 83  ALA A CA  1 
ATOM   648  C C   . ALA A 1 88  ? -7.442  4.031   4.941   1.00 14.54 ? 83  ALA A C   1 
ATOM   649  O O   . ALA A 1 88  ? -6.930  4.490   5.960   1.00 14.63 ? 83  ALA A O   1 
ATOM   650  C CB  . ALA A 1 88  ? -9.077  2.140   5.055   1.00 14.28 ? 83  ALA A CB  1 
ATOM   651  N N   . LEU A 1 89  ? -6.759  3.828   3.818   1.00 14.82 ? 84  LEU A N   1 
ATOM   652  C CA  . LEU A 1 89  ? -5.355  4.243   3.694   1.00 15.44 ? 84  LEU A CA  1 
ATOM   653  C C   . LEU A 1 89  ? -5.190  5.745   3.876   1.00 16.38 ? 84  LEU A C   1 
ATOM   654  O O   . LEU A 1 89  ? -4.360  6.193   4.682   1.00 16.24 ? 84  LEU A O   1 
ATOM   655  C CB  . LEU A 1 89  ? -4.775  3.795   2.352   1.00 15.55 ? 84  LEU A CB  1 
ATOM   656  C CG  . LEU A 1 89  ? -4.353  2.331   2.251   1.00 16.28 ? 84  LEU A CG  1 
ATOM   657  C CD1 . LEU A 1 89  ? -4.222  1.891   0.790   1.00 15.92 ? 84  LEU A CD1 1 
ATOM   658  C CD2 . LEU A 1 89  ? -3.045  2.096   2.999   1.00 16.04 ? 84  LEU A CD2 1 
ATOM   659  N N   . LYS A 1 90  ? -5.987  6.520   3.138   1.00 17.80 ? 85  LYS A N   1 
ATOM   660  C CA  . LYS A 1 90  ? -5.934  7.988   3.210   1.00 20.12 ? 85  LYS A CA  1 
ATOM   661  C C   . LYS A 1 90  ? -6.122  8.497   4.635   1.00 21.11 ? 85  LYS A C   1 
ATOM   662  O O   . LYS A 1 90  ? -5.527  9.504   5.022   1.00 21.24 ? 85  LYS A O   1 
ATOM   663  C CB  . LYS A 1 90  ? -7.003  8.622   2.308   1.00 20.46 ? 85  LYS A CB  1 
ATOM   664  C CG  . LYS A 1 90  ? -6.576  8.856   0.864   1.00 21.53 ? 85  LYS A CG  1 
ATOM   665  C CD  . LYS A 1 90  ? -7.761  9.249   -0.044  1.00 21.79 ? 85  LYS A CD  1 
ATOM   666  C CE  . LYS A 1 90  ? -8.372  10.608  0.313   1.00 22.22 ? 85  LYS A CE  1 
ATOM   667  N NZ  . LYS A 1 90  ? -7.954  11.713  -0.611  1.00 22.68 ? 85  LYS A NZ  1 
ATOM   668  N N   . GLN A 1 91  ? -6.954  7.797   5.405   1.00 22.56 ? 86  GLN A N   1 
ATOM   669  C CA  . GLN A 1 91  ? -7.309  8.213   6.765   1.00 24.16 ? 86  GLN A CA  1 
ATOM   670  C C   . GLN A 1 91  ? -6.366  7.660   7.844   1.00 23.74 ? 86  GLN A C   1 
ATOM   671  O O   . GLN A 1 91  ? -6.572  7.903   9.040   1.00 24.83 ? 86  GLN A O   1 
ATOM   672  C CB  . GLN A 1 91  ? -8.759  7.826   7.082   1.00 24.63 ? 86  GLN A CB  1 
ATOM   673  C CG  . GLN A 1 91  ? -9.781  8.518   6.192   1.00 26.80 ? 86  GLN A CG  1 
ATOM   674  C CD  . GLN A 1 91  ? -11.178 7.932   6.321   1.00 27.58 ? 86  GLN A CD  1 
ATOM   675  O OE1 . GLN A 1 91  ? -11.698 7.756   7.430   1.00 29.39 ? 86  GLN A OE1 1 
ATOM   676  N NE2 . GLN A 1 91  ? -11.798 7.629   5.182   1.00 28.72 ? 86  GLN A NE2 1 
ATOM   677  N N   . GLY A 1 92  ? -5.343  6.918   7.422   1.00 22.59 ? 87  GLY A N   1 
ATOM   678  C CA  . GLY A 1 92  ? -4.353  6.372   8.352   1.00 20.66 ? 87  GLY A CA  1 
ATOM   679  C C   . GLY A 1 92  ? -4.926  5.291   9.251   1.00 19.92 ? 87  GLY A C   1 
ATOM   680  O O   . GLY A 1 92  ? -4.487  5.114   10.399  1.00 19.41 ? 87  GLY A O   1 
ATOM   681  N N   . LYS A 1 93  ? -5.906  4.556   8.731   1.00 17.52 ? 88  LYS A N   1 
ATOM   682  C CA  . LYS A 1 93  ? -6.601  3.559   9.542   1.00 17.31 ? 88  LYS A CA  1 
ATOM   683  C C   . LYS A 1 93  ? -5.927  2.190   9.525   1.00 16.42 ? 88  LYS A C   1 
ATOM   684  O O   . LYS A 1 93  ? -6.255  1.332   10.339  1.00 16.50 ? 88  LYS A O   1 
ATOM   685  C CB  . LYS A 1 93  ? -8.063  3.433   9.118   1.00 17.44 ? 88  LYS A CB  1 
ATOM   686  C CG  . LYS A 1 93  ? -8.942  4.594   9.576   1.00 18.58 ? 88  LYS A CG  1 
ATOM   687  C CD  . LYS A 1 93  ? -10.278 4.589   8.839   1.00 19.06 ? 88  LYS A CD  1 
ATOM   688  C CE  . LYS A 1 93  ? -11.227 5.669   9.351   1.00 20.14 ? 88  LYS A CE  1 
ATOM   689  N NZ  . LYS A 1 93  ? -11.872 5.321   10.643  1.00 19.36 ? 88  LYS A NZ  1 
ATOM   690  N N   . ILE A 1 94  ? -4.984  1.990   8.605   1.00 15.67 ? 89  ILE A N   1 
ATOM   691  C CA  . ILE A 1 94  ? -4.290  0.719   8.516   1.00 15.62 ? 89  ILE A CA  1 
ATOM   692  C C   . ILE A 1 94  ? -2.800  0.915   8.792   1.00 15.02 ? 89  ILE A C   1 
ATOM   693  O O   . ILE A 1 94  ? -2.162  1.799   8.236   1.00 16.76 ? 89  ILE A O   1 
ATOM   694  C CB  . ILE A 1 94  ? -4.514  0.024   7.143   1.00 16.67 ? 89  ILE A CB  1 
ATOM   695  C CG1 . ILE A 1 94  ? -6.013  -0.109  6.834   1.00 16.41 ? 89  ILE A CG1 1 
ATOM   696  C CG2 . ILE A 1 94  ? -3.850  -1.381  7.125   1.00 15.89 ? 89  ILE A CG2 1 
ATOM   697  C CD1 . ILE A 1 94  ? -6.336  -0.521  5.372   1.00 16.31 ? 89  ILE A CD1 1 
ATOM   698  N N   . GLU A 1 95  ? -2.255  0.096   9.675   1.00 13.97 ? 90  GLU A N   1 
ATOM   699  C CA  . GLU A 1 95  ? -0.829  0.106   9.928   1.00 13.43 ? 90  GLU A CA  1 
ATOM   700  C C   . GLU A 1 95  ? -0.228  -1.162  9.359   1.00 12.78 ? 90  GLU A C   1 
ATOM   701  O O   . GLU A 1 95  ? -0.739  -2.266  9.606   1.00 10.59 ? 90  GLU A O   1 
ATOM   702  C CB  . GLU A 1 95  ? -0.599  0.197   11.422  1.00 15.07 ? 90  GLU A CB  1 
ATOM   703  C CG  . GLU A 1 95  ? 0.843   0.055   11.895  1.00 18.72 ? 90  GLU A CG  1 
ATOM   704  C CD  . GLU A 1 95  ? 0.904   0.142   13.405  1.00 19.64 ? 90  GLU A CD  1 
ATOM   705  O OE1 . GLU A 1 95  ? 1.735   -0.550  14.027  1.00 20.37 ? 90  GLU A OE1 1 
ATOM   706  O OE2 . GLU A 1 95  ? 0.068   0.885   13.964  1.00 20.73 ? 90  GLU A OE2 1 
ATOM   707  N N   . LEU A 1 96  ? 0.853   -0.988  8.596   1.00 12.28 ? 91  LEU A N   1 
ATOM   708  C CA  . LEU A 1 96  ? 1.524   -2.078  7.904   1.00 12.68 ? 91  LEU A CA  1 
ATOM   709  C C   . LEU A 1 96  ? 3.002   -2.120  8.255   1.00 12.05 ? 91  LEU A C   1 
ATOM   710  O O   . LEU A 1 96  ? 3.618   -1.104  8.561   1.00 10.78 ? 91  LEU A O   1 
ATOM   711  C CB  . LEU A 1 96  ? 1.420   -1.893  6.385   1.00 13.88 ? 91  LEU A CB  1 
ATOM   712  C CG  . LEU A 1 96  ? 0.050   -1.907  5.720   1.00 14.80 ? 91  LEU A CG  1 
ATOM   713  C CD1 . LEU A 1 96  ? 0.268   -1.708  4.249   1.00 15.28 ? 91  LEU A CD1 1 
ATOM   714  C CD2 . LEU A 1 96  ? -0.635  -3.229  5.964   1.00 15.43 ? 91  LEU A CD2 1 
ATOM   715  N N   . SER A 1 97  ? 3.567   -3.306  8.192   1.00 11.48 ? 92  SER A N   1 
ATOM   716  C CA  . SER A 1 97  ? 5.010   -3.445  8.139   1.00 12.82 ? 92  SER A CA  1 
ATOM   717  C C   . SER A 1 97  ? 5.311   -4.630  7.267   1.00 12.06 ? 92  SER A C   1 
ATOM   718  O O   . SER A 1 97  ? 4.468   -5.502  7.098   1.00 12.59 ? 92  SER A O   1 
ATOM   719  C CB  . SER A 1 97  ? 5.627   -3.627  9.526   1.00 14.06 ? 92  SER A CB  1 
ATOM   720  O OG  . SER A 1 97  ? 5.236   -4.846  10.101  1.00 16.80 ? 92  SER A OG  1 
ATOM   721  N N   . GLY A 1 98  ? 6.507   -4.661  6.705   1.00 11.25 ? 93  GLY A N   1 
ATOM   722  C CA  . GLY A 1 98  ? 6.938   -5.817  5.951   1.00 10.13 ? 93  GLY A CA  1 
ATOM   723  C C   . GLY A 1 98  ? 6.986   -5.546  4.470   1.00 9.33  ? 93  GLY A C   1 
ATOM   724  O O   . GLY A 1 98  ? 7.413   -4.478  4.041   1.00 9.24  ? 93  GLY A O   1 
ATOM   725  N N   . ASP A 1 99  ? 6.542   -6.525  3.692   1.00 9.06  ? 94  ASP A N   1 
ATOM   726  C CA  . ASP A 1 99  ? 6.789   -6.569  2.250   1.00 7.74  ? 94  ASP A CA  1 
ATOM   727  C C   . ASP A 1 99  ? 5.745   -5.726  1.516   1.00 6.92  ? 94  ASP A C   1 
ATOM   728  O O   . ASP A 1 99  ? 4.564   -6.063  1.522   1.00 4.36  ? 94  ASP A O   1 
ATOM   729  C CB  . ASP A 1 99  ? 6.746   -8.033  1.811   1.00 9.23  ? 94  ASP A CB  1 
ATOM   730  C CG  . ASP A 1 99  ? 7.027   -8.231  0.349   1.00 11.21 ? 94  ASP A CG  1 
ATOM   731  O OD1 . ASP A 1 99  ? 7.209   -9.390  -0.033  1.00 13.82 ? 94  ASP A OD1 1 
ATOM   732  O OD2 . ASP A 1 99  ? 7.066   -7.271  -0.427  1.00 13.95 ? 94  ASP A OD2 1 
ATOM   733  N N   . ALA A 1 100 ? 6.180   -4.615  0.901   1.00 5.73  ? 95  ALA A N   1 
ATOM   734  C CA  . ALA A 1 100 ? 5.248   -3.731  0.146   1.00 6.39  ? 95  ALA A CA  1 
ATOM   735  C C   . ALA A 1 100 ? 4.607   -4.381  -1.073  1.00 6.76  ? 95  ALA A C   1 
ATOM   736  O O   . ALA A 1 100 ? 3.481   -4.071  -1.425  1.00 7.89  ? 95  ALA A O   1 
ATOM   737  C CB  . ALA A 1 100 ? 5.941   -2.417  -0.264  1.00 5.35  ? 95  ALA A CB  1 
ATOM   738  N N   . ASP A 1 101 ? 5.343   -5.262  -1.731  1.00 6.74  ? 96  ASP A N   1 
ATOM   739  C CA  . ASP A 1 101 ? 4.873   -5.949  -2.923  1.00 7.09  ? 96  ASP A CA  1 
ATOM   740  C C   . ASP A 1 101 ? 3.677   -6.836  -2.580  1.00 7.04  ? 96  ASP A C   1 
ATOM   741  O O   . ASP A 1 101 ? 2.646   -6.804  -3.240  1.00 7.37  ? 96  ASP A O   1 
ATOM   742  C CB  . ASP A 1 101 ? 6.026   -6.765  -3.516  1.00 7.22  ? 96  ASP A CB  1 
ATOM   743  C CG  . ASP A 1 101 ? 5.615   -7.592  -4.716  1.00 10.08 ? 96  ASP A CG  1 
ATOM   744  O OD1 . ASP A 1 101 ? 6.024   -8.769  -4.774  1.00 12.67 ? 96  ASP A OD1 1 
ATOM   745  O OD2 . ASP A 1 101 ? 4.895   -7.091  -5.602  1.00 9.45  ? 96  ASP A OD2 1 
ATOM   746  N N   . LEU A 1 102 ? 3.815   -7.625  -1.531  1.00 8.40  ? 97  LEU A N   1 
ATOM   747  C CA  . LEU A 1 102 ? 2.741   -8.500  -1.107  1.00 8.56  ? 97  LEU A CA  1 
ATOM   748  C C   . LEU A 1 102 ? 1.569   -7.705  -0.576  1.00 9.38  ? 97  LEU A C   1 
ATOM   749  O O   . LEU A 1 102 ? 0.414   -8.064  -0.827  1.00 10.23 ? 97  LEU A O   1 
ATOM   750  C CB  . LEU A 1 102 ? 3.241   -9.508  -0.066  1.00 8.62  ? 97  LEU A CB  1 
ATOM   751  C CG  . LEU A 1 102 ? 3.670   -10.866 -0.623  1.00 9.99  ? 97  LEU A CG  1 
ATOM   752  C CD1 . LEU A 1 102 ? 4.389   -11.707 0.433   1.00 10.15 ? 97  LEU A CD1 1 
ATOM   753  C CD2 . LEU A 1 102 ? 2.453   -11.596 -1.132  1.00 9.51  ? 97  LEU A CD2 1 
ATOM   754  N N   . ALA A 1 103 ? 1.844   -6.600  0.119   1.00 10.06 ? 98  ALA A N   1 
ATOM   755  C CA  . ALA A 1 103 ? 0.749   -5.716  0.549   1.00 10.04 ? 98  ALA A CA  1 
ATOM   756  C C   . ALA A 1 103 ? -0.059  -5.156  -0.629  1.00 10.68 ? 98  ALA A C   1 
ATOM   757  O O   . ALA A 1 103 ? -1.293  -5.131  -0.587  1.00 10.23 ? 98  ALA A O   1 
ATOM   758  C CB  . ALA A 1 103 ? 1.271   -4.579  1.430   1.00 9.26  ? 98  ALA A CB  1 
ATOM   759  N N   . ALA A 1 104 ? 0.628   -4.686  -1.671  1.00 9.98  ? 99  ALA A N   1 
ATOM   760  C CA  . ALA A 1 104 ? -0.067  -4.104  -2.810  1.00 10.09 ? 99  ALA A CA  1 
ATOM   761  C C   . ALA A 1 104 ? -0.924  -5.151  -3.539  1.00 10.82 ? 99  ALA A C   1 
ATOM   762  O O   . ALA A 1 104 ? -2.026  -4.854  -4.013  1.00 9.96  ? 99  ALA A O   1 
ATOM   763  C CB  . ALA A 1 104 ? 0.938   -3.441  -3.785  1.00 8.32  ? 99  ALA A CB  1 
ATOM   764  N N   . LYS A 1 105 ? -0.408  -6.369  -3.626  1.00 9.98  ? 100 LYS A N   1 
ATOM   765  C CA  . LYS A 1 105 ? -1.097  -7.450  -4.321  1.00 10.34 ? 100 LYS A CA  1 
ATOM   766  C C   . LYS A 1 105 ? -2.352  -7.867  -3.563  1.00 11.07 ? 100 LYS A C   1 
ATOM   767  O O   . LYS A 1 105 ? -3.379  -8.167  -4.181  1.00 11.47 ? 100 LYS A O   1 
ATOM   768  C CB  . LYS A 1 105 ? -0.169  -8.650  -4.497  1.00 10.23 ? 100 LYS A CB  1 
ATOM   769  C CG  . LYS A 1 105 ? 0.841   -8.522  -5.644  1.00 10.58 ? 100 LYS A CG  1 
ATOM   770  C CD  . LYS A 1 105 ? 2.018   -9.495  -5.406  1.00 10.19 ? 100 LYS A CD  1 
ATOM   771  C CE  . LYS A 1 105 ? 2.863   -9.737  -6.656  1.00 10.48 ? 100 LYS A CE  1 
ATOM   772  N NZ  . LYS A 1 105 ? 4.183   -10.329 -6.216  1.00 10.66 ? 100 LYS A NZ  1 
ATOM   773  N N   . LEU A 1 106 ? -2.268  -7.877  -2.231  1.00 11.73 ? 101 LEU A N   1 
ATOM   774  C CA  . LEU A 1 106 ? -3.451  -8.078  -1.377  1.00 11.85 ? 101 LEU A CA  1 
ATOM   775  C C   . LEU A 1 106 ? -4.533  -7.014  -1.625  1.00 12.37 ? 101 LEU A C   1 
ATOM   776  O O   . LEU A 1 106 ? -5.707  -7.329  -1.758  1.00 12.62 ? 101 LEU A O   1 
ATOM   777  C CB  . LEU A 1 106 ? -3.046  -8.038  0.100   1.00 11.99 ? 101 LEU A CB  1 
ATOM   778  C CG  . LEU A 1 106 ? -4.159  -8.409  1.084   1.00 12.16 ? 101 LEU A CG  1 
ATOM   779  C CD1 . LEU A 1 106 ? -4.558  -9.850  0.869   1.00 11.68 ? 101 LEU A CD1 1 
ATOM   780  C CD2 . LEU A 1 106 ? -3.725  -8.205  2.511   1.00 12.49 ? 101 LEU A CD2 1 
ATOM   781  N N   . ALA A 1 107 ? -4.139  -5.748  -1.681  1.00 12.99 ? 102 ALA A N   1 
ATOM   782  C CA  . ALA A 1 107 ? -5.110  -4.657  -1.880  1.00 14.33 ? 102 ALA A CA  1 
ATOM   783  C C   . ALA A 1 107 ? -5.902  -4.836  -3.169  1.00 15.40 ? 102 ALA A C   1 
ATOM   784  O O   . ALA A 1 107 ? -7.085  -4.455  -3.266  1.00 16.18 ? 102 ALA A O   1 
ATOM   785  C CB  . ALA A 1 107 ? -4.402  -3.295  -1.857  1.00 13.47 ? 102 ALA A CB  1 
ATOM   786  N N   . GLU A 1 108 ? -5.249  -5.416  -4.164  1.00 16.47 ? 103 GLU A N   1 
ATOM   787  C CA  . GLU A 1 108 ? -5.873  -5.675  -5.452  1.00 18.63 ? 103 GLU A CA  1 
ATOM   788  C C   . GLU A 1 108 ? -7.025  -6.707  -5.386  1.00 19.20 ? 103 GLU A C   1 
ATOM   789  O O   . GLU A 1 108 ? -8.020  -6.565  -6.108  1.00 18.73 ? 103 GLU A O   1 
ATOM   790  C CB  . GLU A 1 108 ? -4.789  -6.085  -6.467  1.00 18.89 ? 103 GLU A CB  1 
ATOM   791  C CG  . GLU A 1 108 ? -5.302  -6.442  -7.835  1.00 21.23 ? 103 GLU A CG  1 
ATOM   792  C CD  . GLU A 1 108 ? -4.208  -6.528  -8.888  1.00 21.37 ? 103 GLU A CD  1 
ATOM   793  O OE1 . GLU A 1 108 ? -3.012  -6.469  -8.543  1.00 23.01 ? 103 GLU A OE1 1 
ATOM   794  O OE2 . GLU A 1 108 ? -4.558  -6.655  -10.075 1.00 23.46 ? 103 GLU A OE2 1 
ATOM   795  N N   . VAL A 1 109 ? -6.907  -7.709  -4.506  1.00 18.77 ? 104 VAL A N   1 
ATOM   796  C CA  . VAL A 1 109 ? -7.861  -8.840  -4.466  1.00 18.92 ? 104 VAL A CA  1 
ATOM   797  C C   . VAL A 1 109 ? -8.963  -8.767  -3.391  1.00 19.58 ? 104 VAL A C   1 
ATOM   798  O O   . VAL A 1 109 ? -9.926  -9.539  -3.428  1.00 19.67 ? 104 VAL A O   1 
ATOM   799  C CB  . VAL A 1 109 ? -7.131  -10.225 -4.382  1.00 18.57 ? 104 VAL A CB  1 
ATOM   800  C CG1 . VAL A 1 109 ? -6.106  -10.375 -5.511  1.00 17.86 ? 104 VAL A CG1 1 
ATOM   801  C CG2 . VAL A 1 109 ? -6.468  -10.427 -3.017  1.00 18.23 ? 104 VAL A CG2 1 
ATOM   802  N N   . ILE A 1 110 ? -8.832  -7.854  -2.437  1.00 20.18 ? 105 ILE A N   1 
ATOM   803  C CA  . ILE A 1 110 ? -9.854  -7.708  -1.399  1.00 21.04 ? 105 ILE A CA  1 
ATOM   804  C C   . ILE A 1 110 ? -11.207 -7.344  -2.020  1.00 21.86 ? 105 ILE A C   1 
ATOM   805  O O   . ILE A 1 110 ? -12.223 -8.000  -1.744  1.00 22.24 ? 105 ILE A O   1 
ATOM   806  C CB  . ILE A 1 110 ? -9.466  -6.637  -0.365  1.00 21.80 ? 105 ILE A CB  1 
ATOM   807  C CG1 . ILE A 1 110 ? -8.311  -7.131  0.507   1.00 22.33 ? 105 ILE A CG1 1 
ATOM   808  C CG2 . ILE A 1 110 ? -10.659 -6.295  0.524   1.00 21.86 ? 105 ILE A CG2 1 
ATOM   809  C CD1 . ILE A 1 110 ? -7.482  -6.015  1.088   1.00 22.33 ? 105 ILE A CD1 1 
ATOM   810  N N   . SER B 1 1   ? 9.220   12.245  -27.876 1.00 47.95 ? -4  SER B N   1 
ATOM   811  C CA  . SER B 1 1   ? 7.976   12.961  -28.297 1.00 47.29 ? -4  SER B CA  1 
ATOM   812  C C   . SER B 1 1   ? 7.579   14.054  -27.292 1.00 46.63 ? -4  SER B C   1 
ATOM   813  O O   . SER B 1 1   ? 7.683   13.855  -26.079 1.00 46.76 ? -4  SER B O   1 
ATOM   814  C CB  . SER B 1 1   ? 6.824   11.965  -28.515 1.00 47.70 ? -4  SER B CB  1 
ATOM   815  O OG  . SER B 1 1   ? 6.148   11.653  -27.308 1.00 47.72 ? -4  SER B OG  1 
ATOM   816  N N   . PRO B 1 2   ? 7.130   15.215  -27.805 1.00 45.29 ? -3  PRO B N   1 
ATOM   817  C CA  . PRO B 1 2   ? 6.775   16.397  -27.014 1.00 44.30 ? -3  PRO B CA  1 
ATOM   818  C C   . PRO B 1 2   ? 5.670   16.151  -25.982 1.00 42.49 ? -3  PRO B C   1 
ATOM   819  O O   . PRO B 1 2   ? 5.728   16.699  -24.880 1.00 42.23 ? -3  PRO B O   1 
ATOM   820  C CB  . PRO B 1 2   ? 6.300   17.408  -28.077 1.00 44.77 ? -3  PRO B CB  1 
ATOM   821  C CG  . PRO B 1 2   ? 5.966   16.574  -29.285 1.00 45.17 ? -3  PRO B CG  1 
ATOM   822  C CD  . PRO B 1 2   ? 6.946   15.447  -29.248 1.00 45.31 ? -3  PRO B CD  1 
ATOM   823  N N   . GLY B 1 3   ? 4.673   15.351  -26.353 1.00 40.81 ? -2  GLY B N   1 
ATOM   824  C CA  . GLY B 1 3   ? 3.579   14.988  -25.459 1.00 38.23 ? -2  GLY B CA  1 
ATOM   825  C C   . GLY B 1 3   ? 4.059   14.224  -24.242 1.00 37.05 ? -2  GLY B C   1 
ATOM   826  O O   . GLY B 1 3   ? 3.577   14.446  -23.136 1.00 37.27 ? -2  GLY B O   1 
ATOM   827  N N   . ILE B 1 4   ? 5.011   13.317  -24.448 1.00 35.58 ? -1  ILE B N   1 
ATOM   828  C CA  . ILE B 1 4   ? 5.612   12.564  -23.350 1.00 33.60 ? -1  ILE B CA  1 
ATOM   829  C C   . ILE B 1 4   ? 6.479   13.480  -22.496 1.00 32.14 ? -1  ILE B C   1 
ATOM   830  O O   . ILE B 1 4   ? 6.390   13.453  -21.270 1.00 30.57 ? -1  ILE B O   1 
ATOM   831  C CB  . ILE B 1 4   ? 6.445   11.359  -23.863 1.00 33.84 ? -1  ILE B CB  1 
ATOM   832  C CG1 . ILE B 1 4   ? 5.527   10.214  -24.308 1.00 33.85 ? -1  ILE B CG1 1 
ATOM   833  C CG2 . ILE B 1 4   ? 7.430   10.867  -22.791 1.00 34.00 ? -1  ILE B CG2 1 
ATOM   834  C CD1 . ILE B 1 4   ? 6.281   9.038   -24.944 1.00 33.75 ? -1  ILE B CD1 1 
ATOM   835  N N   . ARG B 1 5   ? 7.304   14.298  -23.150 1.00 31.02 ? 0   ARG B N   1 
ATOM   836  C CA  . ARG B 1 5   ? 8.185   15.238  -22.452 1.00 31.01 ? 0   ARG B CA  1 
ATOM   837  C C   . ARG B 1 5   ? 7.413   16.196  -21.536 1.00 29.63 ? 0   ARG B C   1 
ATOM   838  O O   . ARG B 1 5   ? 7.778   16.386  -20.374 1.00 27.57 ? 0   ARG B O   1 
ATOM   839  C CB  . ARG B 1 5   ? 9.045   16.036  -23.452 1.00 33.49 ? 0   ARG B CB  1 
ATOM   840  C CG  . ARG B 1 5   ? 10.051  15.177  -24.223 1.00 36.53 ? 0   ARG B CG  1 
ATOM   841  C CD  . ARG B 1 5   ? 11.208  15.999  -24.789 1.00 39.55 ? 0   ARG B CD  1 
ATOM   842  N NE  . ARG B 1 5   ? 11.232  16.060  -26.256 1.00 42.10 ? 0   ARG B NE  1 
ATOM   843  C CZ  . ARG B 1 5   ? 10.620  16.992  -26.985 1.00 43.49 ? 0   ARG B CZ  1 
ATOM   844  N NH1 . ARG B 1 5   ? 9.906   17.952  -26.399 1.00 43.97 ? 0   ARG B NH1 1 
ATOM   845  N NH2 . ARG B 1 5   ? 10.720  16.962  -28.310 1.00 44.60 ? 0   ARG B NH2 1 
ATOM   846  N N   . MET B 1 6   ? 6.350   16.792  -22.062 1.00 29.06 ? 1   MET B N   1 
ATOM   847  C CA  . MET B 1 6   ? 5.541   17.701  -21.264 1.00 29.88 ? 1   MET B CA  1 
ATOM   848  C C   . MET B 1 6   ? 4.872   16.995  -20.090 1.00 26.19 ? 1   MET B C   1 
ATOM   849  O O   . MET B 1 6   ? 4.763   17.559  -19.018 1.00 23.57 ? 1   MET B O   1 
ATOM   850  C CB  . MET B 1 6   ? 4.469   18.392  -22.102 1.00 31.10 ? 1   MET B CB  1 
ATOM   851  C CG  . MET B 1 6   ? 3.432   19.133  -21.240 1.00 33.87 ? 1   MET B CG  1 
ATOM   852  S SD  . MET B 1 6   ? 2.813   20.676  -21.945 1.00 37.59 ? 1   MET B SD  1 
ATOM   853  C CE  . MET B 1 6   ? 2.142   20.048  -23.477 1.00 37.02 ? 1   MET B CE  1 
ATOM   854  N N   . SER B 1 7   ? 4.406   15.768  -20.306 1.00 24.64 ? 2   SER B N   1 
ATOM   855  C CA  . SER B 1 7   ? 3.761   15.017  -19.234 1.00 23.20 ? 2   SER B CA  1 
ATOM   856  C C   . SER B 1 7   ? 4.761   14.686  -18.119 1.00 22.89 ? 2   SER B C   1 
ATOM   857  O O   . SER B 1 7   ? 4.462   14.844  -16.932 1.00 23.67 ? 2   SER B O   1 
ATOM   858  C CB  . SER B 1 7   ? 3.093   13.768  -19.792 1.00 22.79 ? 2   SER B CB  1 
ATOM   859  O OG  . SER B 1 7   ? 1.992   14.145  -20.607 1.00 23.16 ? 2   SER B OG  1 
ATOM   860  N N   . VAL B 1 8   ? 5.954   14.249  -18.496 1.00 21.51 ? 3   VAL B N   1 
ATOM   861  C CA  . VAL B 1 8   ? 6.993   13.939  -17.516 1.00 21.03 ? 3   VAL B CA  1 
ATOM   862  C C   . VAL B 1 8   ? 7.425   15.179  -16.724 1.00 20.29 ? 3   VAL B C   1 
ATOM   863  O O   . VAL B 1 8   ? 7.442   15.162  -15.494 1.00 18.57 ? 3   VAL B O   1 
ATOM   864  C CB  . VAL B 1 8   ? 8.213   13.226  -18.179 1.00 21.09 ? 3   VAL B CB  1 
ATOM   865  C CG1 . VAL B 1 8   ? 9.372   13.105  -17.200 1.00 20.75 ? 3   VAL B CG1 1 
ATOM   866  C CG2 . VAL B 1 8   ? 7.795   11.853  -18.675 1.00 20.60 ? 3   VAL B CG2 1 
ATOM   867  N N   . GLU B 1 9   ? 7.740   16.262  -17.427 1.00 21.24 ? 4   GLU B N   1 
ATOM   868  C CA  . GLU B 1 9   ? 8.102   17.533  -16.779 1.00 22.37 ? 4   GLU B CA  1 
ATOM   869  C C   . GLU B 1 9   ? 7.044   18.020  -15.789 1.00 19.92 ? 4   GLU B C   1 
ATOM   870  O O   . GLU B 1 9   ? 7.372   18.491  -14.707 1.00 19.72 ? 4   GLU B O   1 
ATOM   871  C CB  . GLU B 1 9   ? 8.357   18.626  -17.821 1.00 24.17 ? 4   GLU B CB  1 
ATOM   872  C CG  . GLU B 1 9   ? 9.591   18.360  -18.703 1.00 27.88 ? 4   GLU B CG  1 
ATOM   873  C CD  . GLU B 1 9   ? 9.994   19.569  -19.547 1.00 28.68 ? 4   GLU B CD  1 
ATOM   874  O OE1 . GLU B 1 9   ? 10.766  19.376  -20.517 1.00 31.15 ? 4   GLU B OE1 1 
ATOM   875  O OE2 . GLU B 1 9   ? 9.544   20.706  -19.242 1.00 31.20 ? 4   GLU B OE2 1 
ATOM   876  N N   . THR B 1 10  ? 5.783   17.906  -16.170 1.00 18.24 ? 5   THR B N   1 
ATOM   877  C CA  . THR B 1 10  ? 4.670   18.310  -15.315 1.00 17.66 ? 5   THR B CA  1 
ATOM   878  C C   . THR B 1 10  ? 4.614   17.455  -14.044 1.00 16.77 ? 5   THR B C   1 
ATOM   879  O O   . THR B 1 10  ? 4.437   17.971  -12.937 1.00 15.14 ? 5   THR B O   1 
ATOM   880  C CB  . THR B 1 10  ? 3.327   18.203  -16.103 1.00 18.23 ? 5   THR B CB  1 
ATOM   881  O OG1 . THR B 1 10  ? 3.361   19.099  -17.216 1.00 18.79 ? 5   THR B OG1 1 
ATOM   882  C CG2 . THR B 1 10  ? 2.125   18.534  -15.218 1.00 19.51 ? 5   THR B CG2 1 
ATOM   883  N N   . ILE B 1 11  ? 4.765   16.142  -14.199 1.00 16.26 ? 6   ILE B N   1 
ATOM   884  C CA  . ILE B 1 11  ? 4.776   15.236  -13.026 1.00 16.41 ? 6   ILE B CA  1 
ATOM   885  C C   . ILE B 1 11  ? 5.882   15.625  -12.041 1.00 16.92 ? 6   ILE B C   1 
ATOM   886  O O   . ILE B 1 11  ? 5.637   15.777  -10.830 1.00 15.12 ? 6   ILE B O   1 
ATOM   887  C CB  . ILE B 1 11  ? 4.919   13.753  -13.431 1.00 17.50 ? 6   ILE B CB  1 
ATOM   888  C CG1 . ILE B 1 11  ? 3.660   13.287  -14.168 1.00 17.32 ? 6   ILE B CG1 1 
ATOM   889  C CG2 . ILE B 1 11  ? 5.172   12.838  -12.190 1.00 17.76 ? 6   ILE B CG2 1 
ATOM   890  C CD1 . ILE B 1 11  ? 3.871   11.975  -14.975 1.00 16.24 ? 6   ILE B CD1 1 
ATOM   891  N N   . ILE B 1 12  ? 7.083   15.830  -12.572 1.00 17.33 ? 7   ILE B N   1 
ATOM   892  C CA  . ILE B 1 12  ? 8.250   16.152  -11.755 1.00 18.59 ? 7   ILE B CA  1 
ATOM   893  C C   . ILE B 1 12  ? 8.158   17.545  -11.127 1.00 19.31 ? 7   ILE B C   1 
ATOM   894  O O   . ILE B 1 12  ? 8.542   17.710  -9.970  1.00 19.56 ? 7   ILE B O   1 
ATOM   895  C CB  . ILE B 1 12  ? 9.572   15.947  -12.542 1.00 19.25 ? 7   ILE B CB  1 
ATOM   896  C CG1 . ILE B 1 12  ? 9.731   14.461  -12.912 1.00 19.94 ? 7   ILE B CG1 1 
ATOM   897  C CG2 . ILE B 1 12  ? 10.774  16.421  -11.737 1.00 20.79 ? 7   ILE B CG2 1 
ATOM   898  C CD1 . ILE B 1 12  ? 9.723   13.501  -11.713 1.00 19.57 ? 7   ILE B CD1 1 
ATOM   899  N N   . GLU B 1 13  ? 7.628   18.529  -11.857 1.00 19.93 ? 8   GLU B N   1 
ATOM   900  C CA  . GLU B 1 13  ? 7.417   19.860  -11.287 1.00 21.94 ? 8   GLU B CA  1 
ATOM   901  C C   . GLU B 1 13  ? 6.472   19.781  -10.093 1.00 20.03 ? 8   GLU B C   1 
ATOM   902  O O   . GLU B 1 13  ? 6.695   20.428  -9.068  1.00 18.02 ? 8   GLU B O   1 
ATOM   903  C CB  . GLU B 1 13  ? 6.844   20.850  -12.320 1.00 23.68 ? 8   GLU B CB  1 
ATOM   904  C CG  . GLU B 1 13  ? 7.838   21.370  -13.364 1.00 26.13 ? 8   GLU B CG  1 
ATOM   905  C CD  . GLU B 1 13  ? 7.147   22.148  -14.494 1.00 27.89 ? 8   GLU B CD  1 
ATOM   906  O OE1 . GLU B 1 13  ? 7.861   22.732  -15.344 1.00 31.15 ? 8   GLU B OE1 1 
ATOM   907  O OE2 . GLU B 1 13  ? 5.889   22.169  -14.550 1.00 30.04 ? 8   GLU B OE2 1 
ATOM   908  N N   . ARG B 1 14  ? 5.402   19.006  -10.250 1.00 18.60 ? 9   ARG B N   1 
ATOM   909  C CA  . ARG B 1 14  ? 4.416   18.818  -9.182  1.00 18.47 ? 9   ARG B CA  1 
ATOM   910  C C   . ARG B 1 14  ? 5.011   18.156  -7.934  1.00 18.39 ? 9   ARG B C   1 
ATOM   911  O O   . ARG B 1 14  ? 4.799   18.621  -6.814  1.00 18.27 ? 9   ARG B O   1 
ATOM   912  C CB  . ARG B 1 14  ? 3.220   18.017  -9.692  1.00 18.83 ? 9   ARG B CB  1 
ATOM   913  C CG  . ARG B 1 14  ? 2.356   18.811  -10.685 1.00 17.95 ? 9   ARG B CG  1 
ATOM   914  C CD  . ARG B 1 14  ? 1.275   17.921  -11.309 1.00 17.42 ? 9   ARG B CD  1 
ATOM   915  N NE  . ARG B 1 14  ? 0.352   18.691  -12.132 1.00 16.54 ? 9   ARG B NE  1 
ATOM   916  C CZ  . ARG B 1 14  ? -0.581  18.153  -12.915 1.00 18.65 ? 9   ARG B CZ  1 
ATOM   917  N NH1 . ARG B 1 14  ? -0.742  16.827  -12.962 1.00 16.44 ? 9   ARG B NH1 1 
ATOM   918  N NH2 . ARG B 1 14  ? -1.374  18.942  -13.632 1.00 17.67 ? 9   ARG B NH2 1 
ATOM   919  N N   . ILE B 1 15  ? 5.747   17.070  -8.127  1.00 16.86 ? 10  ILE B N   1 
ATOM   920  C CA  . ILE B 1 15  ? 6.464   16.426  -7.002  1.00 17.29 ? 10  ILE B CA  1 
ATOM   921  C C   . ILE B 1 15  ? 7.461   17.385  -6.330  1.00 17.36 ? 10  ILE B C   1 
ATOM   922  O O   . ILE B 1 15  ? 7.527   17.473  -5.113  1.00 18.57 ? 10  ILE B O   1 
ATOM   923  C CB  . ILE B 1 15  ? 7.186   15.143  -7.468  1.00 16.15 ? 10  ILE B CB  1 
ATOM   924  C CG1 . ILE B 1 15  ? 6.149   14.095  -7.885  1.00 15.69 ? 10  ILE B CG1 1 
ATOM   925  C CG2 . ILE B 1 15  ? 8.101   14.594  -6.348  1.00 16.97 ? 10  ILE B CG2 1 
ATOM   926  C CD1 . ILE B 1 15  ? 6.735   12.863  -8.612  1.00 17.65 ? 10  ILE B CD1 1 
ATOM   927  N N   . LYS B 1 16  ? 8.246   18.092  -7.129  1.00 17.88 ? 11  LYS B N   1 
ATOM   928  C CA  . LYS B 1 16  ? 9.178   19.072  -6.592  1.00 21.29 ? 11  LYS B CA  1 
ATOM   929  C C   . LYS B 1 16  ? 8.450   20.164  -5.789  1.00 20.80 ? 11  LYS B C   1 
ATOM   930  O O   . LYS B 1 16  ? 8.939   20.588  -4.740  1.00 19.78 ? 11  LYS B O   1 
ATOM   931  C CB  . LYS B 1 16  ? 10.022  19.688  -7.710  1.00 22.12 ? 11  LYS B CB  1 
ATOM   932  C CG  . LYS B 1 16  ? 11.194  18.825  -8.171  1.00 23.39 ? 11  LYS B CG  1 
ATOM   933  C CD  . LYS B 1 16  ? 12.046  19.567  -9.197  1.00 24.65 ? 11  LYS B CD  1 
ATOM   934  C CE  . LYS B 1 16  ? 13.282  18.766  -9.559  1.00 26.96 ? 11  LYS B CE  1 
ATOM   935  N NZ  . LYS B 1 16  ? 13.899  19.276  -10.832 1.00 28.81 ? 11  LYS B NZ  1 
ATOM   936  N N   . ALA B 1 17  ? 7.267   20.589  -6.248  1.00 20.14 ? 12  ALA B N   1 
ATOM   937  C CA  . ALA B 1 17  ? 6.524   21.635  -5.530  1.00 20.78 ? 12  ALA B CA  1 
ATOM   938  C C   . ALA B 1 17  ? 6.083   21.122  -4.165  1.00 21.65 ? 12  ALA B C   1 
ATOM   939  O O   . ALA B 1 17  ? 6.185   21.811  -3.148  1.00 21.28 ? 12  ALA B O   1 
ATOM   940  C CB  . ALA B 1 17  ? 5.306   22.086  -6.331  1.00 20.81 ? 12  ALA B CB  1 
ATOM   941  N N   . ARG B 1 18  ? 5.575   19.900  -4.164  1.00 22.00 ? 13  ARG B N   1 
ATOM   942  C CA  . ARG B 1 18  ? 5.140   19.234  -2.958  1.00 22.87 ? 13  ARG B CA  1 
ATOM   943  C C   . ARG B 1 18  ? 6.286   19.003  -1.963  1.00 22.18 ? 13  ARG B C   1 
ATOM   944  O O   . ARG B 1 18  ? 6.147   19.280  -0.777  1.00 20.87 ? 13  ARG B O   1 
ATOM   945  C CB  . ARG B 1 18  ? 4.496   17.911  -3.334  1.00 25.61 ? 13  ARG B CB  1 
ATOM   946  C CG  . ARG B 1 18  ? 3.737   17.263  -2.207  1.00 29.47 ? 13  ARG B CG  1 
ATOM   947  C CD  . ARG B 1 18  ? 2.384   17.945  -1.978  1.00 31.69 ? 13  ARG B CD  1 
ATOM   948  N NE  . ARG B 1 18  ? 1.792   17.488  -0.728  1.00 33.55 ? 13  ARG B NE  1 
ATOM   949  C CZ  . ARG B 1 18  ? 0.885   16.518  -0.646  1.00 34.77 ? 13  ARG B CZ  1 
ATOM   950  N NH1 . ARG B 1 18  ? 0.457   15.913  -1.747  1.00 34.77 ? 13  ARG B NH1 1 
ATOM   951  N NH2 . ARG B 1 18  ? 0.407   16.154  0.538   1.00 35.85 ? 13  ARG B NH2 1 
ATOM   952  N N   . VAL B 1 19  ? 7.410   18.476  -2.434  1.00 21.55 ? 14  VAL B N   1 
ATOM   953  C CA  . VAL B 1 19  ? 8.524   18.198  -1.530  1.00 22.95 ? 14  VAL B CA  1 
ATOM   954  C C   . VAL B 1 19  ? 9.153   19.501  -1.016  1.00 24.08 ? 14  VAL B C   1 
ATOM   955  O O   . VAL B 1 19  ? 9.598   19.571  0.126   1.00 24.59 ? 14  VAL B O   1 
ATOM   956  C CB  . VAL B 1 19  ? 9.593   17.299  -2.191  1.00 23.12 ? 14  VAL B CB  1 
ATOM   957  C CG1 . VAL B 1 19  ? 10.743  17.022  -1.218  1.00 24.51 ? 14  VAL B CG1 1 
ATOM   958  C CG2 . VAL B 1 19  ? 8.959   15.959  -2.626  1.00 21.58 ? 14  VAL B CG2 1 
ATOM   959  N N   . GLY B 1 20  ? 9.187   20.527  -1.866  1.00 24.99 ? 15  GLY B N   1 
ATOM   960  C CA  . GLY B 1 20  ? 9.662   21.852  -1.450  1.00 26.74 ? 15  GLY B CA  1 
ATOM   961  C C   . GLY B 1 20  ? 8.751   22.533  -0.439  1.00 27.69 ? 15  GLY B C   1 
ATOM   962  O O   . GLY B 1 20  ? 9.174   23.418  0.292   1.00 29.38 ? 15  GLY B O   1 
ATOM   963  N N   . ALA B 1 21  ? 7.490   22.129  -0.401  1.00 28.04 ? 16  ALA B N   1 
ATOM   964  C CA  . ALA B 1 21  ? 6.542   22.687  0.550   1.00 28.41 ? 16  ALA B CA  1 
ATOM   965  C C   . ALA B 1 21  ? 6.774   22.181  1.984   1.00 29.15 ? 16  ALA B C   1 
ATOM   966  O O   . ALA B 1 21  ? 6.352   22.820  2.941   1.00 30.25 ? 16  ALA B O   1 
ATOM   967  C CB  . ALA B 1 21  ? 5.129   22.375  0.117   1.00 28.34 ? 16  ALA B CB  1 
ATOM   968  N N   . VAL B 1 22  ? 7.447   21.044  2.131   1.00 28.37 ? 17  VAL B N   1 
ATOM   969  C CA  . VAL B 1 22  ? 7.573   20.402  3.445   1.00 27.90 ? 17  VAL B CA  1 
ATOM   970  C C   . VAL B 1 22  ? 8.482   21.166  4.405   1.00 28.34 ? 17  VAL B C   1 
ATOM   971  O O   . VAL B 1 22  ? 9.593   21.532  4.047   1.00 27.77 ? 17  VAL B O   1 
ATOM   972  C CB  . VAL B 1 22  ? 8.058   18.945  3.319   1.00 27.12 ? 17  VAL B CB  1 
ATOM   973  C CG1 . VAL B 1 22  ? 8.316   18.331  4.715   1.00 26.76 ? 17  VAL B CG1 1 
ATOM   974  C CG2 . VAL B 1 22  ? 7.014   18.122  2.570   1.00 27.01 ? 17  VAL B CG2 1 
ATOM   975  N N   . ASP B 1 23  ? 8.001   21.386  5.624   1.00 29.62 ? 18  ASP B N   1 
ATOM   976  C CA  . ASP B 1 23  ? 8.819   21.976  6.680   1.00 31.14 ? 18  ASP B CA  1 
ATOM   977  C C   . ASP B 1 23  ? 9.721   20.925  7.306   1.00 31.75 ? 18  ASP B C   1 
ATOM   978  O O   . ASP B 1 23  ? 9.245   20.021  7.999   1.00 30.93 ? 18  ASP B O   1 
ATOM   979  C CB  . ASP B 1 23  ? 7.928   22.576  7.759   1.00 32.34 ? 18  ASP B CB  1 
ATOM   980  C CG  . ASP B 1 23  ? 8.717   23.317  8.823   1.00 33.16 ? 18  ASP B CG  1 
ATOM   981  O OD1 . ASP B 1 23  ? 9.956   23.427  8.719   1.00 33.11 ? 18  ASP B OD1 1 
ATOM   982  O OD2 . ASP B 1 23  ? 8.082   23.790  9.782   1.00 34.60 ? 18  ASP B OD2 1 
ATOM   983  N N   . PRO B 1 24  ? 11.036  21.064  7.091   1.00 32.48 ? 19  PRO B N   1 
ATOM   984  C CA  . PRO B 1 24  ? 12.055  20.105  7.519   1.00 33.19 ? 19  PRO B CA  1 
ATOM   985  C C   . PRO B 1 24  ? 11.994  19.799  9.021   1.00 34.25 ? 19  PRO B C   1 
ATOM   986  O O   . PRO B 1 24  ? 12.364  18.695  9.445   1.00 33.89 ? 19  PRO B O   1 
ATOM   987  C CB  . PRO B 1 24  ? 13.370  20.820  7.187   1.00 33.45 ? 19  PRO B CB  1 
ATOM   988  C CG  . PRO B 1 24  ? 13.029  21.855  6.197   1.00 32.63 ? 19  PRO B CG  1 
ATOM   989  C CD  . PRO B 1 24  ? 11.612  22.239  6.410   1.00 32.42 ? 19  PRO B CD  1 
ATOM   990  N N   . ASN B 1 25  ? 11.514  20.765  9.806   1.00 34.82 ? 20  ASN B N   1 
ATOM   991  C CA  . ASN B 1 25  ? 11.498  20.657  11.265  1.00 35.58 ? 20  ASN B CA  1 
ATOM   992  C C   . ASN B 1 25  ? 10.090  20.518  11.849  1.00 35.31 ? 20  ASN B C   1 
ATOM   993  O O   . ASN B 1 25  ? 9.924   20.446  13.075  1.00 36.10 ? 20  ASN B O   1 
ATOM   994  C CB  . ASN B 1 25  ? 12.186  21.873  11.907  1.00 36.81 ? 20  ASN B CB  1 
ATOM   995  C CG  . ASN B 1 25  ? 13.547  22.176  11.297  1.00 37.94 ? 20  ASN B CG  1 
ATOM   996  O OD1 . ASN B 1 25  ? 14.494  21.393  11.424  1.00 38.79 ? 20  ASN B OD1 1 
ATOM   997  N ND2 . ASN B 1 25  ? 13.651  23.331  10.636  1.00 38.34 ? 20  ASN B ND2 1 
ATOM   998  N N   . GLY B 1 26  ? 9.082   20.507  10.978  1.00 33.65 ? 21  GLY B N   1 
ATOM   999  C CA  . GLY B 1 26  ? 7.709   20.229  11.382  1.00 31.07 ? 21  GLY B CA  1 
ATOM   1000 C C   . GLY B 1 26  ? 7.430   18.737  11.399  1.00 29.42 ? 21  GLY B C   1 
ATOM   1001 O O   . GLY B 1 26  ? 8.290   17.942  11.049  1.00 29.14 ? 21  GLY B O   1 
ATOM   1002 N N   . PRO B 1 27  ? 6.211   18.347  11.788  1.00 28.85 ? 22  PRO B N   1 
ATOM   1003 C CA  . PRO B 1 27  ? 5.834   16.941  11.868  1.00 28.17 ? 22  PRO B CA  1 
ATOM   1004 C C   . PRO B 1 27  ? 6.051   16.255  10.526  1.00 27.76 ? 22  PRO B C   1 
ATOM   1005 O O   . PRO B 1 27  ? 5.693   16.822  9.480   1.00 26.93 ? 22  PRO B O   1 
ATOM   1006 C CB  . PRO B 1 27  ? 4.346   17.002  12.190  1.00 28.42 ? 22  PRO B CB  1 
ATOM   1007 C CG  . PRO B 1 27  ? 4.181   18.314  12.881  1.00 28.78 ? 22  PRO B CG  1 
ATOM   1008 C CD  . PRO B 1 27  ? 5.097   19.231  12.161  1.00 29.02 ? 22  PRO B CD  1 
ATOM   1009 N N   . ARG B 1 28  ? 6.679   15.078  10.568  1.00 25.37 ? 23  ARG B N   1 
ATOM   1010 C CA  . ARG B 1 28  ? 6.989   14.303  9.373   1.00 25.00 ? 23  ARG B CA  1 
ATOM   1011 C C   . ARG B 1 28  ? 7.005   12.842  9.737   1.00 24.17 ? 23  ARG B C   1 
ATOM   1012 O O   . ARG B 1 28  ? 7.577   12.449  10.757  1.00 20.52 ? 23  ARG B O   1 
ATOM   1013 C CB  . ARG B 1 28  ? 8.361   14.666  8.806   1.00 26.36 ? 23  ARG B CB  1 
ATOM   1014 C CG  . ARG B 1 28  ? 8.400   15.951  7.998   1.00 28.57 ? 23  ARG B CG  1 
ATOM   1015 C CD  . ARG B 1 28  ? 9.823   16.422  7.890   1.00 29.32 ? 23  ARG B CD  1 
ATOM   1016 N NE  . ARG B 1 28  ? 10.555  15.651  6.887   1.00 30.89 ? 23  ARG B NE  1 
ATOM   1017 C CZ  . ARG B 1 28  ? 11.879  15.604  6.794   1.00 31.85 ? 23  ARG B CZ  1 
ATOM   1018 N NH1 . ARG B 1 28  ? 12.439  14.880  5.833   1.00 31.75 ? 23  ARG B NH1 1 
ATOM   1019 N NH2 . ARG B 1 28  ? 12.645  16.271  7.660   1.00 31.67 ? 23  ARG B NH2 1 
ATOM   1020 N N   . LYS B 1 29  ? 6.386   12.025  8.899   1.00 23.91 ? 24  LYS B N   1 
ATOM   1021 C CA  . LYS B 1 29  ? 6.371   10.612  9.183   1.00 25.42 ? 24  LYS B CA  1 
ATOM   1022 C C   . LYS B 1 29  ? 6.885   9.812   7.990   1.00 24.29 ? 24  LYS B C   1 
ATOM   1023 O O   . LYS B 1 29  ? 7.148   8.628   8.118   1.00 25.34 ? 24  LYS B O   1 
ATOM   1024 C CB  . LYS B 1 29  ? 4.964   10.165  9.585   1.00 28.38 ? 24  LYS B CB  1 
ATOM   1025 C CG  . LYS B 1 29  ? 3.968   10.226  8.448   1.00 30.92 ? 24  LYS B CG  1 
ATOM   1026 C CD  . LYS B 1 29  ? 2.752   9.358   8.724   1.00 32.86 ? 24  LYS B CD  1 
ATOM   1027 C CE  . LYS B 1 29  ? 1.827   10.005  9.738   1.00 34.08 ? 24  LYS B CE  1 
ATOM   1028 N NZ  . LYS B 1 29  ? 0.577   9.210   9.919   1.00 36.02 ? 24  LYS B NZ  1 
ATOM   1029 N N   . VAL B 1 30  ? 7.039   10.450  6.830   1.00 21.63 ? 25  VAL B N   1 
ATOM   1030 C CA  . VAL B 1 30  ? 7.540   9.711   5.669   1.00 21.40 ? 25  VAL B CA  1 
ATOM   1031 C C   . VAL B 1 30  ? 9.012   10.030  5.465   1.00 22.44 ? 25  VAL B C   1 
ATOM   1032 O O   . VAL B 1 30  ? 9.362   10.919  4.689   1.00 24.86 ? 25  VAL B O   1 
ATOM   1033 C CB  . VAL B 1 30  ? 6.728   10.010  4.386   1.00 19.39 ? 25  VAL B CB  1 
ATOM   1034 C CG1 . VAL B 1 30  ? 7.117   9.023   3.270   1.00 19.61 ? 25  VAL B CG1 1 
ATOM   1035 C CG2 . VAL B 1 30  ? 5.231   9.900   4.683   1.00 18.66 ? 25  VAL B CG2 1 
ATOM   1036 N N   . LEU B 1 31  ? 9.876   9.340   6.204   1.00 22.61 ? 26  LEU B N   1 
ATOM   1037 C CA  . LEU B 1 31  ? 11.313  9.565   6.080   1.00 22.66 ? 26  LEU B CA  1 
ATOM   1038 C C   . LEU B 1 31  ? 11.931  8.368   5.373   1.00 22.41 ? 26  LEU B C   1 
ATOM   1039 O O   . LEU B 1 31  ? 12.176  7.335   5.973   1.00 23.04 ? 26  LEU B O   1 
ATOM   1040 C CB  . LEU B 1 31  ? 11.966  9.809   7.449   1.00 23.63 ? 26  LEU B CB  1 
ATOM   1041 C CG  . LEU B 1 31  ? 12.063  11.290  7.826   1.00 24.58 ? 26  LEU B CG  1 
ATOM   1042 C CD1 . LEU B 1 31  ? 10.672  11.845  8.088   1.00 24.94 ? 26  LEU B CD1 1 
ATOM   1043 C CD2 . LEU B 1 31  ? 12.989  11.522  9.009   1.00 25.34 ? 26  LEU B CD2 1 
ATOM   1044 N N   . GLY B 1 32  ? 12.133  8.499   4.072   1.00 21.83 ? 27  GLY B N   1 
ATOM   1045 C CA  . GLY B 1 32  ? 12.691  7.410   3.298   1.00 21.13 ? 27  GLY B CA  1 
ATOM   1046 C C   . GLY B 1 32  ? 13.001  7.883   1.902   1.00 19.97 ? 27  GLY B C   1 
ATOM   1047 O O   . GLY B 1 32  ? 12.620  8.993   1.513   1.00 20.05 ? 27  GLY B O   1 
ATOM   1048 N N   . VAL B 1 33  ? 13.672  7.025   1.143   1.00 18.83 ? 28  VAL B N   1 
ATOM   1049 C CA  . VAL B 1 33  ? 14.034  7.326   -0.227  1.00 18.43 ? 28  VAL B CA  1 
ATOM   1050 C C   . VAL B 1 33  ? 13.198  6.430   -1.134  1.00 16.76 ? 28  VAL B C   1 
ATOM   1051 O O   . VAL B 1 33  ? 13.218  5.216   -0.991  1.00 16.04 ? 28  VAL B O   1 
ATOM   1052 C CB  . VAL B 1 33  ? 15.543  7.068   -0.461  1.00 19.21 ? 28  VAL B CB  1 
ATOM   1053 C CG1 . VAL B 1 33  ? 15.935  7.413   -1.894  1.00 19.19 ? 28  VAL B CG1 1 
ATOM   1054 C CG2 . VAL B 1 33  ? 16.370  7.861   0.545   1.00 19.49 ? 28  VAL B CG2 1 
ATOM   1055 N N   . PHE B 1 34  ? 12.432  7.049   -2.031  1.00 15.63 ? 29  PHE B N   1 
ATOM   1056 C CA  . PHE B 1 34  ? 11.553  6.335   -2.956  1.00 15.87 ? 29  PHE B CA  1 
ATOM   1057 C C   . PHE B 1 34  ? 12.123  6.380   -4.361  1.00 15.36 ? 29  PHE B C   1 
ATOM   1058 O O   . PHE B 1 34  ? 12.422  7.465   -4.874  1.00 15.01 ? 29  PHE B O   1 
ATOM   1059 C CB  . PHE B 1 34  ? 10.171  6.987   -2.986  1.00 15.39 ? 29  PHE B CB  1 
ATOM   1060 C CG  . PHE B 1 34  ? 9.431   6.857   -1.693  1.00 17.29 ? 29  PHE B CG  1 
ATOM   1061 C CD1 . PHE B 1 34  ? 8.421   5.920   -1.558  1.00 15.48 ? 29  PHE B CD1 1 
ATOM   1062 C CD2 . PHE B 1 34  ? 9.776   7.648   -0.597  1.00 16.88 ? 29  PHE B CD2 1 
ATOM   1063 C CE1 . PHE B 1 34  ? 7.746   5.784   -0.368  1.00 17.64 ? 29  PHE B CE1 1 
ATOM   1064 C CE2 . PHE B 1 34  ? 9.109   7.507   0.594   1.00 17.50 ? 29  PHE B CE2 1 
ATOM   1065 C CZ  . PHE B 1 34  ? 8.083   6.579   0.711   1.00 16.89 ? 29  PHE B CZ  1 
ATOM   1066 N N   . GLN B 1 35  ? 12.252  5.215   -4.985  1.00 14.12 ? 30  GLN B N   1 
ATOM   1067 C CA  . GLN B 1 35  ? 12.671  5.157   -6.383  1.00 12.88 ? 30  GLN B CA  1 
ATOM   1068 C C   . GLN B 1 35  ? 11.414  5.189   -7.234  1.00 13.42 ? 30  GLN B C   1 
ATOM   1069 O O   . GLN B 1 35  ? 10.542  4.354   -7.063  1.00 11.88 ? 30  GLN B O   1 
ATOM   1070 C CB  . GLN B 1 35  ? 13.444  3.870   -6.685  1.00 11.80 ? 30  GLN B CB  1 
ATOM   1071 C CG  . GLN B 1 35  ? 13.801  3.721   -8.185  1.00 11.62 ? 30  GLN B CG  1 
ATOM   1072 C CD  . GLN B 1 35  ? 14.870  4.723   -8.620  1.00 12.06 ? 30  GLN B CD  1 
ATOM   1073 O OE1 . GLN B 1 35  ? 15.810  4.978   -7.874  1.00 13.85 ? 30  GLN B OE1 1 
ATOM   1074 N NE2 . GLN B 1 35  ? 14.729  5.290   -9.815  1.00 12.36 ? 30  GLN B NE2 1 
ATOM   1075 N N   . LEU B 1 36  ? 11.331  6.142   -8.148  1.00 12.80 ? 31  LEU B N   1 
ATOM   1076 C CA  . LEU B 1 36  ? 10.141  6.284   -8.968  1.00 15.01 ? 31  LEU B CA  1 
ATOM   1077 C C   . LEU B 1 36  ? 10.469  5.923   -10.415 1.00 15.49 ? 31  LEU B C   1 
ATOM   1078 O O   . LEU B 1 36  ? 11.263  6.594   -11.081 1.00 15.65 ? 31  LEU B O   1 
ATOM   1079 C CB  . LEU B 1 36  ? 9.575   7.702   -8.844  1.00 15.21 ? 31  LEU B CB  1 
ATOM   1080 C CG  . LEU B 1 36  ? 8.299   8.046   -9.626  1.00 17.06 ? 31  LEU B CG  1 
ATOM   1081 C CD1 . LEU B 1 36  ? 7.172   7.067   -9.332  1.00 15.60 ? 31  LEU B CD1 1 
ATOM   1082 C CD2 . LEU B 1 36  ? 7.872   9.469   -9.308  1.00 16.23 ? 31  LEU B CD2 1 
ATOM   1083 N N   . ASN B 1 37  ? 9.872   4.836   -10.880 1.00 14.37 ? 32  ASN B N   1 
ATOM   1084 C CA  . ASN B 1 37  ? 10.028  4.409   -12.264 1.00 15.73 ? 32  ASN B CA  1 
ATOM   1085 C C   . ASN B 1 37  ? 8.743   4.634   -13.039 1.00 14.78 ? 32  ASN B C   1 
ATOM   1086 O O   . ASN B 1 37  ? 7.741   3.974   -12.783 1.00 15.37 ? 32  ASN B O   1 
ATOM   1087 C CB  . ASN B 1 37  ? 10.408  2.926   -12.310 1.00 15.13 ? 32  ASN B CB  1 
ATOM   1088 C CG  . ASN B 1 37  ? 11.720  2.652   -11.604 1.00 16.77 ? 32  ASN B CG  1 
ATOM   1089 O OD1 . ASN B 1 37  ? 11.869  1.658   -10.903 1.00 19.46 ? 32  ASN B OD1 1 
ATOM   1090 N ND2 . ASN B 1 37  ? 12.661  3.549   -11.766 1.00 16.08 ? 32  ASN B ND2 1 
ATOM   1091 N N   . ILE B 1 38  ? 8.781   5.561   -13.984 1.00 14.45 ? 33  ILE B N   1 
ATOM   1092 C CA  . ILE B 1 38  ? 7.599   5.895   -14.779 1.00 14.76 ? 33  ILE B CA  1 
ATOM   1093 C C   . ILE B 1 38  ? 7.772   5.316   -16.174 1.00 16.35 ? 33  ILE B C   1 
ATOM   1094 O O   . ILE B 1 38  ? 8.680   5.719   -16.914 1.00 16.14 ? 33  ILE B O   1 
ATOM   1095 C CB  . ILE B 1 38  ? 7.391   7.413   -14.888 1.00 15.79 ? 33  ILE B CB  1 
ATOM   1096 C CG1 . ILE B 1 38  ? 7.380   8.050   -13.495 1.00 16.66 ? 33  ILE B CG1 1 
ATOM   1097 C CG2 . ILE B 1 38  ? 6.078   7.728   -15.610 1.00 16.24 ? 33  ILE B CG2 1 
ATOM   1098 C CD1 . ILE B 1 38  ? 7.790   9.538   -13.491 1.00 17.20 ? 33  ILE B CD1 1 
ATOM   1099 N N   . LYS B 1 39  ? 6.917   4.362   -16.523 1.00 16.87 ? 34  LYS B N   1 
ATOM   1100 C CA  . LYS B 1 39  ? 6.970   3.730   -17.839 1.00 20.40 ? 34  LYS B CA  1 
ATOM   1101 C C   . LYS B 1 39  ? 6.340   4.596   -18.934 1.00 19.69 ? 34  LYS B C   1 
ATOM   1102 O O   . LYS B 1 39  ? 5.181   5.006   -18.818 1.00 18.50 ? 34  LYS B O   1 
ATOM   1103 C CB  . LYS B 1 39  ? 6.233   2.387   -17.796 1.00 21.13 ? 34  LYS B CB  1 
ATOM   1104 C CG  . LYS B 1 39  ? 6.715   1.444   -16.694 1.00 23.26 ? 34  LYS B CG  1 
ATOM   1105 C CD  . LYS B 1 39  ? 5.964   0.126   -16.708 1.00 24.85 ? 34  LYS B CD  1 
ATOM   1106 C CE  . LYS B 1 39  ? 4.475   0.323   -16.387 1.00 27.68 ? 34  LYS B CE  1 
ATOM   1107 N NZ  . LYS B 1 39  ? 3.701   -0.965  -16.576 1.00 29.97 ? 34  LYS B NZ  1 
ATOM   1108 N N   . THR B 1 40  ? 7.096   4.855   -19.996 1.00 20.53 ? 35  THR B N   1 
ATOM   1109 C CA  . THR B 1 40  ? 6.575   5.577   -21.165 1.00 21.77 ? 35  THR B CA  1 
ATOM   1110 C C   . THR B 1 40  ? 6.879   4.773   -22.437 1.00 24.19 ? 35  THR B C   1 
ATOM   1111 O O   . THR B 1 40  ? 7.681   3.843   -22.405 1.00 25.19 ? 35  THR B O   1 
ATOM   1112 C CB  . THR B 1 40  ? 7.211   6.976   -21.312 1.00 21.21 ? 35  THR B CB  1 
ATOM   1113 O OG1 . THR B 1 40  ? 8.493   6.853   -21.937 1.00 21.61 ? 35  THR B OG1 1 
ATOM   1114 C CG2 . THR B 1 40  ? 7.372   7.660   -19.932 1.00 21.01 ? 35  THR B CG2 1 
ATOM   1115 N N   . ALA B 1 41  ? 6.266   5.143   -23.558 1.00 26.21 ? 36  ALA B N   1 
ATOM   1116 C CA  . ALA B 1 41  ? 6.607   4.523   -24.849 1.00 28.16 ? 36  ALA B CA  1 
ATOM   1117 C C   . ALA B 1 41  ? 8.057   4.791   -25.276 1.00 30.47 ? 36  ALA B C   1 
ATOM   1118 O O   . ALA B 1 41  ? 8.590   4.118   -26.170 1.00 32.19 ? 36  ALA B O   1 
ATOM   1119 C CB  . ALA B 1 41  ? 5.656   4.995   -25.929 1.00 27.24 ? 36  ALA B CB  1 
ATOM   1120 N N   . SER B 1 42  ? 8.692   5.784   -24.663 1.00 31.52 ? 37  SER B N   1 
ATOM   1121 C CA  . SER B 1 42  ? 10.069  6.126   -25.018 1.00 32.25 ? 37  SER B CA  1 
ATOM   1122 C C   . SER B 1 42  ? 11.071  5.535   -24.042 1.00 31.78 ? 37  SER B C   1 
ATOM   1123 O O   . SER B 1 42  ? 12.262  5.806   -24.142 1.00 33.64 ? 37  SER B O   1 
ATOM   1124 C CB  . SER B 1 42  ? 10.260  7.643   -25.060 1.00 33.52 ? 37  SER B CB  1 
ATOM   1125 O OG  . SER B 1 42  ? 9.384   8.233   -26.002 1.00 35.35 ? 37  SER B OG  1 
ATOM   1126 N N   . GLY B 1 43  ? 10.597  4.736   -23.095 1.00 29.90 ? 38  GLY B N   1 
ATOM   1127 C CA  . GLY B 1 43  ? 11.493  4.134   -22.108 1.00 28.37 ? 38  GLY B CA  1 
ATOM   1128 C C   . GLY B 1 43  ? 11.125  4.553   -20.702 1.00 26.87 ? 38  GLY B C   1 
ATOM   1129 O O   . GLY B 1 43  ? 10.189  5.329   -20.514 1.00 27.48 ? 38  GLY B O   1 
ATOM   1130 N N   . VAL B 1 44  ? 11.869  4.059   -19.718 1.00 24.64 ? 39  VAL B N   1 
ATOM   1131 C CA  . VAL B 1 44  ? 11.518  4.278   -18.328 1.00 24.06 ? 39  VAL B CA  1 
ATOM   1132 C C   . VAL B 1 44  ? 12.175  5.552   -17.796 1.00 22.41 ? 39  VAL B C   1 
ATOM   1133 O O   . VAL B 1 44  ? 13.377  5.765   -17.953 1.00 22.64 ? 39  VAL B O   1 
ATOM   1134 C CB  . VAL B 1 44  ? 11.870  3.046   -17.445 1.00 24.68 ? 39  VAL B CB  1 
ATOM   1135 C CG1 . VAL B 1 44  ? 11.486  3.289   -16.009 1.00 24.13 ? 39  VAL B CG1 1 
ATOM   1136 C CG2 . VAL B 1 44  ? 11.157  1.787   -17.974 1.00 26.50 ? 39  VAL B CG2 1 
ATOM   1137 N N   . GLU B 1 45  ? 11.370  6.411   -17.188 1.00 21.04 ? 40  GLU B N   1 
ATOM   1138 C CA  . GLU B 1 45  ? 11.878  7.626   -16.565 1.00 20.06 ? 40  GLU B CA  1 
ATOM   1139 C C   . GLU B 1 45  ? 12.168  7.329   -15.106 1.00 18.81 ? 40  GLU B C   1 
ATOM   1140 O O   . GLU B 1 45  ? 11.278  6.927   -14.376 1.00 17.74 ? 40  GLU B O   1 
ATOM   1141 C CB  . GLU B 1 45  ? 10.838  8.742   -16.670 1.00 21.82 ? 40  GLU B CB  1 
ATOM   1142 C CG  . GLU B 1 45  ? 10.693  9.320   -18.062 1.00 24.45 ? 40  GLU B CG  1 
ATOM   1143 C CD  . GLU B 1 45  ? 11.816  10.276  -18.398 1.00 26.52 ? 40  GLU B CD  1 
ATOM   1144 O OE1 . GLU B 1 45  ? 12.320  10.974  -17.483 1.00 27.29 ? 40  GLU B OE1 1 
ATOM   1145 O OE2 . GLU B 1 45  ? 12.204  10.318  -19.581 1.00 28.46 ? 40  GLU B OE2 1 
ATOM   1146 N N   . GLN B 1 46  ? 13.408  7.537   -14.681 1.00 17.27 ? 41  GLN B N   1 
ATOM   1147 C CA  . GLN B 1 46  ? 13.858  7.029   -13.390 1.00 18.02 ? 41  GLN B CA  1 
ATOM   1148 C C   . GLN B 1 46  ? 14.245  8.213   -12.513 1.00 17.08 ? 41  GLN B C   1 
ATOM   1149 O O   . GLN B 1 46  ? 15.157  8.993   -12.858 1.00 15.81 ? 41  GLN B O   1 
ATOM   1150 C CB  . GLN B 1 46  ? 15.049  6.077   -13.578 1.00 18.53 ? 41  GLN B CB  1 
ATOM   1151 C CG  . GLN B 1 46  ? 14.735  4.801   -14.382 1.00 20.93 ? 41  GLN B CG  1 
ATOM   1152 C CD  . GLN B 1 46  ? 15.968  4.187   -15.045 1.00 21.63 ? 41  GLN B CD  1 
ATOM   1153 O OE1 . GLN B 1 46  ? 16.260  3.013   -14.859 1.00 25.04 ? 41  GLN B OE1 1 
ATOM   1154 N NE2 . GLN B 1 46  ? 16.701  4.993   -15.820 1.00 23.66 ? 41  GLN B NE2 1 
ATOM   1155 N N   . TRP B 1 47  ? 13.551  8.347   -11.383 1.00 16.30 ? 42  TRP B N   1 
ATOM   1156 C CA  . TRP B 1 47  ? 13.689  9.502   -10.506 1.00 16.04 ? 42  TRP B CA  1 
ATOM   1157 C C   . TRP B 1 47  ? 13.753  9.074   -9.055  1.00 17.85 ? 42  TRP B C   1 
ATOM   1158 O O   . TRP B 1 47  ? 13.072  8.128   -8.649  1.00 15.86 ? 42  TRP B O   1 
ATOM   1159 C CB  . TRP B 1 47  ? 12.507  10.464  -10.703 1.00 17.61 ? 42  TRP B CB  1 
ATOM   1160 C CG  . TRP B 1 47  ? 12.532  11.172  -11.998 1.00 17.73 ? 42  TRP B CG  1 
ATOM   1161 C CD1 . TRP B 1 47  ? 12.009  10.746  -13.175 1.00 18.29 ? 42  TRP B CD1 1 
ATOM   1162 C CD2 . TRP B 1 47  ? 13.094  12.467  -12.253 1.00 17.91 ? 42  TRP B CD2 1 
ATOM   1163 N NE1 . TRP B 1 47  ? 12.222  11.685  -14.154 1.00 18.33 ? 42  TRP B NE1 1 
ATOM   1164 C CE2 . TRP B 1 47  ? 12.890  12.749  -13.610 1.00 18.33 ? 42  TRP B CE2 1 
ATOM   1165 C CE3 . TRP B 1 47  ? 13.757  13.400  -11.464 1.00 18.50 ? 42  TRP B CE3 1 
ATOM   1166 C CZ2 . TRP B 1 47  ? 13.325  13.938  -14.206 1.00 18.98 ? 42  TRP B CZ2 1 
ATOM   1167 C CZ3 . TRP B 1 47  ? 14.192  14.579  -12.048 1.00 19.00 ? 42  TRP B CZ3 1 
ATOM   1168 C CH2 . TRP B 1 47  ? 13.982  14.828  -13.416 1.00 18.58 ? 42  TRP B CH2 1 
ATOM   1169 N N   . ILE B 1 48  ? 14.593  9.763   -8.282  1.00 16.18 ? 43  ILE B N   1 
ATOM   1170 C CA  . ILE B 1 48  ? 14.752  9.490   -6.871  1.00 17.18 ? 43  ILE B CA  1 
ATOM   1171 C C   . ILE B 1 48  ? 14.026  10.565  -6.094  1.00 16.84 ? 43  ILE B C   1 
ATOM   1172 O O   . ILE B 1 48  ? 14.305  11.761  -6.265  1.00 15.50 ? 43  ILE B O   1 
ATOM   1173 C CB  . ILE B 1 48  ? 16.242  9.497   -6.461  1.00 18.30 ? 43  ILE B CB  1 
ATOM   1174 C CG1 . ILE B 1 48  ? 17.030  8.505   -7.307  1.00 18.22 ? 43  ILE B CG1 1 
ATOM   1175 C CG2 . ILE B 1 48  ? 16.382  9.142   -4.987  1.00 19.54 ? 43  ILE B CG2 1 
ATOM   1176 C CD1 . ILE B 1 48  ? 18.528  8.806   -7.419  1.00 18.26 ? 43  ILE B CD1 1 
ATOM   1177 N N   . VAL B 1 49  ? 13.053  10.160  -5.282  1.00 14.40 ? 44  VAL B N   1 
ATOM   1178 C CA  . VAL B 1 49  ? 12.372  11.094  -4.426  1.00 15.10 ? 44  VAL B CA  1 
ATOM   1179 C C   . VAL B 1 49  ? 12.873  10.859  -3.002  1.00 15.59 ? 44  VAL B C   1 
ATOM   1180 O O   . VAL B 1 49  ? 12.417  9.941   -2.306  1.00 13.53 ? 44  VAL B O   1 
ATOM   1181 C CB  . VAL B 1 49  ? 10.841  10.962  -4.517  1.00 16.03 ? 44  VAL B CB  1 
ATOM   1182 C CG1 . VAL B 1 49  ? 10.146  11.940  -3.576  1.00 17.56 ? 44  VAL B CG1 1 
ATOM   1183 C CG2 . VAL B 1 49  ? 10.360  11.179  -5.957  1.00 16.45 ? 44  VAL B CG2 1 
ATOM   1184 N N   . ASP B 1 50  ? 13.822  11.686  -2.579  1.00 15.56 ? 45  ASP B N   1 
ATOM   1185 C CA  . ASP B 1 50  ? 14.411  11.515  -1.258  1.00 16.61 ? 45  ASP B CA  1 
ATOM   1186 C C   . ASP B 1 50  ? 13.648  12.332  -0.220  1.00 16.54 ? 45  ASP B C   1 
ATOM   1187 O O   . ASP B 1 50  ? 13.851  13.552  -0.116  1.00 17.48 ? 45  ASP B O   1 
ATOM   1188 C CB  . ASP B 1 50  ? 15.884  11.947  -1.278  1.00 17.73 ? 45  ASP B CB  1 
ATOM   1189 C CG  . ASP B 1 50  ? 16.590  11.674  0.032   1.00 18.94 ? 45  ASP B CG  1 
ATOM   1190 O OD1 . ASP B 1 50  ? 15.915  11.561  1.080   1.00 17.79 ? 45  ASP B OD1 1 
ATOM   1191 O OD2 . ASP B 1 50  ? 17.828  11.526  0.006   1.00 19.76 ? 45  ASP B OD2 1 
ATOM   1192 N N   . LEU B 1 51  ? 12.806  11.666  0.568   1.00 15.21 ? 46  LEU B N   1 
ATOM   1193 C CA  . LEU B 1 51  ? 12.009  12.372  1.581   1.00 18.50 ? 46  LEU B CA  1 
ATOM   1194 C C   . LEU B 1 51  ? 12.711  12.511  2.935   1.00 20.76 ? 46  LEU B C   1 
ATOM   1195 O O   . LEU B 1 51  ? 12.182  13.133  3.850   1.00 20.35 ? 46  LEU B O   1 
ATOM   1196 C CB  . LEU B 1 51  ? 10.586  11.774  1.719   1.00 17.37 ? 46  LEU B CB  1 
ATOM   1197 C CG  . LEU B 1 51  ? 9.748   11.846  0.426   1.00 16.91 ? 46  LEU B CG  1 
ATOM   1198 C CD1 . LEU B 1 51  ? 8.355   11.255  0.601   1.00 16.76 ? 46  LEU B CD1 1 
ATOM   1199 C CD2 . LEU B 1 51  ? 9.645   13.286  -0.058  1.00 16.97 ? 46  LEU B CD2 1 
ATOM   1200 N N   . LYS B 1 52  ? 13.919  11.969  3.044   1.00 23.29 ? 47  LYS B N   1 
ATOM   1201 C CA  . LYS B 1 52  ? 14.751  12.230  4.224   1.00 26.17 ? 47  LYS B CA  1 
ATOM   1202 C C   . LYS B 1 52  ? 15.436  13.580  4.044   1.00 25.67 ? 47  LYS B C   1 
ATOM   1203 O O   . LYS B 1 52  ? 15.349  14.460  4.901   1.00 25.80 ? 47  LYS B O   1 
ATOM   1204 C CB  . LYS B 1 52  ? 15.795  11.119  4.443   1.00 27.39 ? 47  LYS B CB  1 
ATOM   1205 C CG  . LYS B 1 52  ? 15.207  9.776   4.847   1.00 29.11 ? 47  LYS B CG  1 
ATOM   1206 C CD  . LYS B 1 52  ? 16.266  8.656   4.951   1.00 29.19 ? 47  LYS B CD  1 
ATOM   1207 C CE  . LYS B 1 52  ? 15.627  7.344   5.447   1.00 30.22 ? 47  LYS B CE  1 
ATOM   1208 N NZ  . LYS B 1 52  ? 16.163  6.095   4.791   1.00 31.20 ? 47  LYS B NZ  1 
ATOM   1209 N N   . GLN B 1 53  ? 16.094  13.755  2.909   1.00 25.55 ? 48  GLN B N   1 
ATOM   1210 C CA  . GLN B 1 53  ? 16.779  15.007  2.630   1.00 26.18 ? 48  GLN B CA  1 
ATOM   1211 C C   . GLN B 1 53  ? 15.891  16.042  1.928   1.00 25.24 ? 48  GLN B C   1 
ATOM   1212 O O   . GLN B 1 53  ? 16.236  17.226  1.856   1.00 23.57 ? 48  GLN B O   1 
ATOM   1213 C CB  . GLN B 1 53  ? 18.061  14.727  1.841   1.00 28.97 ? 48  GLN B CB  1 
ATOM   1214 C CG  . GLN B 1 53  ? 18.994  13.766  2.594   1.00 32.13 ? 48  GLN B CG  1 
ATOM   1215 C CD  . GLN B 1 53  ? 20.417  13.751  2.061   1.00 35.01 ? 48  GLN B CD  1 
ATOM   1216 O OE1 . GLN B 1 53  ? 21.372  14.048  2.796   1.00 36.47 ? 48  GLN B OE1 1 
ATOM   1217 N NE2 . GLN B 1 53  ? 20.575  13.395  0.782   1.00 35.79 ? 48  GLN B NE2 1 
ATOM   1218 N N   . LEU B 1 54  ? 14.750  15.589  1.419   1.00 23.97 ? 49  LEU B N   1 
ATOM   1219 C CA  . LEU B 1 54  ? 13.818  16.445  0.671   1.00 23.87 ? 49  LEU B CA  1 
ATOM   1220 C C   . LEU B 1 54  ? 14.424  16.986  -0.625  1.00 24.04 ? 49  LEU B C   1 
ATOM   1221 O O   . LEU B 1 54  ? 14.454  18.200  -0.852  1.00 22.41 ? 49  LEU B O   1 
ATOM   1222 C CB  . LEU B 1 54  ? 13.296  17.588  1.538   1.00 24.68 ? 49  LEU B CB  1 
ATOM   1223 C CG  . LEU B 1 54  ? 12.555  17.172  2.803   1.00 25.59 ? 49  LEU B CG  1 
ATOM   1224 C CD1 . LEU B 1 54  ? 12.398  18.384  3.726   1.00 26.52 ? 49  LEU B CD1 1 
ATOM   1225 C CD2 . LEU B 1 54  ? 11.196  16.585  2.451   1.00 25.06 ? 49  LEU B CD2 1 
ATOM   1226 N N   . LYS B 1 55  ? 14.887  16.061  -1.467  1.00 23.63 ? 50  LYS B N   1 
ATOM   1227 C CA  . LYS B 1 55  ? 15.484  16.348  -2.759  1.00 24.95 ? 50  LYS B CA  1 
ATOM   1228 C C   . LYS B 1 55  ? 14.854  15.413  -3.785  1.00 23.29 ? 50  LYS B C   1 
ATOM   1229 O O   . LYS B 1 55  ? 14.514  14.261  -3.472  1.00 20.88 ? 50  LYS B O   1 
ATOM   1230 C CB  . LYS B 1 55  ? 16.985  16.021  -2.742  1.00 26.14 ? 50  LYS B CB  1 
ATOM   1231 C CG  . LYS B 1 55  ? 17.863  16.918  -1.902  1.00 29.17 ? 50  LYS B CG  1 
ATOM   1232 C CD  . LYS B 1 55  ? 19.332  16.557  -2.143  1.00 29.84 ? 50  LYS B CD  1 
ATOM   1233 C CE  . LYS B 1 55  ? 20.254  17.310  -1.181  1.00 33.21 ? 50  LYS B CE  1 
ATOM   1234 N NZ  . LYS B 1 55  ? 20.036  18.800  -1.245  1.00 34.76 ? 50  LYS B NZ  1 
ATOM   1235 N N   . VAL B 1 56  ? 14.722  15.906  -5.009  1.00 21.00 ? 51  VAL B N   1 
ATOM   1236 C CA  . VAL B 1 56  ? 14.277  15.085  -6.133  1.00 20.63 ? 51  VAL B CA  1 
ATOM   1237 C C   . VAL B 1 56  ? 15.383  15.140  -7.180  1.00 20.73 ? 51  VAL B C   1 
ATOM   1238 O O   . VAL B 1 56  ? 15.849  16.230  -7.533  1.00 20.61 ? 51  VAL B O   1 
ATOM   1239 C CB  . VAL B 1 56  ? 12.971  15.631  -6.737  1.00 20.77 ? 51  VAL B CB  1 
ATOM   1240 C CG1 . VAL B 1 56  ? 12.576  14.834  -7.968  1.00 20.87 ? 51  VAL B CG1 1 
ATOM   1241 C CG2 . VAL B 1 56  ? 11.862  15.629  -5.708  1.00 20.36 ? 51  VAL B CG2 1 
ATOM   1242 N N   . ASP B 1 57  ? 15.815  13.980  -7.666  1.00 18.88 ? 52  ASP B N   1 
ATOM   1243 C CA  . ASP B 1 57  ? 16.947  13.901  -8.583  1.00 19.43 ? 52  ASP B CA  1 
ATOM   1244 C C   . ASP B 1 57  ? 16.631  12.822  -9.583  1.00 19.30 ? 52  ASP B C   1 
ATOM   1245 O O   . ASP B 1 57  ? 15.957  11.851  -9.228  1.00 17.97 ? 52  ASP B O   1 
ATOM   1246 C CB  . ASP B 1 57  ? 18.186  13.422  -7.825  1.00 20.99 ? 52  ASP B CB  1 
ATOM   1247 C CG  . ASP B 1 57  ? 18.946  14.541  -7.182  1.00 23.92 ? 52  ASP B CG  1 
ATOM   1248 O OD1 . ASP B 1 57  ? 19.324  15.479  -7.903  1.00 25.88 ? 52  ASP B OD1 1 
ATOM   1249 O OD2 . ASP B 1 57  ? 19.188  14.490  -5.957  1.00 25.73 ? 52  ASP B OD2 1 
ATOM   1250 N N   . GLN B 1 58  ? 17.156  12.961  -10.795 1.00 17.24 ? 53  GLN B N   1 
ATOM   1251 C CA  . GLN B 1 58  ? 17.024  11.924  -11.809 1.00 18.70 ? 53  GLN B CA  1 
ATOM   1252 C C   . GLN B 1 58  ? 18.122  10.890  -11.580 1.00 18.49 ? 53  GLN B C   1 
ATOM   1253 O O   . GLN B 1 58  ? 19.272  11.233  -11.340 1.00 16.35 ? 53  GLN B O   1 
ATOM   1254 C CB  . GLN B 1 58  ? 17.137  12.523  -13.212 1.00 20.88 ? 53  GLN B CB  1 
ATOM   1255 C CG  . GLN B 1 58  ? 16.742  11.568  -14.338 1.00 23.66 ? 53  GLN B CG  1 
ATOM   1256 C CD  . GLN B 1 58  ? 16.611  12.272  -15.665 1.00 25.21 ? 53  GLN B CD  1 
ATOM   1257 O OE1 . GLN B 1 58  ? 16.006  11.754  -16.598 1.00 27.69 ? 53  GLN B OE1 1 
ATOM   1258 N NE2 . GLN B 1 58  ? 17.163  13.461  -15.750 1.00 25.61 ? 53  GLN B NE2 1 
ATOM   1259 N N   . GLY B 1 59  ? 17.769  9.614   -11.610 1.00 17.20 ? 54  GLY B N   1 
ATOM   1260 C CA  . GLY B 1 59  ? 18.790  8.613   -11.342 1.00 16.93 ? 54  GLY B CA  1 
ATOM   1261 C C   . GLY B 1 59  ? 18.176  7.334   -10.844 1.00 16.94 ? 54  GLY B C   1 
ATOM   1262 O O   . GLY B 1 59  ? 16.944  7.214   -10.752 1.00 16.36 ? 54  GLY B O   1 
ATOM   1263 N N   . VAL B 1 60  ? 19.040  6.368   -10.559 1.00 17.14 ? 55  VAL B N   1 
ATOM   1264 C CA  . VAL B 1 60  ? 18.619  5.144   -9.903  1.00 17.27 ? 55  VAL B CA  1 
ATOM   1265 C C   . VAL B 1 60  ? 19.423  5.048   -8.629  1.00 18.74 ? 55  VAL B C   1 
ATOM   1266 O O   . VAL B 1 60  ? 20.663  5.012   -8.656  1.00 18.17 ? 55  VAL B O   1 
ATOM   1267 C CB  . VAL B 1 60  ? 18.796  3.900   -10.803 1.00 16.57 ? 55  VAL B CB  1 
ATOM   1268 C CG1 . VAL B 1 60  ? 18.248  2.639   -10.101 1.00 15.98 ? 55  VAL B CG1 1 
ATOM   1269 C CG2 . VAL B 1 60  ? 18.064  4.098   -12.107 1.00 16.40 ? 55  VAL B CG2 1 
ATOM   1270 N N   . PHE B 1 61  ? 18.710  5.060   -7.513  1.00 19.32 ? 56  PHE B N   1 
ATOM   1271 C CA  . PHE B 1 61  ? 19.318  4.963   -6.184  1.00 21.70 ? 56  PHE B CA  1 
ATOM   1272 C C   . PHE B 1 61  ? 19.700  3.501   -5.921  1.00 22.06 ? 56  PHE B C   1 
ATOM   1273 O O   . PHE B 1 61  ? 19.022  2.584   -6.386  1.00 22.49 ? 56  PHE B O   1 
ATOM   1274 C CB  . PHE B 1 61  ? 18.288  5.444   -5.157  1.00 22.22 ? 56  PHE B CB  1 
ATOM   1275 C CG  . PHE B 1 61  ? 18.852  5.775   -3.805  1.00 22.85 ? 56  PHE B CG  1 
ATOM   1276 C CD1 . PHE B 1 61  ? 18.602  4.949   -2.725  1.00 22.61 ? 56  PHE B CD1 1 
ATOM   1277 C CD2 . PHE B 1 61  ? 19.566  6.940   -3.603  1.00 22.91 ? 56  PHE B CD2 1 
ATOM   1278 C CE1 . PHE B 1 61  ? 19.085  5.254   -1.474  1.00 23.92 ? 56  PHE B CE1 1 
ATOM   1279 C CE2 . PHE B 1 61  ? 20.067  7.251   -2.355  1.00 23.67 ? 56  PHE B CE2 1 
ATOM   1280 C CZ  . PHE B 1 61  ? 19.822  6.405   -1.286  1.00 23.72 ? 56  PHE B CZ  1 
ATOM   1281 N N   . ALA B 1 62  ? 20.799  3.293   -5.200  1.00 22.66 ? 57  ALA B N   1 
ATOM   1282 C CA  . ALA B 1 62  ? 21.334  1.951   -4.957  1.00 23.00 ? 57  ALA B CA  1 
ATOM   1283 C C   . ALA B 1 62  ? 20.427  1.100   -4.062  1.00 23.10 ? 57  ALA B C   1 
ATOM   1284 O O   . ALA B 1 62  ? 20.108  -0.047  -4.385  1.00 23.90 ? 57  ALA B O   1 
ATOM   1285 C CB  . ALA B 1 62  ? 22.741  2.045   -4.357  1.00 22.82 ? 57  ALA B CB  1 
ATOM   1286 N N   . SER B 1 63  ? 20.005  1.643   -2.934  1.00 22.79 ? 58  SER B N   1 
ATOM   1287 C CA  . SER B 1 63  ? 19.075  0.869   -2.115  1.00 23.30 ? 58  SER B CA  1 
ATOM   1288 C C   . SER B 1 63  ? 17.965  1.738   -1.540  1.00 21.71 ? 58  SER B C   1 
ATOM   1289 O O   . SER B 1 63  ? 18.069  2.265   -0.437  1.00 22.56 ? 58  SER B O   1 
ATOM   1290 C CB  A SER B 1 63  ? 19.778  0.036   -1.038  0.65 24.92 ? 58  SER B CB  1 
ATOM   1291 C CB  B SER B 1 63  ? 19.836  0.182   -0.976  0.35 23.63 ? 58  SER B CB  1 
ATOM   1292 O OG  A SER B 1 63  ? 18.998  -1.120  -0.765  0.65 26.16 ? 58  SER B OG  1 
ATOM   1293 O OG  B SER B 1 63  ? 20.443  1.143   -0.127  0.35 23.63 ? 58  SER B OG  1 
ATOM   1294 N N   . PRO B 1 64  ? 16.894  1.903   -2.317  1.00 18.48 ? 59  PRO B N   1 
ATOM   1295 C CA  . PRO B 1 64  ? 15.787  2.743   -1.879  1.00 17.86 ? 59  PRO B CA  1 
ATOM   1296 C C   . PRO B 1 64  ? 14.926  1.972   -0.888  1.00 15.86 ? 59  PRO B C   1 
ATOM   1297 O O   . PRO B 1 64  ? 14.978  0.736   -0.838  1.00 16.22 ? 59  PRO B O   1 
ATOM   1298 C CB  . PRO B 1 64  ? 15.022  3.005   -3.169  1.00 17.14 ? 59  PRO B CB  1 
ATOM   1299 C CG  . PRO B 1 64  ? 15.275  1.787   -3.999  1.00 18.11 ? 59  PRO B CG  1 
ATOM   1300 C CD  . PRO B 1 64  ? 16.653  1.285   -3.629  1.00 18.62 ? 59  PRO B CD  1 
ATOM   1301 N N   . ASP B 1 65  ? 14.178  2.704   -0.080  1.00 15.54 ? 60  ASP B N   1 
ATOM   1302 C CA  . ASP B 1 65  ? 13.245  2.110   0.871   1.00 15.32 ? 60  ASP B CA  1 
ATOM   1303 C C   . ASP B 1 65  ? 12.020  1.521   0.201   1.00 14.77 ? 60  ASP B C   1 
ATOM   1304 O O   . ASP B 1 65  ? 11.510  0.471   0.622   1.00 14.17 ? 60  ASP B O   1 
ATOM   1305 C CB  . ASP B 1 65  ? 12.850  3.162   1.915   1.00 16.08 ? 60  ASP B CB  1 
ATOM   1306 C CG  . ASP B 1 65  ? 14.054  3.642   2.698   1.00 18.04 ? 60  ASP B CG  1 
ATOM   1307 O OD1 . ASP B 1 65  ? 14.667  2.803   3.383   1.00 20.01 ? 60  ASP B OD1 1 
ATOM   1308 O OD2 . ASP B 1 65  ? 14.447  4.818   2.577   1.00 18.14 ? 60  ASP B OD2 1 
ATOM   1309 N N   . VAL B 1 66  ? 11.523  2.233   -0.806  1.00 13.22 ? 61  VAL B N   1 
ATOM   1310 C CA  . VAL B 1 66  ? 10.415  1.776   -1.631  1.00 12.32 ? 61  VAL B CA  1 
ATOM   1311 C C   . VAL B 1 66  ? 10.713  2.050   -3.092  1.00 13.77 ? 61  VAL B C   1 
ATOM   1312 O O   . VAL B 1 66  ? 11.266  3.096   -3.447  1.00 13.62 ? 61  VAL B O   1 
ATOM   1313 C CB  . VAL B 1 66  ? 9.094   2.498   -1.295  1.00 12.35 ? 61  VAL B CB  1 
ATOM   1314 C CG1 . VAL B 1 66  ? 7.956   1.887   -2.111  1.00 11.23 ? 61  VAL B CG1 1 
ATOM   1315 C CG2 . VAL B 1 66  ? 8.795   2.411   0.207   1.00 12.28 ? 61  VAL B CG2 1 
ATOM   1316 N N   . THR B 1 67  ? 10.373  1.083   -3.927  1.00 13.11 ? 62  THR B N   1 
ATOM   1317 C CA  . THR B 1 67  ? 10.353  1.263   -5.355  1.00 13.60 ? 62  THR B CA  1 
ATOM   1318 C C   . THR B 1 67  ? 8.907   1.272   -5.859  1.00 13.73 ? 62  THR B C   1 
ATOM   1319 O O   . THR B 1 67  ? 8.077   0.395   -5.519  1.00 12.27 ? 62  THR B O   1 
ATOM   1320 C CB  . THR B 1 67  ? 11.167  0.167   -6.043  1.00 14.99 ? 62  THR B CB  1 
ATOM   1321 O OG1 . THR B 1 67  ? 12.515  0.241   -5.558  1.00 15.51 ? 62  THR B OG1 1 
ATOM   1322 C CG2 . THR B 1 67  ? 11.170  0.350   -7.553  1.00 15.25 ? 62  THR B CG2 1 
ATOM   1323 N N   . VAL B 1 68  ? 8.615   2.275   -6.680  1.00 11.91 ? 63  VAL B N   1 
ATOM   1324 C CA  . VAL B 1 68  ? 7.296   2.470   -7.225  1.00 12.22 ? 63  VAL B CA  1 
ATOM   1325 C C   . VAL B 1 68  ? 7.411   2.456   -8.740  1.00 13.28 ? 63  VAL B C   1 
ATOM   1326 O O   . VAL B 1 68  ? 8.210   3.204   -9.313  1.00 13.80 ? 63  VAL B O   1 
ATOM   1327 C CB  . VAL B 1 68  ? 6.732   3.813   -6.748  1.00 13.24 ? 63  VAL B CB  1 
ATOM   1328 C CG1 . VAL B 1 68  ? 5.334   4.096   -7.359  1.00 13.10 ? 63  VAL B CG1 1 
ATOM   1329 C CG2 . VAL B 1 68  ? 6.731   3.869   -5.226  1.00 12.14 ? 63  VAL B CG2 1 
ATOM   1330 N N   . THR B 1 69  ? 6.664   1.566   -9.381  1.00 13.03 ? 64  THR B N   1 
ATOM   1331 C CA  . THR B 1 69  ? 6.637   1.490   -10.844 1.00 13.94 ? 64  THR B CA  1 
ATOM   1332 C C   . THR B 1 69  ? 5.212   1.731   -11.335 1.00 13.62 ? 64  THR B C   1 
ATOM   1333 O O   . THR B 1 69  ? 4.268   1.059   -10.917 1.00 13.83 ? 64  THR B O   1 
ATOM   1334 C CB  . THR B 1 69  ? 7.181   0.140   -11.351 1.00 14.75 ? 64  THR B CB  1 
ATOM   1335 O OG1 . THR B 1 69  ? 8.522   -0.010  -10.879 1.00 14.21 ? 64  THR B OG1 1 
ATOM   1336 C CG2 . THR B 1 69  ? 7.190   0.106   -12.886 1.00 14.28 ? 64  THR B CG2 1 
ATOM   1337 N N   . VAL B 1 70  ? 5.069   2.711   -12.219 1.00 14.81 ? 65  VAL B N   1 
ATOM   1338 C CA  . VAL B 1 70  ? 3.773   3.237   -12.580 1.00 13.72 ? 65  VAL B CA  1 
ATOM   1339 C C   . VAL B 1 70  ? 3.814   3.727   -14.034 1.00 14.80 ? 65  VAL B C   1 
ATOM   1340 O O   . VAL B 1 70  ? 4.842   4.213   -14.505 1.00 15.98 ? 65  VAL B O   1 
ATOM   1341 C CB  . VAL B 1 70  ? 3.401   4.376   -11.612 1.00 13.39 ? 65  VAL B CB  1 
ATOM   1342 C CG1 . VAL B 1 70  ? 4.379   5.591   -11.783 1.00 14.57 ? 65  VAL B CG1 1 
ATOM   1343 C CG2 . VAL B 1 70  ? 1.947   4.781   -11.784 1.00 13.71 ? 65  VAL B CG2 1 
ATOM   1344 N N   . GLY B 1 71  ? 2.704   3.579   -14.741 1.00 15.91 ? 66  GLY B N   1 
ATOM   1345 C CA  . GLY B 1 71  ? 2.600   4.045   -16.141 1.00 17.31 ? 66  GLY B CA  1 
ATOM   1346 C C   . GLY B 1 71  ? 2.452   5.551   -16.179 1.00 17.43 ? 66  GLY B C   1 
ATOM   1347 O O   . GLY B 1 71  ? 1.927   6.167   -15.238 1.00 17.68 ? 66  GLY B O   1 
ATOM   1348 N N   . LEU B 1 72  ? 2.901   6.158   -17.270 1.00 19.07 ? 67  LEU B N   1 
ATOM   1349 C CA  . LEU B 1 72  ? 2.850   7.620   -17.406 1.00 20.68 ? 67  LEU B CA  1 
ATOM   1350 C C   . LEU B 1 72  ? 1.447   8.201   -17.187 1.00 20.70 ? 67  LEU B C   1 
ATOM   1351 O O   . LEU B 1 72  ? 1.261   9.108   -16.377 1.00 19.85 ? 67  LEU B O   1 
ATOM   1352 C CB  . LEU B 1 72  ? 3.377   8.048   -18.788 1.00 21.42 ? 67  LEU B CB  1 
ATOM   1353 C CG  . LEU B 1 72  ? 3.368   9.552   -19.099 1.00 22.16 ? 67  LEU B CG  1 
ATOM   1354 C CD1 . LEU B 1 72  ? 4.169   10.303  -18.056 1.00 21.89 ? 67  LEU B CD1 1 
ATOM   1355 C CD2 . LEU B 1 72  ? 3.923   9.818   -20.499 1.00 21.57 ? 67  LEU B CD2 1 
ATOM   1356 N N   . GLU B 1 73  ? 0.453   7.687   -17.901 1.00 23.38 ? 68  GLU B N   1 
ATOM   1357 C CA  . GLU B 1 73  ? -0.892  8.278   -17.813 1.00 26.14 ? 68  GLU B CA  1 
ATOM   1358 C C   . GLU B 1 73  ? -1.515  8.133   -16.417 1.00 23.85 ? 68  GLU B C   1 
ATOM   1359 O O   . GLU B 1 73  ? -2.241  9.010   -15.949 1.00 22.84 ? 68  GLU B O   1 
ATOM   1360 C CB  . GLU B 1 73  ? -1.810  7.751   -18.927 1.00 28.31 ? 68  GLU B CB  1 
ATOM   1361 C CG  . GLU B 1 73  ? -1.650  8.538   -20.235 1.00 32.41 ? 68  GLU B CG  1 
ATOM   1362 C CD  . GLU B 1 73  ? -2.286  7.876   -21.451 1.00 33.40 ? 68  GLU B CD  1 
ATOM   1363 O OE1 . GLU B 1 73  ? -2.964  6.828   -21.293 1.00 36.64 ? 68  GLU B OE1 1 
ATOM   1364 O OE2 . GLU B 1 73  ? -2.106  8.414   -22.581 1.00 36.67 ? 68  GLU B OE2 1 
ATOM   1365 N N   . ASP B 1 74  ? -1.212  7.032   -15.741 1.00 22.32 ? 69  ASP B N   1 
ATOM   1366 C CA  . ASP B 1 74  ? -1.657  6.842   -14.379 1.00 20.80 ? 69  ASP B CA  1 
ATOM   1367 C C   . ASP B 1 74  ? -0.958  7.815   -13.424 1.00 19.91 ? 69  ASP B C   1 
ATOM   1368 O O   . ASP B 1 74  ? -1.581  8.354   -12.516 1.00 18.20 ? 69  ASP B O   1 
ATOM   1369 C CB  . ASP B 1 74  ? -1.446  5.382   -13.943 1.00 21.74 ? 69  ASP B CB  1 
ATOM   1370 C CG  . ASP B 1 74  ? -2.424  4.426   -14.618 1.00 22.76 ? 69  ASP B CG  1 
ATOM   1371 O OD1 . ASP B 1 74  ? -2.052  3.269   -14.886 1.00 22.91 ? 69  ASP B OD1 1 
ATOM   1372 O OD2 . ASP B 1 74  ? -3.572  4.846   -14.896 1.00 23.87 ? 69  ASP B OD2 1 
ATOM   1373 N N   . MET B 1 75  ? 0.339   8.038   -13.629 1.00 19.47 ? 70  MET B N   1 
ATOM   1374 C CA  . MET B 1 75  ? 1.110   8.916   -12.750 1.00 20.10 ? 70  MET B CA  1 
ATOM   1375 C C   . MET B 1 75  ? 0.683   10.371  -12.978 1.00 20.54 ? 70  MET B C   1 
ATOM   1376 O O   . MET B 1 75  ? 0.645   11.189  -12.045 1.00 19.29 ? 70  MET B O   1 
ATOM   1377 C CB  . MET B 1 75  ? 2.617   8.749   -12.993 1.00 20.54 ? 70  MET B CB  1 
ATOM   1378 C CG  . MET B 1 75  ? 3.494   9.517   -12.015 1.00 21.61 ? 70  MET B CG  1 
ATOM   1379 S SD  . MET B 1 75  ? 3.211   8.981   -10.319 1.00 22.86 ? 70  MET B SD  1 
ATOM   1380 C CE  . MET B 1 75  ? 3.812   10.382  -9.375  1.00 22.46 ? 70  MET B CE  1 
ATOM   1381 N N   . LEU B 1 76  ? 0.349   10.692  -14.224 1.00 19.39 ? 71  LEU B N   1 
ATOM   1382 C CA  . LEU B 1 76  ? -0.205  12.015  -14.521 1.00 20.67 ? 71  LEU B CA  1 
ATOM   1383 C C   . LEU B 1 76  ? -1.522  12.226  -13.761 1.00 20.44 ? 71  LEU B C   1 
ATOM   1384 O O   . LEU B 1 76  ? -1.709  13.235  -13.090 1.00 22.61 ? 71  LEU B O   1 
ATOM   1385 C CB  . LEU B 1 76  ? -0.383  12.183  -16.036 1.00 20.50 ? 71  LEU B CB  1 
ATOM   1386 C CG  . LEU B 1 76  ? -0.418  13.603  -16.617 1.00 22.31 ? 71  LEU B CG  1 
ATOM   1387 C CD1 . LEU B 1 76  ? 0.499   14.579  -15.888 1.00 22.10 ? 71  LEU B CD1 1 
ATOM   1388 C CD2 . LEU B 1 76  ? -0.068  13.575  -18.115 1.00 22.88 ? 71  LEU B CD2 1 
ATOM   1389 N N   . ALA B 1 77  ? -2.423  11.260  -13.842 1.00 21.63 ? 72  ALA B N   1 
ATOM   1390 C CA  . ALA B 1 77  ? -3.718  11.361  -13.153 1.00 22.58 ? 72  ALA B CA  1 
ATOM   1391 C C   . ALA B 1 77  ? -3.565  11.433  -11.628 1.00 23.15 ? 72  ALA B C   1 
ATOM   1392 O O   . ALA B 1 77  ? -4.284  12.169  -10.946 1.00 23.55 ? 72  ALA B O   1 
ATOM   1393 C CB  . ALA B 1 77  ? -4.618  10.196  -13.553 1.00 22.08 ? 72  ALA B CB  1 
ATOM   1394 N N   . ILE B 1 78  ? -2.623  10.676  -11.084 1.00 22.47 ? 73  ILE B N   1 
ATOM   1395 C CA  . ILE B 1 78  ? -2.382  10.725  -9.649  1.00 22.90 ? 73  ILE B CA  1 
ATOM   1396 C C   . ILE B 1 78  ? -1.876  12.107  -9.251  1.00 22.62 ? 73  ILE B C   1 
ATOM   1397 O O   . ILE B 1 78  ? -2.357  12.693  -8.278  1.00 22.67 ? 73  ILE B O   1 
ATOM   1398 C CB  . ILE B 1 78  ? -1.350  9.670   -9.203  1.00 22.97 ? 73  ILE B CB  1 
ATOM   1399 C CG1 . ILE B 1 78  ? -1.934  8.259   -9.318  1.00 23.15 ? 73  ILE B CG1 1 
ATOM   1400 C CG2 . ILE B 1 78  ? -0.852  9.963   -7.790  1.00 23.45 ? 73  ILE B CG2 1 
ATOM   1401 C CD1 . ILE B 1 78  ? -0.904  7.156   -9.011  1.00 23.47 ? 73  ILE B CD1 1 
ATOM   1402 N N   . SER B 1 79  ? -0.901  12.637  -9.991  1.00 22.32 ? 74  SER B N   1 
ATOM   1403 C CA  . SER B 1 79  ? -0.358  13.944  -9.632  1.00 21.75 ? 74  SER B CA  1 
ATOM   1404 C C   . SER B 1 79  ? -1.350  15.090  -9.881  1.00 22.83 ? 74  SER B C   1 
ATOM   1405 O O   . SER B 1 79  ? -1.225  16.150  -9.286  1.00 23.31 ? 74  SER B O   1 
ATOM   1406 C CB  . SER B 1 79  ? 0.979   14.216  -10.329 1.00 20.70 ? 74  SER B CB  1 
ATOM   1407 O OG  . SER B 1 79  ? 0.809   14.521  -11.690 1.00 18.29 ? 74  SER B OG  1 
ATOM   1408 N N   . GLY B 1 80  ? -2.327  14.873  -10.747 1.00 24.37 ? 75  GLY B N   1 
ATOM   1409 C CA  . GLY B 1 80  ? -3.320  15.905  -11.063 1.00 27.46 ? 75  GLY B CA  1 
ATOM   1410 C C   . GLY B 1 80  ? -4.642  15.775  -10.316 1.00 28.93 ? 75  GLY B C   1 
ATOM   1411 O O   . GLY B 1 80  ? -5.635  16.406  -10.689 1.00 29.80 ? 75  GLY B O   1 
ATOM   1412 N N   . LYS B 1 81  ? -4.654  14.946  -9.277  1.00 30.95 ? 76  LYS B N   1 
ATOM   1413 C CA  . LYS B 1 81  ? -5.811  14.813  -8.372  1.00 33.31 ? 76  LYS B CA  1 
ATOM   1414 C C   . LYS B 1 81  ? -7.043  14.089  -8.939  1.00 33.04 ? 76  LYS B C   1 
ATOM   1415 O O   . LYS B 1 81  ? -8.122  14.162  -8.336  1.00 33.38 ? 76  LYS B O   1 
ATOM   1416 C CB  . LYS B 1 81  ? -6.247  16.186  -7.843  1.00 34.32 ? 76  LYS B CB  1 
ATOM   1417 C CG  . LYS B 1 81  ? -5.225  16.922  -6.975  1.00 35.88 ? 76  LYS B CG  1 
ATOM   1418 C CD  . LYS B 1 81  ? -5.627  18.403  -6.846  1.00 36.11 ? 76  LYS B CD  1 
ATOM   1419 C CE  . LYS B 1 81  ? -4.708  19.186  -5.916  1.00 37.41 ? 76  LYS B CE  1 
ATOM   1420 N NZ  . LYS B 1 81  ? -5.130  20.629  -5.797  1.00 37.99 ? 76  LYS B NZ  1 
ATOM   1421 N N   . THR B 1 82  ? -6.904  13.404  -10.072 1.00 32.38 ? 77  THR B N   1 
ATOM   1422 C CA  . THR B 1 82  ? -8.043  12.711  -10.682 1.00 32.26 ? 77  THR B CA  1 
ATOM   1423 C C   . THR B 1 82  ? -8.022  11.190  -10.465 1.00 33.45 ? 77  THR B C   1 
ATOM   1424 O O   . THR B 1 82  ? -9.004  10.497  -10.744 1.00 33.52 ? 77  THR B O   1 
ATOM   1425 C CB  . THR B 1 82  ? -8.151  12.979  -12.186 1.00 32.10 ? 77  THR B CB  1 
ATOM   1426 O OG1 . THR B 1 82  ? -7.023  12.404  -12.852 1.00 31.67 ? 77  THR B OG1 1 
ATOM   1427 C CG2 . THR B 1 82  ? -8.198  14.488  -12.465 1.00 32.28 ? 77  THR B CG2 1 
ATOM   1428 N N   . LEU B 1 83  ? -6.898  10.673  -9.996  1.00 33.22 ? 78  LEU B N   1 
ATOM   1429 C CA  . LEU B 1 83  ? -6.840  9.275   -9.587  1.00 34.02 ? 78  LEU B CA  1 
ATOM   1430 C C   . LEU B 1 83  ? -6.185  9.245   -8.222  1.00 34.56 ? 78  LEU B C   1 
ATOM   1431 O O   . LEU B 1 83  ? -5.107  9.795   -8.036  1.00 34.44 ? 78  LEU B O   1 
ATOM   1432 C CB  . LEU B 1 83  ? -6.049  8.435   -10.596 1.00 33.32 ? 78  LEU B CB  1 
ATOM   1433 C CG  . LEU B 1 83  ? -5.661  7.004   -10.216 1.00 32.71 ? 78  LEU B CG  1 
ATOM   1434 C CD1 . LEU B 1 83  ? -6.894  6.113   -10.131 1.00 32.44 ? 78  LEU B CD1 1 
ATOM   1435 C CD2 . LEU B 1 83  ? -4.683  6.453   -11.239 1.00 32.82 ? 78  LEU B CD2 1 
ATOM   1436 N N   . THR B 1 84  ? -6.859  8.627   -7.264  1.00 36.11 ? 79  THR B N   1 
ATOM   1437 C CA  . THR B 1 84  ? -6.314  8.462   -5.930  1.00 37.31 ? 79  THR B CA  1 
ATOM   1438 C C   . THR B 1 84  ? -5.360  7.282   -5.913  1.00 37.63 ? 79  THR B C   1 
ATOM   1439 O O   . THR B 1 84  ? -5.558  6.299   -6.639  1.00 36.46 ? 79  THR B O   1 
ATOM   1440 C CB  . THR B 1 84  ? -7.425  8.184   -4.896  1.00 38.31 ? 79  THR B CB  1 
ATOM   1441 O OG1 . THR B 1 84  ? -8.026  6.915   -5.182  1.00 39.12 ? 79  THR B OG1 1 
ATOM   1442 C CG2 . THR B 1 84  ? -8.495  9.254   -4.961  1.00 38.32 ? 79  THR B CG2 1 
ATOM   1443 N N   . VAL B 1 85  ? -4.331  7.396   -5.079  1.00 38.37 ? 80  VAL B N   1 
ATOM   1444 C CA  . VAL B 1 85  ? -3.369  6.332   -4.870  1.00 39.69 ? 80  VAL B CA  1 
ATOM   1445 C C   . VAL B 1 85  ? -4.103  5.067   -4.447  1.00 39.72 ? 80  VAL B C   1 
ATOM   1446 O O   . VAL B 1 85  ? -3.787  3.978   -4.907  1.00 39.73 ? 80  VAL B O   1 
ATOM   1447 C CB  . VAL B 1 85  ? -2.347  6.720   -3.795  1.00 40.06 ? 80  VAL B CB  1 
ATOM   1448 C CG1 . VAL B 1 85  ? -1.502  5.520   -3.404  1.00 40.56 ? 80  VAL B CG1 1 
ATOM   1449 C CG2 . VAL B 1 85  ? -1.467  7.856   -4.289  1.00 40.77 ? 80  VAL B CG2 1 
ATOM   1450 N N   . GLY B 1 86  ? -5.115  5.235   -3.601  1.00 40.18 ? 81  GLY B N   1 
ATOM   1451 C CA  . GLY B 1 86  ? -5.950  4.128   -3.142  1.00 39.82 ? 81  GLY B CA  1 
ATOM   1452 C C   . GLY B 1 86  ? -6.612  3.324   -4.242  1.00 39.76 ? 81  GLY B C   1 
ATOM   1453 O O   . GLY B 1 86  ? -6.498  2.095   -4.273  1.00 40.03 ? 81  GLY B O   1 
ATOM   1454 N N   . ASP B 1 87  ? -7.312  4.012   -5.141  1.00 38.69 ? 82  ASP B N   1 
ATOM   1455 C CA  . ASP B 1 87  ? -7.950  3.371   -6.291  1.00 37.78 ? 82  ASP B CA  1 
ATOM   1456 C C   . ASP B 1 87  ? -6.942  2.801   -7.288  1.00 35.57 ? 82  ASP B C   1 
ATOM   1457 O O   . ASP B 1 87  ? -7.237  1.852   -8.011  1.00 35.01 ? 82  ASP B O   1 
ATOM   1458 C CB  . ASP B 1 87  ? -8.843  4.367   -7.022  1.00 40.09 ? 82  ASP B CB  1 
ATOM   1459 C CG  . ASP B 1 87  ? -10.011 4.835   -6.178  1.00 42.11 ? 82  ASP B CG  1 
ATOM   1460 O OD1 . ASP B 1 87  ? -10.965 5.390   -6.772  1.00 42.82 ? 82  ASP B OD1 1 
ATOM   1461 O OD2 . ASP B 1 87  ? -9.969  4.650   -4.935  1.00 43.23 ? 82  ASP B OD2 1 
ATOM   1462 N N   . ALA B 1 88  ? -5.768  3.422   -7.352  1.00 33.13 ? 83  ALA B N   1 
ATOM   1463 C CA  . ALA B 1 88  ? -4.676  2.926   -8.181  1.00 30.56 ? 83  ALA B CA  1 
ATOM   1464 C C   . ALA B 1 88  ? -4.274  1.509   -7.737  1.00 29.81 ? 83  ALA B C   1 
ATOM   1465 O O   . ALA B 1 88  ? -4.115  0.605   -8.556  1.00 27.82 ? 83  ALA B O   1 
ATOM   1466 C CB  . ALA B 1 88  ? -3.501  3.866   -8.081  1.00 28.70 ? 83  ALA B CB  1 
ATOM   1467 N N   . LEU B 1 89  ? -4.101  1.340   -6.430  1.00 30.92 ? 84  LEU B N   1 
ATOM   1468 C CA  . LEU B 1 89  ? -3.745  0.027   -5.862  1.00 32.22 ? 84  LEU B CA  1 
ATOM   1469 C C   . LEU B 1 89  ? -4.819  -1.020  -6.140  1.00 32.36 ? 84  LEU B C   1 
ATOM   1470 O O   . LEU B 1 89  ? -4.529  -2.094  -6.659  1.00 32.01 ? 84  LEU B O   1 
ATOM   1471 C CB  . LEU B 1 89  ? -3.485  0.146   -4.361  1.00 32.17 ? 84  LEU B CB  1 
ATOM   1472 C CG  . LEU B 1 89  ? -2.186  0.865   -3.995  1.00 32.70 ? 84  LEU B CG  1 
ATOM   1473 C CD1 . LEU B 1 89  ? -2.193  1.275   -2.535  1.00 33.99 ? 84  LEU B CD1 1 
ATOM   1474 C CD2 . LEU B 1 89  ? -0.965  0.007   -4.322  1.00 32.90 ? 84  LEU B CD2 1 
ATOM   1475 N N   . LYS B 1 90  ? -6.069  -0.693  -5.821  1.00 33.99 ? 85  LYS B N   1 
ATOM   1476 C CA  . LYS B 1 90  ? -7.179  -1.613  -6.052  1.00 34.40 ? 85  LYS B CA  1 
ATOM   1477 C C   . LYS B 1 90  ? -7.241  -2.076  -7.494  1.00 34.49 ? 85  LYS B C   1 
ATOM   1478 O O   . LYS B 1 90  ? -7.606  -3.226  -7.779  1.00 33.76 ? 85  LYS B O   1 
ATOM   1479 C CB  . LYS B 1 90  ? -8.505  -0.965  -5.650  1.00 36.37 ? 85  LYS B CB  1 
ATOM   1480 C CG  . LYS B 1 90  ? -9.682  -1.927  -5.601  1.00 37.54 ? 85  LYS B CG  1 
ATOM   1481 C CD  . LYS B 1 90  ? -10.774 -1.379  -4.692  1.00 39.44 ? 85  LYS B CD  1 
ATOM   1482 C CE  . LYS B 1 90  ? -11.905 -2.387  -4.458  1.00 40.50 ? 85  LYS B CE  1 
ATOM   1483 N NZ  . LYS B 1 90  ? -13.019 -2.284  -5.465  1.00 41.34 ? 85  LYS B NZ  1 
ATOM   1484 N N   . GLN B 1 91  ? -6.877  -1.179  -8.409  1.00 34.03 ? 86  GLN B N   1 
ATOM   1485 C CA  . GLN B 1 91  ? -6.912  -1.490  -9.836  1.00 33.25 ? 86  GLN B CA  1 
ATOM   1486 C C   . GLN B 1 91  ? -5.629  -2.143  -10.333 1.00 31.57 ? 86  GLN B C   1 
ATOM   1487 O O   . GLN B 1 91  ? -5.528  -2.529  -11.498 1.00 31.25 ? 86  GLN B O   1 
ATOM   1488 C CB  . GLN B 1 91  ? -7.253  -0.241  -10.660 1.00 35.35 ? 86  GLN B CB  1 
ATOM   1489 C CG  . GLN B 1 91  ? -8.745  -0.043  -10.874 1.00 37.80 ? 86  GLN B CG  1 
ATOM   1490 C CD  . GLN B 1 91  ? -9.124  1.382   -11.269 1.00 39.54 ? 86  GLN B CD  1 
ATOM   1491 O OE1 . GLN B 1 91  ? -8.314  2.314   -11.189 1.00 39.95 ? 86  GLN B OE1 1 
ATOM   1492 N NE2 . GLN B 1 91  ? -10.378 1.558   -11.683 1.00 40.43 ? 86  GLN B NE2 1 
ATOM   1493 N N   . GLY B 1 92  ? -4.649  -2.276  -9.444  1.00 30.07 ? 87  GLY B N   1 
ATOM   1494 C CA  . GLY B 1 92  ? -3.390  -2.935  -9.800  1.00 27.94 ? 87  GLY B CA  1 
ATOM   1495 C C   . GLY B 1 92  ? -2.498  -2.089  -10.689 1.00 26.55 ? 87  GLY B C   1 
ATOM   1496 O O   . GLY B 1 92  ? -1.712  -2.623  -11.467 1.00 26.72 ? 87  GLY B O   1 
ATOM   1497 N N   . LYS B 1 93  ? -2.615  -0.770  -10.561 1.00 25.12 ? 88  LYS B N   1 
ATOM   1498 C CA  . LYS B 1 93  ? -1.934  0.166   -11.466 1.00 24.84 ? 88  LYS B CA  1 
ATOM   1499 C C   . LYS B 1 93  ? -0.540  0.559   -10.992 1.00 23.99 ? 88  LYS B C   1 
ATOM   1500 O O   . LYS B 1 93  ? 0.225   1.171   -11.737 1.00 23.03 ? 88  LYS B O   1 
ATOM   1501 C CB  . LYS B 1 93  ? -2.782  1.423   -11.675 1.00 26.17 ? 88  LYS B CB  1 
ATOM   1502 C CG  . LYS B 1 93  ? -3.949  1.238   -12.651 1.00 28.37 ? 88  LYS B CG  1 
ATOM   1503 C CD  . LYS B 1 93  ? -4.786  2.499   -12.723 1.00 30.06 ? 88  LYS B CD  1 
ATOM   1504 C CE  . LYS B 1 93  ? -5.769  2.470   -13.888 1.00 31.65 ? 88  LYS B CE  1 
ATOM   1505 N NZ  . LYS B 1 93  ? -6.971  1.656   -13.554 1.00 34.44 ? 88  LYS B NZ  1 
ATOM   1506 N N   . ILE B 1 94  ? -0.217  0.194   -9.752  1.00 23.21 ? 89  ILE B N   1 
ATOM   1507 C CA  . ILE B 1 94  ? 1.081   0.481   -9.156  1.00 21.73 ? 89  ILE B CA  1 
ATOM   1508 C C   . ILE B 1 94  ? 1.776   -0.824  -8.813  1.00 21.96 ? 89  ILE B C   1 
ATOM   1509 O O   . ILE B 1 94  ? 1.176   -1.736  -8.225  1.00 21.57 ? 89  ILE B O   1 
ATOM   1510 C CB  . ILE B 1 94  ? 0.932   1.206   -7.812  1.00 23.07 ? 89  ILE B CB  1 
ATOM   1511 C CG1 . ILE B 1 94  ? -0.146  2.293   -7.867  1.00 23.31 ? 89  ILE B CG1 1 
ATOM   1512 C CG2 . ILE B 1 94  ? 2.280   1.748   -7.336  1.00 22.28 ? 89  ILE B CG2 1 
ATOM   1513 C CD1 . ILE B 1 94  ? 0.393   3.658   -8.054  1.00 24.69 ? 89  ILE B CD1 1 
ATOM   1514 N N   . GLU B 1 95  ? 3.050   -0.905  -9.148  1.00 19.91 ? 90  GLU B N   1 
ATOM   1515 C CA  . GLU B 1 95  ? 3.881   -1.997  -8.701  1.00 21.02 ? 90  GLU B CA  1 
ATOM   1516 C C   . GLU B 1 95  ? 4.813   -1.459  -7.606  1.00 19.42 ? 90  GLU B C   1 
ATOM   1517 O O   . GLU B 1 95  ? 5.488   -0.443  -7.810  1.00 17.77 ? 90  GLU B O   1 
ATOM   1518 C CB  . GLU B 1 95  ? 4.665   -2.520  -9.903  1.00 23.10 ? 90  GLU B CB  1 
ATOM   1519 C CG  . GLU B 1 95  ? 5.757   -3.508  -9.615  1.00 27.39 ? 90  GLU B CG  1 
ATOM   1520 C CD  . GLU B 1 95  ? 6.429   -3.955  -10.900 1.00 30.02 ? 90  GLU B CD  1 
ATOM   1521 O OE1 . GLU B 1 95  ? 7.673   -4.153  -10.905 1.00 31.82 ? 90  GLU B OE1 1 
ATOM   1522 O OE2 . GLU B 1 95  ? 5.697   -4.081  -11.913 1.00 32.08 ? 90  GLU B OE2 1 
ATOM   1523 N N   . LEU B 1 96  ? 4.826   -2.115  -6.443  1.00 17.52 ? 91  LEU B N   1 
ATOM   1524 C CA  . LEU B 1 96  ? 5.662   -1.676  -5.319  1.00 16.64 ? 91  LEU B CA  1 
ATOM   1525 C C   . LEU B 1 96  ? 6.635   -2.763  -4.952  1.00 17.34 ? 91  LEU B C   1 
ATOM   1526 O O   . LEU B 1 96  ? 6.356   -3.952  -5.162  1.00 16.43 ? 91  LEU B O   1 
ATOM   1527 C CB  . LEU B 1 96  ? 4.836   -1.379  -4.063  1.00 17.08 ? 91  LEU B CB  1 
ATOM   1528 C CG  . LEU B 1 96  ? 3.792   -0.276  -4.099  1.00 17.05 ? 91  LEU B CG  1 
ATOM   1529 C CD1 . LEU B 1 96  ? 3.046   -0.273  -2.795  1.00 16.33 ? 91  LEU B CD1 1 
ATOM   1530 C CD2 . LEU B 1 96  ? 4.442   1.089   -4.367  1.00 17.87 ? 91  LEU B CD2 1 
ATOM   1531 N N   . SER B 1 97  ? 7.776   -2.357  -4.409  1.00 15.93 ? 92  SER B N   1 
ATOM   1532 C CA  . SER B 1 97  ? 8.592   -3.275  -3.621  1.00 17.83 ? 92  SER B CA  1 
ATOM   1533 C C   . SER B 1 97  ? 9.238   -2.509  -2.489  1.00 16.20 ? 92  SER B C   1 
ATOM   1534 O O   . SER B 1 97  ? 9.304   -1.275  -2.522  1.00 15.22 ? 92  SER B O   1 
ATOM   1535 C CB  . SER B 1 97  ? 9.619   -4.047  -4.461  1.00 19.97 ? 92  SER B CB  1 
ATOM   1536 O OG  . SER B 1 97  ? 10.506  -3.173  -5.112  1.00 23.04 ? 92  SER B OG  1 
ATOM   1537 N N   . GLY B 1 98  ? 9.674   -3.239  -1.470  1.00 15.33 ? 93  GLY B N   1 
ATOM   1538 C CA  . GLY B 1 98  ? 10.342  -2.639  -0.336  1.00 15.15 ? 93  GLY B CA  1 
ATOM   1539 C C   . GLY B 1 98  ? 9.480   -2.557  0.903   1.00 16.40 ? 93  GLY B C   1 
ATOM   1540 O O   . GLY B 1 98  ? 8.771   -3.506  1.247   1.00 16.54 ? 93  GLY B O   1 
ATOM   1541 N N   . ASP B 1 99  ? 9.541   -1.399  1.559   1.00 16.98 ? 94  ASP B N   1 
ATOM   1542 C CA  . ASP B 1 99  ? 8.991   -1.195  2.897   1.00 16.72 ? 94  ASP B CA  1 
ATOM   1543 C C   . ASP B 1 99  ? 7.491   -0.878  2.893   1.00 14.49 ? 94  ASP B C   1 
ATOM   1544 O O   . ASP B 1 99  ? 7.095   0.189   2.467   1.00 12.92 ? 94  ASP B O   1 
ATOM   1545 C CB  . ASP B 1 99  ? 9.783   -0.082  3.567   1.00 17.97 ? 94  ASP B CB  1 
ATOM   1546 C CG  . ASP B 1 99  ? 9.508   0.039   5.042   1.00 21.15 ? 94  ASP B CG  1 
ATOM   1547 O OD1 . ASP B 1 99  ? 10.423  0.494   5.745   1.00 23.72 ? 94  ASP B OD1 1 
ATOM   1548 O OD2 . ASP B 1 99  ? 8.400   -0.300  5.503   1.00 22.73 ? 94  ASP B OD2 1 
ATOM   1549 N N   . ALA B 1 100 ? 6.662   -1.806  3.378   1.00 13.11 ? 95  ALA B N   1 
ATOM   1550 C CA  . ALA B 1 100 ? 5.213   -1.576  3.444   1.00 12.23 ? 95  ALA B CA  1 
ATOM   1551 C C   . ALA B 1 100 ? 4.798   -0.430  4.365   1.00 11.95 ? 95  ALA B C   1 
ATOM   1552 O O   . ALA B 1 100 ? 3.820   0.248   4.091   1.00 12.98 ? 95  ALA B O   1 
ATOM   1553 C CB  . ALA B 1 100 ? 4.470   -2.859  3.848   1.00 12.01 ? 95  ALA B CB  1 
ATOM   1554 N N   . ASP B 1 101 ? 5.498   -0.250  5.477   1.00 12.38 ? 96  ASP B N   1 
ATOM   1555 C CA  . ASP B 1 101 ? 5.164   0.819   6.423   1.00 12.90 ? 96  ASP B CA  1 
ATOM   1556 C C   . ASP B 1 101 ? 5.305   2.164   5.726   1.00 13.36 ? 96  ASP B C   1 
ATOM   1557 O O   . ASP B 1 101 ? 4.393   2.991   5.752   1.00 12.50 ? 96  ASP B O   1 
ATOM   1558 C CB  . ASP B 1 101 ? 6.074   0.755   7.641   1.00 13.22 ? 96  ASP B CB  1 
ATOM   1559 C CG  . ASP B 1 101 ? 5.777   1.840   8.640   1.00 15.11 ? 96  ASP B CG  1 
ATOM   1560 O OD1 . ASP B 1 101 ? 6.736   2.378   9.177   1.00 17.48 ? 96  ASP B OD1 1 
ATOM   1561 O OD2 . ASP B 1 101 ? 4.609   2.209   8.842   1.00 16.27 ? 96  ASP B OD2 1 
ATOM   1562 N N   . LEU B 1 102 ? 6.439   2.366   5.060   1.00 13.50 ? 97  LEU B N   1 
ATOM   1563 C CA  . LEU B 1 102 ? 6.664   3.619   4.318   1.00 14.39 ? 97  LEU B CA  1 
ATOM   1564 C C   . LEU B 1 102 ? 5.718   3.828   3.143   1.00 14.53 ? 97  LEU B C   1 
ATOM   1565 O O   . LEU B 1 102 ? 5.304   4.953   2.867   1.00 12.32 ? 97  LEU B O   1 
ATOM   1566 C CB  . LEU B 1 102 ? 8.120   3.708   3.853   1.00 14.56 ? 97  LEU B CB  1 
ATOM   1567 C CG  . LEU B 1 102 ? 9.057   4.336   4.878   1.00 16.72 ? 97  LEU B CG  1 
ATOM   1568 C CD1 . LEU B 1 102 ? 10.528  4.145   4.490   1.00 19.81 ? 97  LEU B CD1 1 
ATOM   1569 C CD2 . LEU B 1 102 ? 8.736   5.839   5.004   1.00 17.40 ? 97  LEU B CD2 1 
ATOM   1570 N N   . ALA B 1 103 ? 5.400   2.740   2.427   1.00 15.43 ? 98  ALA B N   1 
ATOM   1571 C CA  . ALA B 1 103 ? 4.419   2.805   1.343   1.00 16.63 ? 98  ALA B CA  1 
ATOM   1572 C C   . ALA B 1 103 ? 3.068   3.280   1.849   1.00 16.22 ? 98  ALA B C   1 
ATOM   1573 O O   . ALA B 1 103 ? 2.424   4.116   1.213   1.00 16.26 ? 98  ALA B O   1 
ATOM   1574 C CB  . ALA B 1 103 ? 4.257   1.444   0.662   1.00 15.71 ? 98  ALA B CB  1 
ATOM   1575 N N   . ALA B 1 104 ? 2.619   2.723   2.974   1.00 16.81 ? 99  ALA B N   1 
ATOM   1576 C CA  . ALA B 1 104 ? 1.314   3.100   3.529   1.00 16.29 ? 99  ALA B CA  1 
ATOM   1577 C C   . ALA B 1 104 ? 1.321   4.521   4.096   1.00 17.79 ? 99  ALA B C   1 
ATOM   1578 O O   . ALA B 1 104 ? 0.342   5.255   3.967   1.00 17.60 ? 99  ALA B O   1 
ATOM   1579 C CB  . ALA B 1 104 ? 0.883   2.105   4.601   1.00 16.22 ? 99  ALA B CB  1 
ATOM   1580 N N   . LYS B 1 105 ? 2.416   4.910   4.732   1.00 18.04 ? 100 LYS B N   1 
ATOM   1581 C CA  . LYS B 1 105 ? 2.516   6.277   5.265   1.00 19.49 ? 100 LYS B CA  1 
ATOM   1582 C C   . LYS B 1 105 ? 2.442   7.311   4.140   1.00 19.16 ? 100 LYS B C   1 
ATOM   1583 O O   . LYS B 1 105 ? 1.845   8.385   4.298   1.00 18.59 ? 100 LYS B O   1 
ATOM   1584 C CB  . LYS B 1 105 ? 3.802   6.447   6.054   1.00 20.40 ? 100 LYS B CB  1 
ATOM   1585 C CG  . LYS B 1 105 ? 3.747   5.927   7.471   1.00 22.63 ? 100 LYS B CG  1 
ATOM   1586 C CD  . LYS B 1 105 ? 5.152   5.886   8.037   1.00 23.69 ? 100 LYS B CD  1 
ATOM   1587 C CE  . LYS B 1 105 ? 5.169   5.649   9.523   1.00 25.15 ? 100 LYS B CE  1 
ATOM   1588 N NZ  . LYS B 1 105 ? 6.585   5.296   9.894   1.00 27.68 ? 100 LYS B NZ  1 
ATOM   1589 N N   . LEU B 1 106 ? 3.036   6.967   3.001   1.00 19.65 ? 101 LEU B N   1 
ATOM   1590 C CA  . LEU B 1 106 ? 2.981   7.816   1.800   1.00 21.06 ? 101 LEU B CA  1 
ATOM   1591 C C   . LEU B 1 106 ? 1.566   7.945   1.227   1.00 21.31 ? 101 LEU B C   1 
ATOM   1592 O O   . LEU B 1 106 ? 1.121   9.054   0.878   1.00 19.92 ? 101 LEU B O   1 
ATOM   1593 C CB  . LEU B 1 106 ? 3.942   7.294   0.725   1.00 22.19 ? 101 LEU B CB  1 
ATOM   1594 C CG  . LEU B 1 106 ? 3.988   8.174   -0.528  1.00 23.76 ? 101 LEU B CG  1 
ATOM   1595 C CD1 . LEU B 1 106 ? 4.415   9.587   -0.139  1.00 23.66 ? 101 LEU B CD1 1 
ATOM   1596 C CD2 . LEU B 1 106 ? 4.927   7.602   -1.552  1.00 24.34 ? 101 LEU B CD2 1 
ATOM   1597 N N   . ALA B 1 107 ? 0.853   6.819   1.150   1.00 22.63 ? 102 ALA B N   1 
ATOM   1598 C CA  . ALA B 1 107 ? -0.559  6.807   0.714   1.00 24.44 ? 102 ALA B CA  1 
ATOM   1599 C C   . ALA B 1 107 ? -1.456  7.690   1.574   1.00 26.04 ? 102 ALA B C   1 
ATOM   1600 O O   . ALA B 1 107 ? -2.507  8.150   1.131   1.00 26.71 ? 102 ALA B O   1 
ATOM   1601 C CB  . ALA B 1 107 ? -1.110  5.376   0.687   1.00 23.86 ? 102 ALA B CB  1 
ATOM   1602 N N   . GLU B 1 108 ? -1.051  7.916   2.811   1.00 28.13 ? 103 GLU B N   1 
ATOM   1603 C CA  . GLU B 1 108 ? -1.825  8.749   3.716   1.00 30.96 ? 103 GLU B CA  1 
ATOM   1604 C C   . GLU B 1 108 ? -1.625  10.245  3.467   1.00 33.14 ? 103 GLU B C   1 
ATOM   1605 O O   . GLU B 1 108 ? -2.567  11.047  3.595   1.00 32.32 ? 103 GLU B O   1 
ATOM   1606 C CB  . GLU B 1 108 ? -1.457  8.410   5.151   1.00 31.57 ? 103 GLU B CB  1 
ATOM   1607 C CG  . GLU B 1 108 ? -1.999  9.370   6.150   1.00 33.51 ? 103 GLU B CG  1 
ATOM   1608 C CD  . GLU B 1 108 ? -1.797  8.901   7.559   1.00 34.20 ? 103 GLU B CD  1 
ATOM   1609 O OE1 . GLU B 1 108 ? -2.304  9.581   8.470   1.00 35.56 ? 103 GLU B OE1 1 
ATOM   1610 O OE2 . GLU B 1 108 ? -1.141  7.856   7.761   1.00 34.93 ? 103 GLU B OE2 1 
ATOM   1611 N N   . VAL B 1 109 ? -0.403  10.624  3.107   1.00 35.36 ? 104 VAL B N   1 
ATOM   1612 C CA  . VAL B 1 109 ? -0.064  12.038  2.928   1.00 38.09 ? 104 VAL B CA  1 
ATOM   1613 C C   . VAL B 1 109 ? -0.220  12.488  1.484   1.00 39.83 ? 104 VAL B C   1 
ATOM   1614 O O   . VAL B 1 109 ? -0.123  13.674  1.192   1.00 41.61 ? 104 VAL B O   1 
ATOM   1615 C CB  . VAL B 1 109 ? 1.370   12.361  3.413   1.00 37.92 ? 104 VAL B CB  1 
ATOM   1616 C CG1 . VAL B 1 109 ? 1.532   12.000  4.879   1.00 37.89 ? 104 VAL B CG1 1 
ATOM   1617 C CG2 . VAL B 1 109 ? 2.401   11.637  2.562   1.00 37.68 ? 104 VAL B CG2 1 
ATOM   1618 N N   . ILE B 1 110 ? -0.457  11.532  0.590   1.00 42.36 ? 105 ILE B N   1 
ATOM   1619 C CA  . ILE B 1 110 ? -0.762  11.801  -0.819  1.00 44.33 ? 105 ILE B CA  1 
ATOM   1620 C C   . ILE B 1 110 ? 0.462   11.759  -1.734  1.00 45.13 ? 105 ILE B C   1 
ATOM   1621 O O   . ILE B 1 110 ? 0.618   10.834  -2.541  1.00 45.91 ? 105 ILE B O   1 
ATOM   1622 C CB  . ILE B 1 110 ? -1.547  13.130  -1.008  1.00 45.04 ? 105 ILE B CB  1 
ATOM   1623 C CG1 . ILE B 1 110 ? -2.931  13.015  -0.366  1.00 45.24 ? 105 ILE B CG1 1 
ATOM   1624 C CG2 . ILE B 1 110 ? -1.680  13.467  -2.489  1.00 45.22 ? 105 ILE B CG2 1 
ATOM   1625 C CD1 . ILE B 1 110 ? -3.961  14.038  -0.875  1.00 45.51 ? 105 ILE B CD1 1 
HETATM 1626 C C1  . PLM C 2 .   ? -4.405  -15.007 -5.091  1.00 25.05 ? 300 PLM A C1  1 
HETATM 1627 O O1  . PLM C 2 .   ? -3.436  -15.422 -4.429  1.00 22.01 ? 300 PLM A O1  1 
HETATM 1628 O O2  . PLM C 2 .   ? -4.182  -14.305 -6.104  1.00 25.37 ? 300 PLM A O2  1 
HETATM 1629 C C2  . PLM C 2 .   ? -5.825  -15.317 -4.652  1.00 26.86 ? 300 PLM A C2  1 
HETATM 1630 C C3  . PLM C 2 .   ? -5.930  -15.108 -3.139  1.00 28.49 ? 300 PLM A C3  1 
HETATM 1631 C C4  . PLM C 2 .   ? -7.103  -14.236 -2.701  1.00 30.16 ? 300 PLM A C4  1 
HETATM 1632 C C5  . PLM C 2 .   ? -6.960  -13.918 -1.215  1.00 32.15 ? 300 PLM A C5  1 
HETATM 1633 C C6  . PLM C 2 .   ? -8.298  -13.756 -0.513  1.00 34.04 ? 300 PLM A C6  1 
HETATM 1634 C C7  . PLM C 2 .   ? -8.127  -12.965 0.771   1.00 35.31 ? 300 PLM A C7  1 
HETATM 1635 C C8  . PLM C 2 .   ? -9.341  -13.177 1.661   1.00 36.52 ? 300 PLM A C8  1 
HETATM 1636 C C9  . PLM C 2 .   ? -9.412  -12.076 2.706   1.00 37.32 ? 300 PLM A C9  1 
HETATM 1637 C CA  . PLM C 2 .   ? -8.088  -12.018 3.447   1.00 37.76 ? 300 PLM A CA  1 
HETATM 1638 C CB  . PLM C 2 .   ? -7.769  -10.589 3.835   1.00 38.17 ? 300 PLM A CB  1 
HETATM 1639 C CC  . PLM C 2 .   ? -6.575  -10.563 4.778   1.00 38.53 ? 300 PLM A CC  1 
HETATM 1640 C CD  . PLM C 2 .   ? -6.933  -9.802  6.043   1.00 38.71 ? 300 PLM A CD  1 
HETATM 1641 C CE  . PLM C 2 .   ? -5.829  -8.825  6.412   1.00 38.95 ? 300 PLM A CE  1 
HETATM 1642 C CF  . PLM C 2 .   ? -4.468  -9.481  6.236   1.00 39.38 ? 300 PLM A CF  1 
HETATM 1643 C CG  . PLM C 2 .   ? -4.313  -10.612 7.240   1.00 40.27 ? 300 PLM A CG  1 
HETATM 1644 C C1  . PLM D 2 .   ? -14.366 -9.987  3.391   1.00 36.92 ? 302 PLM A C1  1 
HETATM 1645 O O1  . PLM D 2 .   ? -15.422 -9.492  3.833   1.00 36.66 ? 302 PLM A O1  1 
HETATM 1646 O O2  . PLM D 2 .   ? -14.362 -10.471 2.248   1.00 37.48 ? 302 PLM A O2  1 
HETATM 1647 C C2  . PLM D 2 .   ? -13.111 -10.004 4.225   1.00 37.18 ? 302 PLM A C2  1 
HETATM 1648 C C3  . PLM D 2 .   ? -12.895 -8.604  4.771   1.00 37.03 ? 302 PLM A C3  1 
HETATM 1649 C C4  . PLM D 2 .   ? -11.502 -8.480  5.355   1.00 37.50 ? 302 PLM A C4  1 
HETATM 1650 C C5  . PLM D 2 .   ? -10.764 -7.287  4.761   1.00 37.77 ? 302 PLM A C5  1 
HETATM 1651 C C6  . PLM D 2 .   ? -10.097 -6.525  5.899   1.00 38.16 ? 302 PLM A C6  1 
HETATM 1652 C C7  . PLM D 2 .   ? -9.051  -5.535  5.414   1.00 38.08 ? 302 PLM A C7  1 
HETATM 1653 C C8  . PLM D 2 .   ? -7.677  -5.907  5.947   1.00 38.71 ? 302 PLM A C8  1 
HETATM 1654 C C9  . PLM D 2 .   ? -6.606  -5.737  4.874   1.00 38.62 ? 302 PLM A C9  1 
HETATM 1655 C CA  . PLM D 2 .   ? -6.404  -4.254  4.583   1.00 38.33 ? 302 PLM A CA  1 
HETATM 1656 C CB  . PLM D 2 .   ? -5.801  -4.047  3.199   1.00 38.54 ? 302 PLM A CB  1 
HETATM 1657 C CC  . PLM D 2 .   ? -4.286  -4.178  3.229   1.00 37.45 ? 302 PLM A CC  1 
HETATM 1658 C CD  . PLM D 2 .   ? -3.707  -3.604  1.942   1.00 38.21 ? 302 PLM A CD  1 
HETATM 1659 C CE  . PLM D 2 .   ? -2.851  -2.361  2.183   1.00 37.26 ? 302 PLM A CE  1 
HETATM 1660 C CF  . PLM D 2 .   ? -2.203  -1.912  0.881   1.00 36.83 ? 302 PLM A CF  1 
HETATM 1661 C CG  . PLM D 2 .   ? -0.871  -1.203  1.104   1.00 37.02 ? 302 PLM A CG  1 
HETATM 1662 C C1  . PLM E 2 .   ? 5.891   13.807  5.799   1.00 31.03 ? 301 PLM B C1  1 
HETATM 1663 O O1  . PLM E 2 .   ? 6.943   13.140  5.816   1.00 30.52 ? 301 PLM B O1  1 
HETATM 1664 O O2  . PLM E 2 .   ? 5.026   13.576  6.658   1.00 30.51 ? 301 PLM B O2  1 
HETATM 1665 C C2  . PLM E 2 .   ? 5.668   14.856  4.735   1.00 31.89 ? 301 PLM B C2  1 
HETATM 1666 C C3  . PLM E 2 .   ? 5.769   14.143  3.394   1.00 33.41 ? 301 PLM B C3  1 
HETATM 1667 C C4  . PLM E 2 .   ? 4.787   14.688  2.369   1.00 34.07 ? 301 PLM B C4  1 
HETATM 1668 C C5  . PLM E 2 .   ? 5.512   14.812  1.038   1.00 35.03 ? 301 PLM B C5  1 
HETATM 1669 C C6  . PLM E 2 .   ? 5.008   13.779  0.043   1.00 35.46 ? 301 PLM B C6  1 
HETATM 1670 C C7  . PLM E 2 .   ? 5.388   14.158  -1.383  1.00 35.90 ? 301 PLM B C7  1 
HETATM 1671 C C8  . PLM E 2 .   ? 5.823   12.920  -2.158  1.00 36.96 ? 301 PLM B C8  1 
HETATM 1672 C C9  . PLM E 2 .   ? 5.563   13.062  -3.651  1.00 38.21 ? 301 PLM B C9  1 
HETATM 1673 C CA  . PLM E 2 .   ? 4.824   11.852  -4.216  1.00 38.64 ? 301 PLM B CA  1 
HETATM 1674 C CB  . PLM E 2 .   ? 5.724   10.626  -4.344  1.00 39.27 ? 301 PLM B CB  1 
HETATM 1675 C CC  . PLM E 2 .   ? 5.368   9.832   -5.599  1.00 39.63 ? 301 PLM B CC  1 
HETATM 1676 C CD  . PLM E 2 .   ? 4.833   8.450   -5.253  1.00 40.08 ? 301 PLM B CD  1 
HETATM 1677 C CE  . PLM E 2 .   ? 3.637   8.100   -6.132  1.00 40.36 ? 301 PLM B CE  1 
HETATM 1678 C CF  . PLM E 2 .   ? 2.834   6.928   -5.573  1.00 40.20 ? 301 PLM B CF  1 
HETATM 1679 C CG  . PLM E 2 .   ? 3.688   6.069   -4.650  1.00 40.71 ? 301 PLM B CG  1 
HETATM 1680 O O   . HOH F 3 .   ? -8.283  1.168   12.128  1.00 17.89 ? 303 HOH A O   1 
HETATM 1681 O O   . HOH F 3 .   ? -3.033  -17.669 -2.478  1.00 26.69 ? 304 HOH A O   1 
HETATM 1682 O O   . HOH F 3 .   ? -14.599 -1.997  0.978   1.00 20.58 ? 305 HOH A O   1 
HETATM 1683 O O   . HOH F 3 .   ? 8.978   -6.143  -1.723  1.00 21.10 ? 306 HOH A O   1 
HETATM 1684 O O   . HOH F 3 .   ? -20.899 -13.293 7.689   1.00 31.27 ? 307 HOH A O   1 
HETATM 1685 O O   . HOH F 3 .   ? 3.432   -4.786  -6.274  1.00 20.67 ? 308 HOH A O   1 
HETATM 1686 O O   . HOH F 3 .   ? 5.754   -8.166  8.709   1.00 34.32 ? 309 HOH A O   1 
HETATM 1687 O O   . HOH F 3 .   ? 0.969   -3.459  11.409  1.00 24.74 ? 310 HOH A O   1 
HETATM 1688 O O   . HOH F 3 .   ? -19.742 -5.802  7.685   1.00 23.67 ? 311 HOH A O   1 
HETATM 1689 O O   . HOH F 3 .   ? -11.945 0.585   14.169  1.00 24.77 ? 312 HOH A O   1 
HETATM 1690 O O   . HOH F 3 .   ? -9.973  1.537   -2.797  1.00 30.49 ? 313 HOH A O   1 
HETATM 1691 O O   . HOH F 3 .   ? -14.795 5.096   1.857   1.00 33.41 ? 314 HOH A O   1 
HETATM 1692 O O   . HOH F 3 .   ? -17.150 -14.088 3.045   1.00 39.15 ? 315 HOH A O   1 
HETATM 1693 O O   . HOH F 3 .   ? -16.402 -19.439 7.460   1.00 33.63 ? 316 HOH A O   1 
HETATM 1694 O O   . HOH F 3 .   ? -9.655  -4.676  -4.029  1.00 42.33 ? 317 HOH A O   1 
HETATM 1695 O O   . HOH F 3 .   ? -3.190  3.737   6.734   1.00 31.03 ? 318 HOH A O   1 
HETATM 1696 O O   . HOH F 3 .   ? 0.218   3.732   8.348   1.00 28.89 ? 319 HOH A O   1 
HETATM 1697 O O   . HOH F 3 .   ? 4.478   -0.298  11.353  1.00 35.51 ? 320 HOH A O   1 
HETATM 1698 O O   . HOH F 3 .   ? 8.842   -8.758  5.341   1.00 34.84 ? 321 HOH A O   1 
HETATM 1699 O O   . HOH F 3 .   ? -11.775 -15.615 -2.573  1.00 36.19 ? 322 HOH A O   1 
HETATM 1700 O O   . HOH F 3 .   ? -4.914  -12.410 20.980  1.00 37.08 ? 323 HOH A O   1 
HETATM 1701 O O   . HOH F 3 .   ? -6.729  -19.897 -7.719  1.00 36.93 ? 324 HOH A O   1 
HETATM 1702 O O   . HOH F 3 .   ? 3.985   -18.879 15.588  1.00 44.86 ? 325 HOH A O   1 
HETATM 1703 O O   . HOH F 3 .   ? -4.206  0.801   12.756  1.00 39.60 ? 326 HOH A O   1 
HETATM 1704 O O   . HOH F 3 .   ? 0.349   -8.916  17.701  1.00 49.61 ? 327 HOH A O   1 
HETATM 1705 O O   . HOH F 3 .   ? -7.200  -21.217 15.408  1.00 43.67 ? 328 HOH A O   1 
HETATM 1706 O O   . HOH F 3 .   ? 7.272   -9.992  -2.392  1.00 30.53 ? 329 HOH A O   1 
HETATM 1707 O O   . HOH F 3 .   ? -17.044 -11.533 2.611   1.00 38.36 ? 330 HOH A O   1 
HETATM 1708 O O   . HOH F 3 .   ? -9.440  -21.663 -10.447 1.00 48.64 ? 331 HOH A O   1 
HETATM 1709 O O   . HOH F 3 .   ? -10.273 -21.591 5.484   1.00 47.01 ? 332 HOH A O   1 
HETATM 1710 O O   . HOH F 3 .   ? -20.650 -10.295 21.104  1.00 39.40 ? 333 HOH A O   1 
HETATM 1711 O O   . HOH F 3 .   ? -12.328 -1.043  -1.328  1.00 39.93 ? 334 HOH A O   1 
HETATM 1712 O O   . HOH G 3 .   ? 8.109   -1.293  -8.284  1.00 22.89 ? 302 HOH B O   1 
HETATM 1713 O O   . HOH G 3 .   ? 0.196   2.055   -14.112 1.00 20.79 ? 303 HOH B O   1 
HETATM 1714 O O   . HOH G 3 .   ? 8.184   -2.393  7.341   1.00 22.02 ? 304 HOH B O   1 
HETATM 1715 O O   . HOH G 3 .   ? 0.837   16.580  -20.284 1.00 24.38 ? 305 HOH B O   1 
HETATM 1716 O O   . HOH G 3 .   ? 3.996   6.678   -23.089 1.00 26.45 ? 306 HOH B O   1 
HETATM 1717 O O   . HOH G 3 .   ? 2.114   1.739   8.324   1.00 24.98 ? 307 HOH B O   1 
HETATM 1718 O O   . HOH G 3 .   ? 8.267   22.757  -9.139  1.00 24.48 ? 308 HOH B O   1 
HETATM 1719 O O   . HOH G 3 .   ? 7.496   -5.294  -7.438  1.00 28.11 ? 309 HOH B O   1 
HETATM 1720 O O   . HOH G 3 .   ? 6.696   19.297  8.179   1.00 32.74 ? 310 HOH B O   1 
HETATM 1721 O O   . HOH G 3 .   ? 13.306  -1.516  1.897   1.00 31.61 ? 311 HOH B O   1 
HETATM 1722 O O   . HOH G 3 .   ? 12.754  -0.842  -2.796  1.00 38.58 ? 312 HOH B O   1 
HETATM 1723 O O   . HOH G 3 .   ? 3.774   19.077  0.554   1.00 46.08 ? 313 HOH B O   1 
HETATM 1724 O O   . HOH G 3 .   ? -0.694  4.558   -17.317 1.00 34.95 ? 314 HOH B O   1 
HETATM 1725 O O   . HOH G 3 .   ? 0.738   5.285   -20.045 1.00 31.70 ? 315 HOH B O   1 
HETATM 1726 O O   . HOH G 3 .   ? 8.863   1.480   -25.561 1.00 33.03 ? 316 HOH B O   1 
HETATM 1727 O O   . HOH G 3 .   ? 12.216  20.100  -4.405  1.00 43.10 ? 317 HOH B O   1 
HETATM 1728 O O   . HOH G 3 .   ? -10.115 7.700   -8.544  1.00 37.90 ? 318 HOH B O   1 
HETATM 1729 O O   . HOH G 3 .   ? -4.407  10.727  0.009   1.00 53.64 ? 319 HOH B O   1 
HETATM 1730 O O   . HOH G 3 .   ? 11.992  19.316  14.555  1.00 37.07 ? 320 HOH B O   1 
HETATM 1731 O O   . HOH G 3 .   ? 14.726  -0.155  -6.992  1.00 28.30 ? 321 HOH B O   1 
HETATM 1732 O O   . HOH G 3 .   ? -3.777  8.186   -0.906  1.00 40.13 ? 322 HOH B O   1 
HETATM 1733 O O   . HOH G 3 .   ? 17.257  12.844  -4.638  1.00 28.96 ? 323 HOH B O   1 
HETATM 1734 O O   . HOH G 3 .   ? 22.488  6.570   -7.108  1.00 39.48 ? 324 HOH B O   1 
HETATM 1735 O O   . HOH G 3 .   ? -0.880  5.178   7.005   1.00 34.77 ? 325 HOH B O   1 
HETATM 1736 O O   . HOH G 3 .   ? -3.853  11.350  -6.414  1.00 39.50 ? 326 HOH B O   1 
HETATM 1737 O O   . HOH G 3 .   ? -3.090  16.290  -14.804 1.00 36.36 ? 327 HOH B O   1 
HETATM 1738 O O   . HOH G 3 .   ? 3.015   -0.602  -13.039 1.00 32.74 ? 328 HOH B O   1 
HETATM 1739 O O   . HOH G 3 .   ? 7.496   19.267  -24.896 1.00 48.91 ? 329 HOH B O   1 
HETATM 1740 O O   . HOH G 3 .   ? 13.008  1.010   5.248   1.00 41.89 ? 330 HOH B O   1 
HETATM 1741 O O   . HOH G 3 .   ? 11.354  21.078  2.002   1.00 33.38 ? 331 HOH B O   1 
HETATM 1742 O O   . HOH G 3 .   ? 16.991  0.322   -7.527  1.00 45.04 ? 332 HOH B O   1 
HETATM 1743 O O   . HOH G 3 .   ? 9.361   -3.757  -8.323  1.00 39.43 ? 333 HOH B O   1 
HETATM 1744 O O   . HOH G 3 .   ? 23.000  5.271   -4.877  1.00 33.79 ? 334 HOH B O   1 
HETATM 1745 O O   . HOH G 3 .   ? 18.723  10.288  2.344   1.00 34.90 ? 335 HOH B O   1 
HETATM 1746 O O   . HOH G 3 .   ? -2.237  18.777  -9.282  1.00 37.52 ? 336 HOH B O   1 
HETATM 1747 O O   . HOH G 3 .   ? 9.572   13.994  5.175   1.00 22.89 ? 337 HOH B O   1 
# 
